data_6S3L
#
_entry.id   6S3L
#
_cell.length_a   1.00
_cell.length_b   1.00
_cell.length_c   1.00
_cell.angle_alpha   90.00
_cell.angle_beta   90.00
_cell.angle_gamma   90.00
#
_symmetry.space_group_name_H-M   'P 1'
#
loop_
_entity.id
_entity.type
_entity.pdbx_description
1 polymer 'Flagellar biosynthetic protein FliP'
2 polymer 'Flagellar biosynthetic protein FliR'
3 polymer 'Flagellar biosynthetic protein FliQ'
4 polymer 'Flagellar biosynthetic protein FlhB'
#
loop_
_entity_poly.entity_id
_entity_poly.type
_entity_poly.pdbx_seq_one_letter_code
_entity_poly.pdbx_strand_id
1 'polypeptide(L)'
;MKRTQRLNLTSWLTTGLLTWLLSGMLGFASLAFAEEPLNTGIPSTAAGASSVTVTALEKEQGNAKTIALGSSSGGSGIPA
FTMTTNPDGSEDYSINLQILALMTMLGFLPAMVILMTSFTRIVVVMSILRQAMGLQQTPSNQVIIGIALFLTFFIMAPVF
NQINEQAVQPYLNEQISARQAFDLAQEPMKAFMLKQTRIKDLETFVEMSGSQVTAPEQVSMAVLIPAFITSELKTAFQIG
FMLFLPFLIIDLVVASVLMAMGMMMLSPMIVSLPFKLMLFVLVDGWNLILSTLAGSFAL
;
A,B,C,D,E
2 'polypeptide(L)'
;MEYPASVVLDFIANYFWPYTRIAAMLMVMTVTGARFVPARVRLYLGLALTFAVMPAIPAVPSDIALLSLQGFMITFEQIV
IGMAMGMVTQFLVQIFVMLGQILGMQSSLGFASMVDPANGQNTPLLGQMFMLLATLFFLSSDGHLKMIQLVVFSFKSLPI
GSGSLTTVDYRELALWLGIMFKASLAVSLSGIIALLTVNLSFGVMTRAAPQLNIFSLGFSFALLVGLLLCWYILSGLYTH
YEIYWQETEEQICRLIRLNC
;
F
3 'polypeptide(L)'
;MTPEIFVELFKESLWLVLIMVCAIIIPSLLIGLVVAIFQAATSINEQTLSFLPRLIITLLALMFFGHWMTQMLMDFFYSM
IERLPQVLY
;
G,H,I,J
4 'polypeptide(L)'
;MAESDGQERTEEATPRRLQQAKEKGQVARSKELASVSVLVVGAVSLMWFGEALAQGLFTAMQRLFSLDREEIFDIGKLFD
IIGGSLVNLLLPLLMILITLFIAALIGAAGVGGINFSAEAAMPKLSKMNPLSGFKRMFGLQSWVELLKSILKVMLVAGVA
FYLIEASQKDLFQLSLDVYPQNIFHALDILLNFVLLISCSLLVVVAIDIPFQIWQHANQLKMTKQEVKDEYKDTEGKPEV
KGRIRMLQREAAQRRMMAALPQADVIITNPEHFSVALRYKQNTDKAPVVIAKGVDHMALKIREIAREYDIAIVPAPPLAR
ALYHTTELEQQIPDGLFVAVAQVLAFVFQLKQYRRKGGQRPKLNEENMPIPPDMRYENLYFQGQFGSWSHPQFEKGGGSG
GGSGGGSWSHPQFEK
;
K
#
# COMPACT_ATOMS: atom_id res chain seq x y z
N LEU A 109 17.98 -27.79 -16.44
CA LEU A 109 18.31 -28.26 -17.79
C LEU A 109 17.33 -29.31 -18.34
N PRO A 110 16.88 -30.27 -17.52
CA PRO A 110 15.80 -31.14 -17.99
C PRO A 110 14.45 -30.46 -18.00
N ALA A 111 14.31 -29.34 -17.27
CA ALA A 111 13.09 -28.57 -17.34
C ALA A 111 13.07 -27.61 -18.51
N MET A 112 14.23 -27.42 -19.17
CA MET A 112 14.26 -26.60 -20.37
C MET A 112 13.40 -27.22 -21.46
N VAL A 113 13.26 -28.54 -21.44
CA VAL A 113 12.41 -29.24 -22.40
C VAL A 113 11.01 -28.68 -22.30
N ILE A 114 10.57 -28.37 -21.08
CA ILE A 114 9.21 -27.87 -20.88
C ILE A 114 9.10 -26.44 -21.37
N LEU A 115 10.19 -25.68 -21.31
CA LEU A 115 10.17 -24.32 -21.84
C LEU A 115 10.23 -24.31 -23.37
N MET A 116 10.71 -25.40 -23.98
CA MET A 116 10.60 -25.56 -25.42
C MET A 116 9.17 -25.74 -25.86
N THR A 117 8.33 -26.32 -25.01
CA THR A 117 6.93 -26.53 -25.29
C THR A 117 6.14 -25.24 -25.07
N SER A 118 4.82 -25.38 -25.03
CA SER A 118 3.93 -24.25 -24.82
C SER A 118 3.62 -24.04 -23.34
N PHE A 119 4.68 -24.04 -22.54
CA PHE A 119 4.57 -23.82 -21.11
C PHE A 119 4.78 -22.37 -20.73
N THR A 120 5.57 -21.65 -21.49
CA THR A 120 5.92 -20.27 -21.17
C THR A 120 4.86 -19.27 -21.60
N ARG A 121 3.85 -19.70 -22.33
CA ARG A 121 2.77 -18.78 -22.66
C ARG A 121 1.63 -18.91 -21.68
N ILE A 122 1.34 -20.12 -21.24
CA ILE A 122 0.24 -20.32 -20.30
C ILE A 122 0.59 -19.79 -18.93
N VAL A 123 1.80 -20.02 -18.45
CA VAL A 123 2.17 -19.54 -17.13
C VAL A 123 2.11 -18.02 -17.10
N VAL A 124 2.56 -17.36 -18.16
CA VAL A 124 2.55 -15.90 -18.17
C VAL A 124 1.13 -15.38 -18.24
N VAL A 125 0.26 -16.01 -19.02
CA VAL A 125 -1.11 -15.52 -19.12
C VAL A 125 -1.82 -15.69 -17.80
N MET A 126 -1.60 -16.81 -17.12
CA MET A 126 -2.25 -17.04 -15.84
C MET A 126 -1.67 -16.19 -14.72
N SER A 127 -0.37 -15.90 -14.77
CA SER A 127 0.23 -14.97 -13.83
C SER A 127 -0.25 -13.55 -14.06
N ILE A 128 -0.59 -13.20 -15.30
CA ILE A 128 -1.24 -11.93 -15.55
C ILE A 128 -2.67 -11.95 -15.05
N LEU A 129 -3.33 -13.11 -15.15
CA LEU A 129 -4.73 -13.19 -14.73
C LEU A 129 -4.88 -13.04 -13.22
N ARG A 130 -4.16 -13.83 -12.45
CA ARG A 130 -4.34 -13.75 -11.00
C ARG A 130 -4.01 -12.36 -10.49
N GLN A 131 -3.12 -11.64 -11.18
CA GLN A 131 -2.83 -10.28 -10.79
C GLN A 131 -3.87 -9.32 -11.36
N ALA A 132 -4.55 -9.74 -12.43
CA ALA A 132 -5.59 -8.90 -13.02
C ALA A 132 -6.80 -8.82 -12.13
N MET A 133 -7.24 -9.96 -11.61
CA MET A 133 -8.41 -9.98 -10.73
C MET A 133 -7.94 -10.04 -9.29
N GLY A 134 -7.56 -8.89 -8.74
CA GLY A 134 -7.53 -8.72 -7.30
C GLY A 134 -6.51 -9.59 -6.58
N LEU A 135 -6.57 -10.88 -6.85
CA LEU A 135 -5.89 -11.87 -6.04
C LEU A 135 -4.39 -11.62 -5.96
N GLN A 136 -3.89 -11.57 -4.73
CA GLN A 136 -2.46 -11.59 -4.48
C GLN A 136 -2.14 -12.95 -3.88
N GLN A 137 -1.25 -13.69 -4.53
CA GLN A 137 -0.77 -14.99 -4.11
C GLN A 137 -1.88 -16.05 -4.08
N THR A 138 -3.12 -15.72 -4.43
CA THR A 138 -4.03 -16.76 -4.86
C THR A 138 -3.41 -17.36 -6.12
N PRO A 139 -4.03 -18.37 -6.74
CA PRO A 139 -3.29 -19.61 -6.94
C PRO A 139 -1.80 -19.37 -7.11
N SER A 140 -1.01 -19.89 -6.17
CA SER A 140 0.37 -19.46 -6.07
C SER A 140 1.14 -19.86 -7.31
N ASN A 141 2.36 -19.33 -7.42
CA ASN A 141 3.19 -19.64 -8.57
C ASN A 141 3.28 -21.15 -8.78
N GLN A 142 3.28 -21.92 -7.70
CA GLN A 142 3.37 -23.37 -7.80
C GLN A 142 2.10 -23.95 -8.42
N VAL A 143 0.93 -23.46 -8.00
CA VAL A 143 -0.32 -23.96 -8.56
C VAL A 143 -0.44 -23.56 -10.02
N ILE A 144 -0.04 -22.35 -10.37
CA ILE A 144 -0.12 -21.90 -11.75
C ILE A 144 0.83 -22.70 -12.62
N ILE A 145 2.03 -22.99 -12.09
CA ILE A 145 2.97 -23.81 -12.85
C ILE A 145 2.40 -25.20 -13.05
N GLY A 146 1.74 -25.75 -12.04
CA GLY A 146 1.12 -27.05 -12.21
C GLY A 146 0.04 -27.06 -13.27
N ILE A 147 -0.91 -26.13 -13.19
CA ILE A 147 -2.02 -26.12 -14.13
C ILE A 147 -1.51 -25.87 -15.55
N ALA A 148 -0.56 -24.96 -15.71
CA ALA A 148 0.00 -24.77 -17.03
C ALA A 148 0.75 -25.98 -17.53
N LEU A 149 1.43 -26.71 -16.66
CA LEU A 149 2.12 -27.92 -17.08
C LEU A 149 1.15 -29.03 -17.46
N PHE A 150 -0.08 -29.00 -16.93
CA PHE A 150 -1.09 -29.94 -17.39
C PHE A 150 -1.68 -29.49 -18.72
N LEU A 151 -1.88 -28.18 -18.90
CA LEU A 151 -2.41 -27.69 -20.16
C LEU A 151 -1.43 -27.91 -21.31
N THR A 152 -0.12 -27.91 -21.03
CA THR A 152 0.80 -28.27 -22.11
C THR A 152 0.68 -29.75 -22.47
N PHE A 153 0.55 -30.62 -21.47
CA PHE A 153 0.33 -32.03 -21.79
C PHE A 153 -0.91 -32.19 -22.65
N PHE A 154 -1.93 -31.36 -22.40
CA PHE A 154 -3.12 -31.44 -23.22
C PHE A 154 -2.87 -30.91 -24.64
N ILE A 155 -2.21 -29.76 -24.75
CA ILE A 155 -2.01 -29.11 -26.04
C ILE A 155 -0.97 -29.84 -26.86
N MET A 156 0.15 -30.19 -26.25
CA MET A 156 1.25 -30.85 -26.95
C MET A 156 1.07 -32.36 -27.05
N ALA A 157 -0.15 -32.85 -26.90
CA ALA A 157 -0.38 -34.28 -27.08
C ALA A 157 -0.06 -34.78 -28.48
N PRO A 158 -0.40 -34.08 -29.57
CA PRO A 158 0.05 -34.56 -30.89
C PRO A 158 1.56 -34.58 -31.04
N VAL A 159 2.26 -33.57 -30.52
CA VAL A 159 3.71 -33.54 -30.62
C VAL A 159 4.33 -34.65 -29.80
N PHE A 160 3.80 -34.90 -28.60
CA PHE A 160 4.35 -35.98 -27.79
C PHE A 160 4.03 -37.33 -28.39
N ASN A 161 2.90 -37.46 -29.07
CA ASN A 161 2.63 -38.68 -29.81
C ASN A 161 3.63 -38.87 -30.93
N GLN A 162 3.87 -37.81 -31.71
CA GLN A 162 4.88 -37.88 -32.77
C GLN A 162 6.23 -38.30 -32.24
N ILE A 163 6.65 -37.71 -31.12
CA ILE A 163 7.96 -38.05 -30.59
C ILE A 163 7.98 -39.47 -30.04
N ASN A 164 6.93 -39.88 -29.34
CA ASN A 164 6.91 -41.17 -28.68
C ASN A 164 6.82 -42.32 -29.68
N GLU A 165 5.77 -42.33 -30.49
CA GLU A 165 5.54 -43.45 -31.40
C GLU A 165 6.45 -43.42 -32.62
N GLN A 166 7.43 -42.53 -32.67
CA GLN A 166 8.31 -42.45 -33.82
C GLN A 166 9.78 -42.26 -33.47
N ALA A 167 10.14 -41.91 -32.24
CA ALA A 167 11.54 -41.75 -31.87
C ALA A 167 11.83 -42.38 -30.51
N VAL A 168 10.81 -42.59 -29.70
CA VAL A 168 11.01 -43.19 -28.39
C VAL A 168 10.79 -44.69 -28.43
N GLN A 169 9.64 -45.13 -28.93
CA GLN A 169 9.39 -46.56 -29.04
C GLN A 169 10.38 -47.28 -29.96
N PRO A 170 10.74 -46.76 -31.13
CA PRO A 170 11.84 -47.38 -31.87
C PRO A 170 13.16 -47.34 -31.11
N TYR A 171 13.32 -46.43 -30.16
CA TYR A 171 14.52 -46.45 -29.33
C TYR A 171 14.43 -47.54 -28.28
N LEU A 172 13.22 -47.80 -27.76
CA LEU A 172 13.04 -48.93 -26.85
C LEU A 172 13.33 -50.24 -27.56
N ASN A 173 12.81 -50.41 -28.77
CA ASN A 173 13.25 -51.47 -29.67
C ASN A 173 14.42 -51.03 -30.54
N GLU A 174 15.59 -50.80 -29.95
CA GLU A 174 16.57 -49.78 -30.41
C GLU A 174 16.78 -49.89 -31.92
N GLN A 175 17.38 -50.97 -32.43
CA GLN A 175 17.61 -51.14 -33.87
C GLN A 175 18.11 -49.85 -34.54
N ILE A 176 18.79 -49.00 -33.78
CA ILE A 176 19.12 -47.66 -34.27
C ILE A 176 20.25 -47.05 -33.47
N SER A 177 20.91 -46.05 -34.05
CA SER A 177 21.87 -45.26 -33.30
C SER A 177 21.17 -44.54 -32.15
N ALA A 178 21.82 -44.52 -30.99
CA ALA A 178 21.20 -43.92 -29.81
C ALA A 178 20.99 -42.42 -30.01
N ARG A 179 22.01 -41.73 -30.51
CA ARG A 179 21.91 -40.29 -30.69
C ARG A 179 20.97 -39.96 -31.86
N GLN A 180 20.78 -40.90 -32.78
CA GLN A 180 19.90 -40.70 -33.92
C GLN A 180 18.49 -40.36 -33.46
N ALA A 181 18.09 -40.88 -32.31
CA ALA A 181 16.79 -40.52 -31.75
C ALA A 181 16.66 -39.03 -31.54
N PHE A 182 17.71 -38.39 -31.00
CA PHE A 182 17.69 -36.95 -30.84
C PHE A 182 17.61 -36.21 -32.16
N ASP A 183 17.93 -36.88 -33.27
CA ASP A 183 17.68 -36.32 -34.59
C ASP A 183 16.22 -36.47 -35.00
N LEU A 184 15.59 -37.59 -34.65
CA LEU A 184 14.18 -37.81 -34.98
C LEU A 184 13.22 -37.20 -33.98
N ALA A 185 13.70 -36.85 -32.78
CA ALA A 185 12.86 -36.14 -31.83
C ALA A 185 12.89 -34.64 -32.07
N GLN A 186 13.99 -34.12 -32.62
CA GLN A 186 14.11 -32.70 -32.89
C GLN A 186 13.20 -32.24 -34.02
N GLU A 187 12.81 -33.13 -34.92
CA GLU A 187 12.03 -32.71 -36.08
C GLU A 187 10.59 -32.35 -35.70
N PRO A 188 9.82 -33.23 -35.04
CA PRO A 188 8.43 -32.88 -34.75
C PRO A 188 8.30 -31.84 -33.67
N MET A 189 9.31 -31.65 -32.84
CA MET A 189 9.31 -30.57 -31.87
C MET A 189 9.51 -29.23 -32.55
N LYS A 190 10.43 -29.17 -33.50
CA LYS A 190 10.67 -27.93 -34.24
C LYS A 190 9.46 -27.53 -35.08
N ALA A 191 8.79 -28.50 -35.69
CA ALA A 191 7.64 -28.18 -36.52
C ALA A 191 6.55 -27.48 -35.71
N PHE A 192 6.41 -27.82 -34.43
CA PHE A 192 5.48 -27.08 -33.59
C PHE A 192 5.99 -25.68 -33.31
N MET A 193 7.29 -25.56 -33.06
CA MET A 193 7.87 -24.27 -32.71
C MET A 193 7.71 -23.27 -33.85
N LEU A 194 7.94 -23.71 -35.08
CA LEU A 194 8.11 -22.76 -36.16
C LEU A 194 6.80 -22.17 -36.66
N LYS A 195 5.67 -22.82 -36.40
CA LYS A 195 4.39 -22.23 -36.74
C LYS A 195 3.92 -21.21 -35.70
N GLN A 196 4.63 -21.09 -34.58
CA GLN A 196 4.26 -20.15 -33.52
C GLN A 196 5.10 -18.89 -33.51
N THR A 197 6.35 -18.96 -33.99
CA THR A 197 7.20 -17.78 -34.02
C THR A 197 6.78 -16.86 -35.15
N ARG A 198 6.80 -15.55 -34.88
CA ARG A 198 6.62 -14.59 -35.95
C ARG A 198 7.79 -14.70 -36.91
N ILE A 199 7.57 -14.31 -38.15
CA ILE A 199 8.67 -14.36 -39.12
C ILE A 199 9.65 -13.23 -38.84
N LYS A 200 9.17 -12.11 -38.34
CA LYS A 200 10.08 -10.99 -38.06
C LYS A 200 11.05 -11.34 -36.93
N ASP A 201 10.56 -11.95 -35.85
CA ASP A 201 11.44 -12.31 -34.75
C ASP A 201 12.49 -13.32 -35.20
N LEU A 202 12.08 -14.31 -35.99
CA LEU A 202 13.02 -15.30 -36.49
C LEU A 202 14.05 -14.67 -37.41
N GLU A 203 13.63 -13.75 -38.27
CA GLU A 203 14.58 -13.10 -39.17
C GLU A 203 15.57 -12.24 -38.41
N THR A 204 15.10 -11.48 -37.42
CA THR A 204 16.02 -10.67 -36.63
C THR A 204 16.99 -11.54 -35.85
N PHE A 205 16.53 -12.69 -35.35
CA PHE A 205 17.44 -13.54 -34.61
C PHE A 205 18.44 -14.23 -35.51
N VAL A 206 18.09 -14.45 -36.78
CA VAL A 206 19.06 -15.00 -37.71
C VAL A 206 20.10 -13.96 -38.07
N GLU A 207 19.68 -12.71 -38.32
CA GLU A 207 20.66 -11.64 -38.49
C GLU A 207 21.57 -11.51 -37.27
N MET A 208 20.98 -11.60 -36.08
CA MET A 208 21.73 -11.42 -34.84
C MET A 208 22.71 -12.55 -34.62
N SER A 209 22.36 -13.77 -35.02
CA SER A 209 23.32 -14.87 -34.93
C SER A 209 24.45 -14.70 -35.92
N GLY A 210 24.25 -13.90 -36.96
CA GLY A 210 25.28 -13.61 -37.92
C GLY A 210 25.23 -14.42 -39.19
N SER A 211 24.45 -15.50 -39.24
CA SER A 211 24.39 -16.30 -40.45
C SER A 211 23.63 -15.56 -41.54
N GLN A 212 23.84 -16.01 -42.77
CA GLN A 212 23.15 -15.42 -43.92
C GLN A 212 21.69 -15.84 -43.93
N VAL A 213 20.90 -15.16 -44.76
CA VAL A 213 19.48 -15.45 -44.83
C VAL A 213 19.25 -16.87 -45.35
N THR A 214 18.58 -17.68 -44.54
CA THR A 214 18.22 -19.03 -44.93
C THR A 214 16.69 -19.16 -44.94
N ALA A 215 16.21 -20.17 -45.65
CA ALA A 215 14.78 -20.42 -45.65
C ALA A 215 14.34 -20.95 -44.29
N PRO A 216 13.18 -20.53 -43.79
CA PRO A 216 12.68 -21.12 -42.54
C PRO A 216 12.53 -22.62 -42.68
N GLU A 217 12.43 -23.30 -41.54
CA GLU A 217 12.43 -24.75 -41.37
C GLU A 217 13.80 -25.33 -41.61
N GLN A 218 14.78 -24.52 -42.02
CA GLN A 218 16.17 -24.91 -42.06
C GLN A 218 17.00 -24.21 -41.00
N VAL A 219 16.41 -23.22 -40.31
CA VAL A 219 17.14 -22.50 -39.28
C VAL A 219 17.48 -23.46 -38.14
N SER A 220 18.64 -23.25 -37.53
CA SER A 220 19.11 -24.16 -36.51
C SER A 220 18.16 -24.15 -35.32
N MET A 221 18.17 -25.23 -34.55
CA MET A 221 17.33 -25.28 -33.35
C MET A 221 17.77 -24.25 -32.33
N ALA A 222 19.07 -24.00 -32.23
CA ALA A 222 19.61 -23.05 -31.27
C ALA A 222 19.23 -21.62 -31.58
N VAL A 223 18.82 -21.33 -32.81
CA VAL A 223 18.38 -20.00 -33.19
C VAL A 223 16.88 -19.95 -33.08
N LEU A 224 16.24 -21.12 -33.13
CA LEU A 224 14.79 -21.17 -33.07
C LEU A 224 14.28 -21.10 -31.65
N ILE A 225 15.02 -21.65 -30.69
CA ILE A 225 14.56 -21.65 -29.30
C ILE A 225 14.38 -20.22 -28.78
N PRO A 226 15.37 -19.32 -28.87
CA PRO A 226 15.12 -17.95 -28.39
C PRO A 226 14.11 -17.21 -29.22
N ALA A 227 14.11 -17.41 -30.54
CA ALA A 227 13.09 -16.83 -31.41
C ALA A 227 11.72 -17.38 -31.11
N PHE A 228 11.62 -18.52 -30.45
CA PHE A 228 10.33 -19.03 -30.01
C PHE A 228 9.93 -18.46 -28.67
N ILE A 229 10.86 -18.40 -27.71
CA ILE A 229 10.48 -17.92 -26.39
C ILE A 229 10.15 -16.44 -26.41
N THR A 230 10.87 -15.64 -27.20
CA THR A 230 10.49 -14.24 -27.29
C THR A 230 9.16 -14.04 -28.01
N SER A 231 8.87 -14.83 -29.03
CA SER A 231 7.60 -14.77 -29.71
C SER A 231 6.45 -15.29 -28.87
N GLU A 232 6.72 -16.17 -27.92
CA GLU A 232 5.70 -16.60 -26.97
C GLU A 232 5.51 -15.59 -25.86
N LEU A 233 6.56 -14.87 -25.47
CA LEU A 233 6.40 -13.78 -24.52
C LEU A 233 5.60 -12.63 -25.11
N LYS A 234 5.87 -12.25 -26.36
CA LYS A 234 5.03 -11.23 -27.00
C LYS A 234 3.58 -11.66 -27.03
N THR A 235 3.32 -12.90 -27.42
CA THR A 235 1.94 -13.39 -27.50
C THR A 235 1.30 -13.47 -26.13
N ALA A 236 2.01 -14.00 -25.14
CA ALA A 236 1.45 -14.12 -23.81
C ALA A 236 1.11 -12.76 -23.23
N PHE A 237 1.99 -11.77 -23.42
CA PHE A 237 1.66 -10.46 -22.92
C PHE A 237 0.54 -9.80 -23.69
N GLN A 238 0.46 -9.97 -25.00
CA GLN A 238 -0.63 -9.38 -25.76
C GLN A 238 -1.96 -10.06 -25.53
N ILE A 239 -1.97 -11.31 -25.10
CA ILE A 239 -3.21 -11.95 -24.71
C ILE A 239 -3.60 -11.57 -23.29
N GLY A 240 -2.63 -11.62 -22.37
CA GLY A 240 -2.92 -11.32 -20.98
C GLY A 240 -3.34 -9.90 -20.74
N PHE A 241 -2.70 -8.94 -21.41
CA PHE A 241 -3.05 -7.55 -21.23
C PHE A 241 -4.35 -7.18 -21.92
N MET A 242 -4.87 -8.05 -22.77
CA MET A 242 -6.22 -7.89 -23.27
C MET A 242 -7.25 -8.51 -22.34
N LEU A 243 -6.97 -9.69 -21.79
CA LEU A 243 -7.86 -10.19 -20.75
C LEU A 243 -7.79 -9.35 -19.49
N PHE A 244 -6.64 -8.72 -19.22
CA PHE A 244 -6.52 -7.81 -18.09
C PHE A 244 -7.54 -6.70 -18.17
N LEU A 245 -7.94 -6.33 -19.36
CA LEU A 245 -8.61 -5.07 -19.61
C LEU A 245 -10.03 -5.02 -19.04
N PRO A 246 -10.87 -6.05 -19.20
CA PRO A 246 -12.19 -6.01 -18.55
C PRO A 246 -12.14 -5.96 -17.04
N PHE A 247 -11.08 -6.47 -16.43
CA PHE A 247 -10.87 -6.40 -15.00
C PHE A 247 -10.23 -5.10 -14.57
N LEU A 248 -9.87 -4.25 -15.51
CA LEU A 248 -9.39 -2.92 -15.19
C LEU A 248 -10.48 -1.88 -15.35
N ILE A 249 -11.56 -2.22 -16.05
CA ILE A 249 -12.75 -1.38 -16.07
C ILE A 249 -13.42 -1.40 -14.72
N ILE A 250 -13.65 -2.60 -14.16
CA ILE A 250 -14.32 -2.70 -12.88
C ILE A 250 -13.52 -2.02 -11.79
N ASP A 251 -12.19 -2.11 -11.86
CA ASP A 251 -11.37 -1.38 -10.91
C ASP A 251 -11.58 0.12 -11.03
N LEU A 252 -11.72 0.62 -12.26
CA LEU A 252 -11.84 2.06 -12.45
C LEU A 252 -13.26 2.55 -12.25
N VAL A 253 -14.25 1.69 -12.49
CA VAL A 253 -15.62 2.06 -12.21
C VAL A 253 -15.85 2.14 -10.71
N VAL A 254 -15.51 1.06 -10.00
CA VAL A 254 -15.67 1.03 -8.56
C VAL A 254 -14.95 2.21 -7.91
N ALA A 255 -13.65 2.36 -8.18
CA ALA A 255 -12.88 3.44 -7.58
C ALA A 255 -13.35 4.81 -8.02
N SER A 256 -14.22 4.90 -9.01
CA SER A 256 -14.81 6.19 -9.35
C SER A 256 -16.17 6.37 -8.75
N VAL A 257 -16.88 5.27 -8.48
CA VAL A 257 -18.15 5.36 -7.78
C VAL A 257 -17.92 5.68 -6.31
N LEU A 258 -16.87 5.11 -5.72
CA LEU A 258 -16.52 5.45 -4.34
C LEU A 258 -16.07 6.90 -4.24
N MET A 259 -14.98 7.24 -4.91
CA MET A 259 -14.41 8.57 -4.83
C MET A 259 -15.39 9.66 -5.22
N ALA A 260 -16.44 9.34 -5.96
CA ALA A 260 -17.47 10.34 -6.24
C ALA A 260 -18.25 10.65 -4.98
N MET A 261 -18.82 9.63 -4.33
CA MET A 261 -19.47 9.87 -3.06
C MET A 261 -18.48 10.05 -1.93
N GLY A 262 -17.19 9.87 -2.20
CA GLY A 262 -16.15 10.14 -1.24
C GLY A 262 -15.52 8.90 -0.67
N MET A 263 -15.49 8.85 0.65
CA MET A 263 -15.01 7.75 1.46
C MET A 263 -13.49 7.64 1.41
N MET A 264 -12.87 8.12 0.33
CA MET A 264 -11.45 8.46 0.30
C MET A 264 -10.53 7.33 0.73
N MET A 265 -11.07 6.31 1.39
CA MET A 265 -10.28 5.34 2.15
C MET A 265 -10.73 3.92 1.95
N LEU A 266 -11.95 3.67 1.52
CA LEU A 266 -12.38 2.33 1.20
C LEU A 266 -11.54 1.83 0.04
N SER A 267 -10.81 0.76 0.25
CA SER A 267 -9.90 0.32 -0.80
C SER A 267 -10.69 -0.24 -1.97
N PRO A 268 -10.47 0.27 -3.17
CA PRO A 268 -11.14 -0.29 -4.35
C PRO A 268 -10.62 -1.65 -4.76
N MET A 269 -9.67 -2.19 -4.01
CA MET A 269 -9.14 -3.52 -4.30
C MET A 269 -9.82 -4.61 -3.51
N ILE A 270 -10.60 -4.25 -2.48
CA ILE A 270 -11.38 -5.22 -1.75
C ILE A 270 -12.87 -5.06 -2.00
N VAL A 271 -13.33 -3.91 -2.47
CA VAL A 271 -14.73 -3.75 -2.80
C VAL A 271 -15.00 -4.15 -4.25
N SER A 272 -13.99 -4.15 -5.10
CA SER A 272 -14.17 -4.55 -6.49
C SER A 272 -13.85 -6.01 -6.73
N LEU A 273 -13.30 -6.70 -5.75
CA LEU A 273 -12.97 -8.11 -5.93
C LEU A 273 -14.21 -8.98 -6.12
N PRO A 274 -15.30 -8.77 -5.36
CA PRO A 274 -16.51 -9.56 -5.66
C PRO A 274 -17.02 -9.32 -7.05
N PHE A 275 -16.96 -8.08 -7.54
CA PHE A 275 -17.41 -7.79 -8.89
C PHE A 275 -16.53 -8.45 -9.93
N LYS A 276 -15.22 -8.49 -9.69
CA LYS A 276 -14.34 -9.19 -10.61
C LYS A 276 -14.63 -10.68 -10.66
N LEU A 277 -14.79 -11.32 -9.49
CA LEU A 277 -15.19 -12.72 -9.48
C LEU A 277 -16.54 -12.93 -10.17
N MET A 278 -17.48 -12.01 -9.97
CA MET A 278 -18.78 -12.14 -10.61
C MET A 278 -18.65 -12.12 -12.13
N LEU A 279 -17.96 -11.11 -12.66
CA LEU A 279 -17.77 -11.04 -14.11
C LEU A 279 -17.04 -12.26 -14.63
N PHE A 280 -16.00 -12.70 -13.94
CA PHE A 280 -15.23 -13.84 -14.40
C PHE A 280 -16.04 -15.12 -14.36
N VAL A 281 -17.07 -15.17 -13.51
CA VAL A 281 -17.93 -16.36 -13.48
C VAL A 281 -19.00 -16.27 -14.55
N LEU A 282 -19.60 -15.09 -14.71
CA LEU A 282 -20.65 -14.94 -15.73
C LEU A 282 -20.11 -15.22 -17.12
N VAL A 283 -18.88 -14.78 -17.39
CA VAL A 283 -18.26 -15.10 -18.66
C VAL A 283 -17.84 -16.57 -18.70
N ASP A 284 -17.72 -17.19 -17.53
CA ASP A 284 -17.20 -18.53 -17.26
C ASP A 284 -15.68 -18.57 -17.35
N GLY A 285 -15.07 -17.54 -17.91
CA GLY A 285 -13.68 -17.26 -17.65
C GLY A 285 -12.75 -18.34 -18.13
N TRP A 286 -12.72 -19.44 -17.38
CA TRP A 286 -11.73 -20.49 -17.62
C TRP A 286 -12.11 -21.31 -18.84
N ASN A 287 -13.40 -21.44 -19.10
CA ASN A 287 -13.82 -22.10 -20.33
C ASN A 287 -13.64 -21.21 -21.54
N LEU A 288 -13.17 -19.99 -21.37
CA LEU A 288 -12.85 -19.13 -22.49
C LEU A 288 -11.41 -18.71 -22.52
N ILE A 289 -10.74 -18.76 -21.39
CA ILE A 289 -9.33 -18.43 -21.34
C ILE A 289 -8.48 -19.68 -21.46
N LEU A 290 -8.77 -20.70 -20.66
CA LEU A 290 -8.02 -21.94 -20.76
C LEU A 290 -8.43 -22.74 -21.98
N SER A 291 -9.54 -22.37 -22.61
CA SER A 291 -9.96 -23.04 -23.83
C SER A 291 -9.47 -22.34 -25.09
N THR A 292 -9.43 -21.01 -25.11
CA THR A 292 -8.84 -20.29 -26.22
C THR A 292 -7.33 -20.24 -26.15
N LEU A 293 -6.73 -20.65 -25.05
CA LEU A 293 -5.30 -20.89 -25.01
C LEU A 293 -4.91 -22.24 -25.55
N ALA A 294 -5.85 -23.17 -25.66
CA ALA A 294 -5.54 -24.45 -26.29
C ALA A 294 -5.84 -24.42 -27.78
N GLY A 295 -6.76 -23.57 -28.21
CA GLY A 295 -6.97 -23.31 -29.61
C GLY A 295 -6.18 -22.10 -30.05
N SER A 296 -5.20 -21.73 -29.23
CA SER A 296 -4.28 -20.65 -29.56
C SER A 296 -3.09 -21.14 -30.36
N PHE A 297 -2.98 -22.43 -30.59
CA PHE A 297 -1.82 -23.02 -31.26
C PHE A 297 -2.28 -23.73 -32.52
N ALA A 298 -1.91 -23.19 -33.67
CA ALA A 298 -2.18 -23.80 -34.96
C ALA A 298 -0.92 -24.51 -35.44
N LEU A 299 -1.05 -25.80 -35.75
CA LEU A 299 0.06 -26.59 -36.22
C LEU A 299 -0.39 -27.58 -37.30
N MET B 105 10.70 -33.76 -14.07
CA MET B 105 9.39 -33.91 -13.47
C MET B 105 9.45 -33.72 -11.96
N LEU B 106 10.64 -33.94 -11.39
CA LEU B 106 10.80 -33.83 -9.95
C LEU B 106 10.57 -32.41 -9.45
N GLY B 107 10.82 -31.41 -10.30
CA GLY B 107 10.60 -30.03 -9.94
C GLY B 107 9.17 -29.55 -10.00
N PHE B 108 8.25 -30.40 -10.46
CA PHE B 108 6.86 -30.06 -10.56
C PHE B 108 5.92 -31.06 -9.93
N LEU B 109 6.42 -32.18 -9.40
CA LEU B 109 5.54 -33.21 -8.85
C LEU B 109 4.66 -32.71 -7.70
N PRO B 110 5.16 -31.94 -6.72
CA PRO B 110 4.25 -31.44 -5.68
C PRO B 110 3.13 -30.57 -6.21
N ALA B 111 3.33 -29.90 -7.33
CA ALA B 111 2.26 -29.14 -7.95
C ALA B 111 1.34 -29.98 -8.81
N MET B 112 1.79 -31.16 -9.24
CA MET B 112 0.95 -32.06 -10.01
C MET B 112 0.07 -32.93 -9.14
N VAL B 113 0.55 -33.36 -7.97
CA VAL B 113 -0.30 -34.18 -7.12
C VAL B 113 -1.38 -33.33 -6.47
N ILE B 114 -1.22 -32.00 -6.50
CA ILE B 114 -2.19 -31.12 -5.86
C ILE B 114 -3.44 -30.98 -6.71
N LEU B 115 -3.26 -30.71 -8.01
CA LEU B 115 -4.37 -30.39 -8.88
C LEU B 115 -5.31 -31.57 -9.12
N MET B 116 -4.83 -32.80 -8.91
CA MET B 116 -5.73 -33.94 -9.00
C MET B 116 -6.64 -34.05 -7.79
N THR B 117 -6.24 -33.46 -6.67
CA THR B 117 -6.95 -33.56 -5.41
C THR B 117 -7.84 -32.34 -5.20
N SER B 118 -8.39 -32.22 -4.00
CA SER B 118 -9.27 -31.12 -3.65
C SER B 118 -8.54 -29.91 -3.08
N PHE B 119 -7.22 -29.85 -3.25
CA PHE B 119 -6.43 -28.74 -2.73
C PHE B 119 -6.79 -27.41 -3.38
N THR B 120 -7.10 -27.41 -4.66
CA THR B 120 -7.19 -26.18 -5.42
C THR B 120 -8.48 -25.40 -5.17
N ARG B 121 -9.59 -26.08 -4.90
CA ARG B 121 -10.78 -25.34 -4.52
C ARG B 121 -10.61 -24.74 -3.14
N ILE B 122 -10.04 -25.50 -2.21
CA ILE B 122 -9.98 -25.06 -0.83
C ILE B 122 -8.99 -23.92 -0.67
N VAL B 123 -7.83 -23.98 -1.32
CA VAL B 123 -6.87 -22.90 -1.17
C VAL B 123 -7.42 -21.61 -1.73
N VAL B 124 -8.06 -21.67 -2.89
CA VAL B 124 -8.62 -20.46 -3.48
C VAL B 124 -9.72 -19.88 -2.61
N VAL B 125 -10.60 -20.72 -2.08
CA VAL B 125 -11.67 -20.20 -1.23
C VAL B 125 -11.09 -19.60 0.04
N MET B 126 -10.14 -20.29 0.67
CA MET B 126 -9.57 -19.81 1.92
C MET B 126 -8.78 -18.53 1.73
N SER B 127 -8.20 -18.33 0.56
CA SER B 127 -7.46 -17.09 0.32
C SER B 127 -8.35 -15.96 -0.15
N ILE B 128 -9.51 -16.25 -0.73
CA ILE B 128 -10.47 -15.18 -0.94
C ILE B 128 -11.10 -14.77 0.38
N LEU B 129 -11.27 -15.71 1.30
CA LEU B 129 -11.87 -15.39 2.59
C LEU B 129 -11.04 -14.33 3.32
N ARG B 130 -9.72 -14.49 3.34
CA ARG B 130 -8.91 -13.59 4.13
C ARG B 130 -8.76 -12.23 3.46
N GLN B 131 -8.98 -12.16 2.15
CA GLN B 131 -9.08 -10.85 1.52
C GLN B 131 -10.40 -10.20 1.83
N ALA B 132 -11.47 -11.00 1.96
CA ALA B 132 -12.75 -10.46 2.37
C ALA B 132 -12.70 -9.93 3.79
N MET B 133 -12.04 -10.67 4.67
CA MET B 133 -12.01 -10.31 6.08
C MET B 133 -11.17 -9.06 6.32
N GLY B 134 -10.30 -8.73 5.39
CA GLY B 134 -9.36 -7.64 5.57
C GLY B 134 -8.12 -8.04 6.33
N LEU B 135 -7.99 -9.32 6.68
CA LEU B 135 -6.78 -9.78 7.36
C LEU B 135 -5.58 -9.60 6.45
N GLN B 136 -4.64 -8.75 6.86
CA GLN B 136 -3.42 -8.54 6.09
C GLN B 136 -2.53 -9.78 6.22
N GLN B 137 -3.01 -10.86 5.62
CA GLN B 137 -2.30 -12.14 5.60
C GLN B 137 -1.99 -12.62 7.01
N THR B 138 -2.98 -12.59 7.89
CA THR B 138 -2.75 -13.13 9.22
C THR B 138 -2.71 -14.66 9.24
N PRO B 139 -3.48 -15.39 8.41
CA PRO B 139 -3.06 -16.78 8.17
C PRO B 139 -2.05 -16.79 7.03
N SER B 140 -0.78 -17.02 7.35
CA SER B 140 0.23 -17.02 6.31
C SER B 140 -0.11 -18.04 5.25
N ASN B 141 0.51 -17.89 4.09
CA ASN B 141 0.26 -18.83 3.00
C ASN B 141 0.61 -20.24 3.43
N GLN B 142 1.67 -20.39 4.23
CA GLN B 142 2.00 -21.71 4.77
C GLN B 142 1.00 -22.17 5.82
N VAL B 143 0.08 -21.30 6.25
CA VAL B 143 -1.00 -21.74 7.11
C VAL B 143 -2.20 -22.19 6.27
N ILE B 144 -2.50 -21.44 5.22
CA ILE B 144 -3.66 -21.79 4.38
C ILE B 144 -3.38 -23.04 3.56
N ILE B 145 -2.17 -23.16 3.01
CA ILE B 145 -1.80 -24.39 2.31
C ILE B 145 -1.51 -25.54 3.25
N GLY B 146 -1.68 -25.33 4.56
CA GLY B 146 -1.66 -26.44 5.47
C GLY B 146 -3.06 -26.86 5.85
N ILE B 147 -3.92 -25.86 6.08
CA ILE B 147 -5.33 -26.15 6.39
C ILE B 147 -5.98 -26.85 5.21
N ALA B 148 -5.80 -26.33 4.01
CA ALA B 148 -6.37 -26.95 2.82
C ALA B 148 -5.70 -28.26 2.47
N LEU B 149 -4.52 -28.53 3.00
CA LEU B 149 -3.88 -29.82 2.80
C LEU B 149 -4.40 -30.87 3.77
N PHE B 150 -4.68 -30.48 5.01
CA PHE B 150 -5.36 -31.39 5.93
C PHE B 150 -6.77 -31.70 5.46
N LEU B 151 -7.50 -30.68 5.02
CA LEU B 151 -8.82 -30.93 4.47
C LEU B 151 -8.75 -31.80 3.23
N THR B 152 -7.66 -31.73 2.48
CA THR B 152 -7.52 -32.60 1.32
C THR B 152 -7.47 -34.06 1.74
N PHE B 153 -6.66 -34.39 2.75
CA PHE B 153 -6.65 -35.75 3.26
C PHE B 153 -8.02 -36.14 3.77
N PHE B 154 -8.68 -35.24 4.48
CA PHE B 154 -10.01 -35.56 5.02
C PHE B 154 -10.99 -35.86 3.90
N ILE B 155 -10.96 -35.08 2.82
CA ILE B 155 -11.90 -35.26 1.72
C ILE B 155 -11.57 -36.52 0.94
N MET B 156 -10.30 -36.71 0.60
CA MET B 156 -9.85 -37.82 -0.23
C MET B 156 -9.57 -39.08 0.57
N ALA B 157 -9.97 -39.13 1.83
CA ALA B 157 -9.94 -40.38 2.58
C ALA B 157 -10.54 -41.54 1.79
N PRO B 158 -11.73 -41.40 1.18
CA PRO B 158 -12.26 -42.52 0.39
C PRO B 158 -11.39 -42.85 -0.82
N VAL B 159 -10.75 -41.87 -1.42
CA VAL B 159 -9.90 -42.11 -2.58
C VAL B 159 -8.54 -42.66 -2.16
N PHE B 160 -7.95 -42.08 -1.12
CA PHE B 160 -6.65 -42.57 -0.67
C PHE B 160 -6.74 -43.96 -0.06
N ASN B 161 -7.87 -44.30 0.56
CA ASN B 161 -8.04 -45.67 1.04
C ASN B 161 -8.08 -46.66 -0.13
N GLN B 162 -8.82 -46.33 -1.18
CA GLN B 162 -8.86 -47.21 -2.34
C GLN B 162 -7.49 -47.32 -3.00
N ILE B 163 -6.74 -46.21 -3.06
CA ILE B 163 -5.41 -46.27 -3.64
C ILE B 163 -4.49 -47.13 -2.80
N ASN B 164 -4.59 -47.02 -1.48
CA ASN B 164 -3.75 -47.83 -0.61
C ASN B 164 -4.12 -49.30 -0.71
N GLU B 165 -5.40 -49.60 -0.81
CA GLU B 165 -5.84 -51.00 -0.92
C GLU B 165 -5.45 -51.60 -2.26
N GLN B 166 -5.51 -50.80 -3.33
CA GLN B 166 -5.31 -51.32 -4.68
C GLN B 166 -3.91 -51.08 -5.21
N ALA B 167 -3.13 -50.17 -4.63
CA ALA B 167 -1.78 -49.92 -5.10
C ALA B 167 -0.74 -50.21 -4.03
N VAL B 168 -0.87 -49.63 -2.84
CA VAL B 168 0.20 -49.75 -1.84
C VAL B 168 0.16 -51.11 -1.15
N GLN B 169 -1.04 -51.62 -0.88
CA GLN B 169 -1.12 -52.97 -0.33
C GLN B 169 -0.59 -54.02 -1.29
N PRO B 170 -0.90 -53.99 -2.59
CA PRO B 170 -0.19 -54.88 -3.52
C PRO B 170 1.27 -54.49 -3.72
N TYR B 171 1.62 -53.23 -3.52
CA TYR B 171 3.02 -52.84 -3.59
C TYR B 171 3.84 -53.47 -2.48
N LEU B 172 3.23 -53.65 -1.30
CA LEU B 172 3.91 -54.34 -0.21
C LEU B 172 4.24 -55.77 -0.58
N ASN B 173 3.34 -56.43 -1.29
CA ASN B 173 3.55 -57.79 -1.76
C ASN B 173 4.22 -57.85 -3.12
N GLU B 174 4.35 -56.71 -3.81
CA GLU B 174 5.12 -56.60 -5.04
C GLU B 174 4.55 -57.48 -6.15
N GLN B 175 3.25 -57.71 -6.13
CA GLN B 175 2.56 -58.57 -7.11
C GLN B 175 2.93 -58.09 -8.51
N ILE B 176 2.57 -56.87 -8.90
CA ILE B 176 2.99 -56.28 -10.17
C ILE B 176 3.04 -54.77 -10.00
N SER B 177 4.18 -54.17 -10.31
CA SER B 177 4.42 -52.76 -10.04
C SER B 177 4.82 -52.04 -11.31
N ALA B 178 4.62 -50.73 -11.29
CA ALA B 178 5.03 -49.74 -12.29
C ALA B 178 4.24 -49.83 -13.58
N ARG B 179 3.42 -50.87 -13.77
CA ARG B 179 2.49 -50.87 -14.89
C ARG B 179 1.07 -50.99 -14.38
N GLN B 180 0.80 -52.02 -13.56
CA GLN B 180 -0.54 -52.23 -13.06
C GLN B 180 -0.83 -51.31 -11.89
N ALA B 181 0.16 -51.10 -11.02
CA ALA B 181 -0.05 -50.23 -9.86
C ALA B 181 -0.44 -48.83 -10.29
N PHE B 182 0.19 -48.31 -11.34
CA PHE B 182 -0.13 -46.97 -11.82
C PHE B 182 -1.56 -46.91 -12.35
N ASP B 183 -2.01 -47.96 -13.02
CA ASP B 183 -3.37 -47.97 -13.55
C ASP B 183 -4.40 -48.06 -12.42
N LEU B 184 -4.13 -48.92 -11.43
CA LEU B 184 -5.03 -49.03 -10.29
C LEU B 184 -5.00 -47.76 -9.45
N ALA B 185 -3.98 -46.94 -9.61
CA ALA B 185 -3.97 -45.64 -8.96
C ALA B 185 -4.76 -44.62 -9.77
N GLN B 186 -4.66 -44.69 -11.10
CA GLN B 186 -5.35 -43.71 -11.94
C GLN B 186 -6.86 -43.93 -11.90
N GLU B 187 -7.29 -45.18 -11.71
CA GLU B 187 -8.73 -45.46 -11.79
C GLU B 187 -9.55 -44.78 -10.69
N PRO B 188 -9.22 -44.87 -9.40
CA PRO B 188 -10.04 -44.17 -8.41
C PRO B 188 -9.90 -42.67 -8.49
N MET B 189 -8.71 -42.19 -8.87
CA MET B 189 -8.53 -40.75 -9.09
C MET B 189 -9.39 -40.28 -10.25
N LYS B 190 -9.44 -41.05 -11.33
CA LYS B 190 -10.30 -40.70 -12.45
C LYS B 190 -11.76 -40.74 -12.06
N ALA B 191 -12.16 -41.69 -11.22
CA ALA B 191 -13.54 -41.71 -10.74
C ALA B 191 -13.87 -40.49 -9.91
N PHE B 192 -12.97 -40.10 -9.00
CA PHE B 192 -13.21 -38.93 -8.16
C PHE B 192 -13.29 -37.66 -8.99
N MET B 193 -12.31 -37.45 -9.86
CA MET B 193 -12.29 -36.24 -10.67
C MET B 193 -13.47 -36.19 -11.62
N LEU B 194 -13.81 -37.32 -12.23
CA LEU B 194 -14.85 -37.36 -13.24
C LEU B 194 -16.24 -37.10 -12.67
N LYS B 195 -16.44 -37.32 -11.37
CA LYS B 195 -17.72 -37.07 -10.73
C LYS B 195 -17.91 -35.60 -10.36
N GLN B 196 -16.95 -34.74 -10.70
CA GLN B 196 -17.01 -33.34 -10.34
C GLN B 196 -16.69 -32.38 -11.47
N THR B 197 -16.19 -32.86 -12.60
CA THR B 197 -16.05 -31.99 -13.76
C THR B 197 -17.42 -31.72 -14.34
N ARG B 198 -17.72 -30.46 -14.59
CA ARG B 198 -18.97 -30.13 -15.25
C ARG B 198 -18.99 -30.75 -16.64
N ILE B 199 -20.17 -31.20 -17.06
CA ILE B 199 -20.28 -31.83 -18.36
C ILE B 199 -19.91 -30.85 -19.47
N LYS B 200 -20.28 -29.58 -19.30
CA LYS B 200 -19.97 -28.58 -20.31
C LYS B 200 -18.47 -28.44 -20.51
N ASP B 201 -17.70 -28.37 -19.42
CA ASP B 201 -16.26 -28.19 -19.53
C ASP B 201 -15.59 -29.42 -20.10
N LEU B 202 -16.07 -30.60 -19.69
CA LEU B 202 -15.53 -31.83 -20.24
C LEU B 202 -15.75 -31.89 -21.74
N GLU B 203 -16.94 -31.52 -22.19
CA GLU B 203 -17.22 -31.57 -23.62
C GLU B 203 -16.39 -30.55 -24.37
N THR B 204 -16.26 -29.34 -23.80
CA THR B 204 -15.42 -28.31 -24.42
C THR B 204 -13.99 -28.81 -24.61
N PHE B 205 -13.40 -29.40 -23.57
CA PHE B 205 -12.01 -29.79 -23.68
C PHE B 205 -11.84 -31.01 -24.58
N VAL B 206 -12.82 -31.91 -24.59
CA VAL B 206 -12.73 -33.05 -25.51
C VAL B 206 -12.80 -32.58 -26.95
N GLU B 207 -13.72 -31.65 -27.25
CA GLU B 207 -13.79 -31.09 -28.58
C GLU B 207 -12.50 -30.36 -28.96
N MET B 208 -11.90 -29.64 -28.01
CA MET B 208 -10.60 -29.03 -28.29
C MET B 208 -9.57 -30.09 -28.63
N SER B 209 -9.59 -31.22 -27.90
CA SER B 209 -8.62 -32.27 -28.17
C SER B 209 -8.83 -32.87 -29.55
N GLY B 210 -10.09 -33.05 -29.94
CA GLY B 210 -10.42 -33.60 -31.23
C GLY B 210 -10.71 -35.08 -31.25
N SER B 211 -10.27 -35.81 -30.24
CA SER B 211 -10.55 -37.25 -30.21
C SER B 211 -12.02 -37.50 -29.95
N GLN B 212 -12.56 -38.52 -30.59
CA GLN B 212 -13.96 -38.88 -30.43
C GLN B 212 -14.09 -39.76 -29.19
N VAL B 213 -14.92 -39.34 -28.24
CA VAL B 213 -15.22 -40.12 -27.05
C VAL B 213 -16.71 -40.43 -27.07
N THR B 214 -17.05 -41.69 -26.80
CA THR B 214 -18.43 -42.13 -26.71
C THR B 214 -18.82 -42.52 -25.29
N ALA B 215 -17.85 -42.85 -24.44
CA ALA B 215 -18.10 -43.20 -23.06
C ALA B 215 -17.41 -42.18 -22.16
N PRO B 216 -18.16 -41.40 -21.38
CA PRO B 216 -17.53 -40.35 -20.57
C PRO B 216 -16.56 -40.89 -19.54
N GLU B 217 -16.69 -42.17 -19.18
CA GLU B 217 -15.73 -42.78 -18.27
C GLU B 217 -14.44 -43.14 -18.98
N GLN B 218 -14.46 -43.18 -20.31
CA GLN B 218 -13.29 -43.58 -21.07
C GLN B 218 -12.48 -42.40 -21.60
N VAL B 219 -12.70 -41.20 -21.08
CA VAL B 219 -11.87 -40.07 -21.49
C VAL B 219 -10.46 -40.25 -20.97
N SER B 220 -9.50 -39.77 -21.73
CA SER B 220 -8.11 -39.88 -21.32
C SER B 220 -7.87 -39.04 -20.07
N MET B 221 -6.79 -39.37 -19.35
CA MET B 221 -6.44 -38.58 -18.19
C MET B 221 -5.98 -37.18 -18.58
N ALA B 222 -5.23 -37.08 -19.68
CA ALA B 222 -4.68 -35.82 -20.14
C ALA B 222 -5.73 -34.84 -20.64
N VAL B 223 -6.91 -35.31 -20.98
CA VAL B 223 -8.02 -34.41 -21.32
C VAL B 223 -8.91 -34.19 -20.10
N LEU B 224 -8.91 -35.13 -19.17
CA LEU B 224 -9.77 -34.98 -18.00
C LEU B 224 -9.21 -33.99 -17.00
N ILE B 225 -7.93 -34.04 -16.70
CA ILE B 225 -7.37 -33.17 -15.66
C ILE B 225 -7.52 -31.70 -16.04
N PRO B 226 -7.13 -31.26 -17.24
CA PRO B 226 -7.38 -29.86 -17.60
C PRO B 226 -8.84 -29.50 -17.64
N ALA B 227 -9.73 -30.46 -17.91
CA ALA B 227 -11.16 -30.20 -17.82
C ALA B 227 -11.66 -30.21 -16.40
N PHE B 228 -10.92 -30.82 -15.49
CA PHE B 228 -11.28 -30.82 -14.08
C PHE B 228 -10.87 -29.54 -13.40
N ILE B 229 -9.71 -28.99 -13.76
CA ILE B 229 -9.24 -27.78 -13.09
C ILE B 229 -10.10 -26.58 -13.45
N THR B 230 -10.48 -26.46 -14.72
CA THR B 230 -11.30 -25.32 -15.12
C THR B 230 -12.70 -25.38 -14.52
N SER B 231 -13.17 -26.57 -14.13
CA SER B 231 -14.44 -26.70 -13.45
C SER B 231 -14.27 -26.69 -11.94
N GLU B 232 -13.05 -26.57 -11.46
CA GLU B 232 -12.74 -26.47 -10.04
C GLU B 232 -12.43 -25.05 -9.62
N LEU B 233 -11.71 -24.30 -10.45
CA LEU B 233 -11.50 -22.89 -10.19
C LEU B 233 -12.79 -22.11 -10.38
N LYS B 234 -13.67 -22.57 -11.25
CA LYS B 234 -14.96 -21.91 -11.40
C LYS B 234 -15.82 -22.09 -10.17
N THR B 235 -15.84 -23.31 -9.62
CA THR B 235 -16.58 -23.53 -8.39
C THR B 235 -15.96 -22.78 -7.23
N ALA B 236 -14.62 -22.77 -7.15
CA ALA B 236 -13.95 -22.01 -6.11
C ALA B 236 -14.26 -20.53 -6.19
N PHE B 237 -14.33 -19.96 -7.40
CA PHE B 237 -14.68 -18.56 -7.55
C PHE B 237 -16.14 -18.28 -7.22
N GLN B 238 -17.06 -19.17 -7.59
CA GLN B 238 -18.46 -18.98 -7.18
C GLN B 238 -18.63 -19.05 -5.67
N ILE B 239 -18.03 -20.06 -5.03
CA ILE B 239 -18.12 -20.18 -3.59
C ILE B 239 -17.49 -18.99 -2.90
N GLY B 240 -16.25 -18.66 -3.24
CA GLY B 240 -15.57 -17.57 -2.58
C GLY B 240 -16.13 -16.21 -2.93
N PHE B 241 -16.94 -16.14 -3.99
CA PHE B 241 -17.65 -14.90 -4.27
C PHE B 241 -18.90 -14.78 -3.42
N MET B 242 -19.60 -15.89 -3.22
CA MET B 242 -20.77 -15.87 -2.35
C MET B 242 -20.38 -15.60 -0.90
N LEU B 243 -19.29 -16.20 -0.44
CA LEU B 243 -18.88 -15.99 0.95
C LEU B 243 -18.39 -14.57 1.19
N PHE B 244 -18.18 -13.81 0.13
CA PHE B 244 -17.67 -12.46 0.27
C PHE B 244 -18.76 -11.49 0.71
N LEU B 245 -19.93 -11.57 0.12
CA LEU B 245 -20.97 -10.57 0.22
C LEU B 245 -21.31 -10.12 1.64
N PRO B 246 -21.45 -11.02 2.62
CA PRO B 246 -21.69 -10.55 3.99
C PRO B 246 -20.58 -9.70 4.53
N PHE B 247 -19.39 -9.71 3.93
CA PHE B 247 -18.32 -8.84 4.34
C PHE B 247 -18.28 -7.55 3.55
N LEU B 248 -18.65 -7.58 2.27
CA LEU B 248 -18.77 -6.33 1.54
C LEU B 248 -19.88 -5.46 2.11
N ILE B 249 -20.94 -6.07 2.62
CA ILE B 249 -21.99 -5.28 3.26
C ILE B 249 -21.43 -4.54 4.46
N ILE B 250 -20.65 -5.23 5.28
CA ILE B 250 -20.08 -4.61 6.48
C ILE B 250 -19.12 -3.50 6.09
N ASP B 251 -18.25 -3.75 5.12
CA ASP B 251 -17.35 -2.71 4.64
C ASP B 251 -18.11 -1.48 4.19
N LEU B 252 -19.12 -1.64 3.34
CA LEU B 252 -19.85 -0.52 2.78
C LEU B 252 -20.79 0.16 3.78
N VAL B 253 -21.16 -0.51 4.86
CA VAL B 253 -21.98 0.14 5.87
C VAL B 253 -21.12 0.94 6.84
N VAL B 254 -19.97 0.39 7.23
CA VAL B 254 -19.07 1.14 8.09
C VAL B 254 -18.50 2.34 7.35
N ALA B 255 -18.05 2.14 6.11
CA ALA B 255 -17.50 3.23 5.33
C ALA B 255 -18.52 4.29 5.01
N SER B 256 -19.80 4.02 5.22
CA SER B 256 -20.85 5.01 5.03
C SER B 256 -21.25 5.69 6.31
N VAL B 257 -21.30 4.97 7.42
CA VAL B 257 -21.54 5.61 8.71
C VAL B 257 -20.42 6.60 9.02
N LEU B 258 -19.17 6.20 8.78
CA LEU B 258 -18.05 7.10 9.03
C LEU B 258 -18.17 8.37 8.19
N MET B 259 -18.45 8.24 6.91
CA MET B 259 -18.54 9.41 6.04
C MET B 259 -19.76 10.26 6.39
N ALA B 260 -20.84 9.64 6.87
CA ALA B 260 -21.99 10.42 7.26
C ALA B 260 -21.69 11.27 8.48
N MET B 261 -21.01 10.70 9.48
CA MET B 261 -20.61 11.50 10.62
C MET B 261 -19.66 12.61 10.24
N GLY B 262 -18.89 12.42 9.18
CA GLY B 262 -18.03 13.45 8.64
C GLY B 262 -16.58 13.06 8.47
N MET B 263 -16.19 11.86 8.87
CA MET B 263 -14.79 11.47 8.97
C MET B 263 -14.33 10.85 7.66
N MET B 264 -13.86 11.69 6.73
CA MET B 264 -13.29 11.17 5.50
C MET B 264 -12.11 10.25 5.76
N MET B 265 -11.27 10.60 6.74
CA MET B 265 -10.19 9.74 7.20
C MET B 265 -10.75 8.71 8.15
N LEU B 266 -9.90 8.06 8.94
CA LEU B 266 -10.30 6.91 9.73
C LEU B 266 -10.74 5.78 8.79
N SER B 267 -9.75 5.22 8.13
CA SER B 267 -9.96 4.11 7.22
C SER B 267 -10.96 3.11 7.81
N PRO B 268 -11.96 2.70 7.04
CA PRO B 268 -12.91 1.70 7.56
C PRO B 268 -12.28 0.36 7.89
N MET B 269 -11.19 -0.01 7.24
CA MET B 269 -10.71 -1.38 7.36
C MET B 269 -10.27 -1.72 8.77
N ILE B 270 -9.92 -0.72 9.57
CA ILE B 270 -9.57 -1.00 10.95
C ILE B 270 -10.82 -0.95 11.83
N VAL B 271 -11.72 -0.01 11.56
CA VAL B 271 -12.94 0.07 12.35
C VAL B 271 -13.95 -0.99 11.94
N SER B 272 -13.87 -1.47 10.71
CA SER B 272 -14.76 -2.54 10.28
C SER B 272 -14.13 -3.90 10.33
N LEU B 273 -12.99 -4.05 10.98
CA LEU B 273 -12.39 -5.37 11.13
C LEU B 273 -13.00 -6.11 12.32
N PRO B 274 -13.21 -5.48 13.47
CA PRO B 274 -13.89 -6.21 14.55
C PRO B 274 -15.29 -6.63 14.20
N PHE B 275 -16.01 -5.88 13.38
CA PHE B 275 -17.34 -6.30 12.99
C PHE B 275 -17.31 -7.55 12.13
N LYS B 276 -16.35 -7.63 11.22
CA LYS B 276 -16.20 -8.83 10.42
C LYS B 276 -15.75 -10.02 11.27
N LEU B 277 -14.83 -9.80 12.21
CA LEU B 277 -14.46 -10.86 13.13
C LEU B 277 -15.62 -11.30 14.01
N MET B 278 -16.53 -10.38 14.35
CA MET B 278 -17.71 -10.78 15.11
C MET B 278 -18.62 -11.63 14.25
N LEU B 279 -19.00 -11.12 13.08
CA LEU B 279 -19.91 -11.85 12.21
C LEU B 279 -19.37 -13.23 11.90
N PHE B 280 -18.06 -13.35 11.73
CA PHE B 280 -17.47 -14.63 11.36
C PHE B 280 -17.40 -15.59 12.55
N VAL B 281 -17.83 -15.17 13.73
CA VAL B 281 -17.95 -16.05 14.87
C VAL B 281 -19.40 -16.32 15.21
N LEU B 282 -20.27 -15.34 15.02
CA LEU B 282 -21.69 -15.55 15.23
C LEU B 282 -22.26 -16.59 14.27
N VAL B 283 -21.78 -16.63 13.04
CA VAL B 283 -22.31 -17.54 12.04
C VAL B 283 -21.54 -18.85 12.08
N ASP B 284 -20.75 -19.03 13.13
CA ASP B 284 -19.96 -20.24 13.39
C ASP B 284 -18.77 -20.32 12.45
N GLY B 285 -18.72 -19.44 11.45
CA GLY B 285 -17.51 -19.20 10.69
C GLY B 285 -16.84 -20.41 10.08
N TRP B 286 -15.66 -20.75 10.59
CA TRP B 286 -14.88 -21.83 10.02
C TRP B 286 -15.58 -23.17 10.09
N ASN B 287 -16.63 -23.31 10.88
CA ASN B 287 -17.37 -24.55 10.92
C ASN B 287 -18.40 -24.64 9.81
N LEU B 288 -18.88 -23.51 9.30
CA LEU B 288 -19.78 -23.52 8.15
C LEU B 288 -19.01 -23.62 6.84
N ILE B 289 -17.95 -22.86 6.70
CA ILE B 289 -17.24 -22.78 5.43
C ILE B 289 -16.41 -24.02 5.20
N LEU B 290 -15.69 -24.48 6.22
CA LEU B 290 -14.92 -25.71 6.06
C LEU B 290 -15.79 -26.96 6.10
N SER B 291 -17.10 -26.82 6.26
CA SER B 291 -18.00 -27.94 6.09
C SER B 291 -18.72 -27.93 4.76
N THR B 292 -19.10 -26.77 4.26
CA THR B 292 -19.60 -26.70 2.90
C THR B 292 -18.50 -26.70 1.86
N LEU B 293 -17.24 -26.63 2.28
CA LEU B 293 -16.13 -26.97 1.41
C LEU B 293 -15.82 -28.45 1.45
N ALA B 294 -16.47 -29.19 2.33
CA ALA B 294 -16.32 -30.62 2.42
C ALA B 294 -17.56 -31.36 1.97
N GLY B 295 -18.73 -30.78 2.19
CA GLY B 295 -19.94 -31.25 1.58
C GLY B 295 -20.11 -30.80 0.16
N SER B 296 -19.17 -30.00 -0.34
CA SER B 296 -19.20 -29.58 -1.73
C SER B 296 -18.84 -30.74 -2.64
N PHE B 297 -17.97 -31.63 -2.19
CA PHE B 297 -17.52 -32.75 -3.01
C PHE B 297 -18.44 -33.94 -2.82
N ALA B 298 -18.99 -34.44 -3.93
CA ALA B 298 -19.97 -35.52 -3.84
C ALA B 298 -19.37 -36.77 -3.23
N LEU B 299 -18.05 -36.90 -3.27
CA LEU B 299 -17.36 -38.01 -2.63
C LEU B 299 -17.55 -37.97 -1.11
N THR C 104 8.63 -34.45 -2.58
CA THR C 104 7.32 -33.80 -2.64
C THR C 104 6.89 -33.32 -1.26
N MET C 105 6.67 -34.26 -0.35
CA MET C 105 6.17 -33.95 0.99
C MET C 105 7.30 -33.52 1.92
N LEU C 106 8.10 -32.56 1.46
CA LEU C 106 9.14 -31.95 2.27
C LEU C 106 9.00 -30.44 2.38
N GLY C 107 8.37 -29.79 1.41
CA GLY C 107 8.00 -28.39 1.50
C GLY C 107 6.65 -28.15 2.13
N PHE C 108 5.94 -29.22 2.49
CA PHE C 108 4.67 -29.11 3.18
C PHE C 108 4.75 -29.51 4.65
N LEU C 109 5.83 -30.15 5.09
CA LEU C 109 5.98 -30.45 6.50
C LEU C 109 6.01 -29.20 7.39
N PRO C 110 6.71 -28.12 7.06
CA PRO C 110 6.65 -26.92 7.91
C PRO C 110 5.27 -26.28 7.93
N ALA C 111 4.32 -26.78 7.16
CA ALA C 111 2.95 -26.31 7.20
C ALA C 111 2.02 -27.23 7.97
N MET C 112 2.39 -28.48 8.15
CA MET C 112 1.56 -29.42 8.89
C MET C 112 2.03 -29.63 10.33
N VAL C 113 3.33 -29.57 10.58
CA VAL C 113 3.78 -29.72 11.96
C VAL C 113 3.31 -28.55 12.81
N ILE C 114 3.29 -27.34 12.25
CA ILE C 114 2.85 -26.17 13.02
C ILE C 114 1.35 -26.07 13.14
N LEU C 115 0.60 -26.86 12.39
CA LEU C 115 -0.84 -26.92 12.60
C LEU C 115 -1.24 -28.05 13.53
N MET C 116 -0.48 -29.15 13.55
CA MET C 116 -0.72 -30.19 14.55
C MET C 116 -0.55 -29.64 15.95
N THR C 117 0.29 -28.64 16.12
CA THR C 117 0.53 -28.00 17.40
C THR C 117 -0.28 -26.72 17.53
N SER C 118 -0.13 -26.05 18.66
CA SER C 118 -0.89 -24.83 18.95
C SER C 118 -0.06 -23.59 18.61
N PHE C 119 0.12 -23.39 17.31
CA PHE C 119 0.93 -22.29 16.81
C PHE C 119 0.13 -21.23 16.10
N THR C 120 -0.99 -21.59 15.48
CA THR C 120 -1.70 -20.63 14.64
C THR C 120 -2.59 -19.71 15.46
N ARG C 121 -3.05 -20.17 16.62
CA ARG C 121 -3.83 -19.29 17.48
C ARG C 121 -3.00 -18.08 17.89
N ILE C 122 -1.77 -18.31 18.31
CA ILE C 122 -0.91 -17.20 18.73
C ILE C 122 -0.61 -16.27 17.57
N VAL C 123 -0.32 -16.80 16.38
CA VAL C 123 0.01 -15.93 15.26
C VAL C 123 -1.20 -15.10 14.85
N VAL C 124 -2.38 -15.71 14.77
CA VAL C 124 -3.55 -14.96 14.38
C VAL C 124 -3.87 -13.90 15.41
N VAL C 125 -3.75 -14.23 16.71
CA VAL C 125 -4.06 -13.26 17.74
C VAL C 125 -3.08 -12.10 17.70
N MET C 126 -1.79 -12.38 17.57
CA MET C 126 -0.82 -11.31 17.59
C MET C 126 -0.84 -10.47 16.32
N SER C 127 -1.22 -11.05 15.19
CA SER C 127 -1.37 -10.23 13.99
C SER C 127 -2.64 -9.40 14.00
N ILE C 128 -3.74 -9.92 14.54
CA ILE C 128 -4.90 -9.07 14.76
C ILE C 128 -4.55 -7.94 15.72
N LEU C 129 -3.73 -8.22 16.73
CA LEU C 129 -3.26 -7.17 17.64
C LEU C 129 -2.48 -6.11 16.88
N ARG C 130 -1.48 -6.54 16.10
CA ARG C 130 -0.67 -5.60 15.31
C ARG C 130 -1.54 -4.75 14.41
N GLN C 131 -2.61 -5.33 13.86
CA GLN C 131 -3.54 -4.54 13.08
C GLN C 131 -4.34 -3.59 13.95
N ALA C 132 -4.60 -3.97 15.19
CA ALA C 132 -5.39 -3.15 16.09
C ALA C 132 -4.62 -1.92 16.52
N MET C 133 -3.30 -2.04 16.64
CA MET C 133 -2.48 -0.88 17.00
C MET C 133 -2.58 0.22 15.95
N GLY C 134 -3.21 -0.06 14.83
CA GLY C 134 -3.20 0.87 13.72
C GLY C 134 -1.83 1.21 13.23
N LEU C 135 -0.82 0.46 13.63
CA LEU C 135 0.57 0.77 13.37
C LEU C 135 1.07 -0.20 12.32
N GLN C 136 1.52 0.33 11.18
CA GLN C 136 2.18 -0.52 10.18
C GLN C 136 3.21 -1.39 10.88
N GLN C 137 3.51 -2.54 10.31
CA GLN C 137 3.73 -3.77 11.08
C GLN C 137 4.55 -3.48 12.34
N THR C 138 5.85 -3.29 12.23
CA THR C 138 6.90 -3.07 13.23
C THR C 138 6.78 -3.84 14.54
N PRO C 139 6.17 -5.03 14.59
CA PRO C 139 6.96 -6.25 14.75
C PRO C 139 7.08 -6.90 13.38
N SER C 140 8.26 -7.41 13.07
CA SER C 140 8.35 -8.08 11.79
C SER C 140 7.49 -9.33 11.83
N ASN C 141 7.01 -9.75 10.64
CA ASN C 141 6.39 -11.06 10.57
C ASN C 141 7.30 -12.12 11.16
N GLN C 142 8.62 -11.95 10.97
CA GLN C 142 9.56 -12.85 11.61
C GLN C 142 9.47 -12.75 13.12
N VAL C 143 9.22 -11.56 13.66
CA VAL C 143 9.12 -11.41 15.11
C VAL C 143 7.86 -12.08 15.64
N ILE C 144 6.74 -11.88 14.95
CA ILE C 144 5.49 -12.52 15.34
C ILE C 144 5.63 -14.04 15.30
N ILE C 145 6.13 -14.56 14.18
CA ILE C 145 6.38 -15.98 14.02
C ILE C 145 7.39 -16.52 15.01
N GLY C 146 8.34 -15.70 15.45
CA GLY C 146 9.34 -16.18 16.38
C GLY C 146 8.82 -16.25 17.80
N ILE C 147 8.11 -15.23 18.23
CA ILE C 147 7.55 -15.30 19.58
C ILE C 147 6.44 -16.34 19.64
N ALA C 148 5.75 -16.58 18.52
CA ALA C 148 4.81 -17.69 18.48
C ALA C 148 5.52 -19.03 18.56
N LEU C 149 6.64 -19.20 17.88
CA LEU C 149 7.38 -20.45 17.97
C LEU C 149 7.92 -20.68 19.37
N PHE C 150 8.33 -19.63 20.06
CA PHE C 150 8.80 -19.80 21.43
C PHE C 150 7.66 -20.11 22.38
N LEU C 151 6.53 -19.41 22.26
CA LEU C 151 5.36 -19.78 23.02
C LEU C 151 4.87 -21.20 22.72
N THR C 152 5.13 -21.70 21.51
CA THR C 152 4.79 -23.09 21.24
C THR C 152 5.62 -24.05 22.06
N PHE C 153 6.93 -23.86 22.13
CA PHE C 153 7.76 -24.69 22.99
C PHE C 153 7.44 -24.46 24.46
N PHE C 154 6.95 -23.28 24.80
CA PHE C 154 6.54 -22.94 26.15
C PHE C 154 5.23 -23.58 26.56
N ILE C 155 4.33 -23.82 25.62
CA ILE C 155 3.03 -24.39 25.91
C ILE C 155 3.02 -25.89 25.75
N MET C 156 3.49 -26.40 24.61
CA MET C 156 3.44 -27.82 24.34
C MET C 156 4.54 -28.59 25.05
N ALA C 157 5.25 -27.97 25.99
CA ALA C 157 6.31 -28.64 26.74
C ALA C 157 5.82 -29.94 27.39
N PRO C 158 4.64 -29.98 28.01
CA PRO C 158 4.15 -31.27 28.53
C PRO C 158 3.99 -32.34 27.47
N VAL C 159 3.92 -31.96 26.20
CA VAL C 159 3.79 -32.94 25.13
C VAL C 159 5.13 -33.22 24.47
N PHE C 160 5.99 -32.21 24.35
CA PHE C 160 7.31 -32.44 23.79
C PHE C 160 8.17 -33.27 24.73
N ASN C 161 8.02 -33.04 26.03
CA ASN C 161 8.72 -33.77 27.08
C ASN C 161 8.24 -35.17 27.23
N GLN C 162 7.24 -35.53 26.44
CA GLN C 162 6.81 -36.91 26.31
C GLN C 162 7.10 -37.50 24.94
N ILE C 163 7.09 -36.68 23.89
CA ILE C 163 7.55 -37.13 22.60
C ILE C 163 9.02 -37.53 22.66
N ASN C 164 9.84 -36.68 23.26
CA ASN C 164 11.26 -36.99 23.37
C ASN C 164 11.51 -38.09 24.40
N GLU C 165 10.66 -38.18 25.42
CA GLU C 165 10.89 -39.13 26.50
C GLU C 165 10.48 -40.55 26.09
N GLN C 166 9.31 -40.69 25.47
CA GLN C 166 8.73 -42.00 25.21
C GLN C 166 8.90 -42.48 23.78
N ALA C 167 9.18 -41.60 22.84
CA ALA C 167 9.20 -41.99 21.43
C ALA C 167 10.56 -41.82 20.78
N VAL C 168 11.28 -40.74 21.07
CA VAL C 168 12.52 -40.46 20.35
C VAL C 168 13.71 -41.07 21.07
N GLN C 169 13.80 -40.88 22.38
CA GLN C 169 14.92 -41.44 23.12
C GLN C 169 14.84 -42.97 23.18
N PRO C 170 13.64 -43.57 23.23
CA PRO C 170 13.57 -45.01 22.95
C PRO C 170 13.96 -45.36 21.53
N TYR C 171 13.76 -44.43 20.60
CA TYR C 171 14.25 -44.64 19.24
C TYR C 171 15.76 -44.44 19.17
N LEU C 172 16.37 -43.98 20.26
CA LEU C 172 17.83 -43.91 20.30
C LEU C 172 18.46 -45.28 20.56
N ASN C 173 17.94 -46.03 21.53
CA ASN C 173 18.22 -47.46 21.65
C ASN C 173 17.65 -48.21 20.46
N GLU C 174 16.71 -47.58 19.78
CA GLU C 174 16.14 -47.86 18.46
C GLU C 174 15.14 -49.01 18.54
N GLN C 175 15.34 -50.03 19.37
CA GLN C 175 14.35 -50.96 19.92
C GLN C 175 13.17 -51.37 19.01
N ILE C 176 12.86 -50.54 18.01
CA ILE C 176 11.85 -50.79 16.98
C ILE C 176 11.86 -49.57 16.06
N SER C 177 11.72 -49.78 14.76
CA SER C 177 11.98 -48.72 13.80
C SER C 177 10.69 -48.21 13.20
N ALA C 178 10.48 -46.89 13.31
CA ALA C 178 9.44 -46.17 12.59
C ALA C 178 8.04 -46.73 12.87
N ARG C 179 7.91 -47.43 13.99
CA ARG C 179 6.62 -48.00 14.35
C ARG C 179 6.11 -47.42 15.65
N GLN C 180 6.93 -47.50 16.70
CA GLN C 180 6.53 -46.95 17.98
C GLN C 180 6.49 -45.44 17.95
N ALA C 181 7.36 -44.82 17.14
CA ALA C 181 7.27 -43.38 16.95
C ALA C 181 5.97 -42.99 16.27
N PHE C 182 5.72 -43.53 15.07
CA PHE C 182 4.53 -43.16 14.31
C PHE C 182 3.26 -43.43 15.10
N ASP C 183 3.19 -44.56 15.80
CA ASP C 183 1.99 -44.95 16.52
C ASP C 183 2.03 -44.63 18.00
N LEU C 184 2.99 -43.82 18.45
CA LEU C 184 3.06 -43.41 19.84
C LEU C 184 3.14 -41.91 20.03
N ALA C 185 3.70 -41.17 19.06
CA ALA C 185 3.60 -39.73 19.08
C ALA C 185 2.17 -39.24 18.87
N GLN C 186 1.30 -40.10 18.36
CA GLN C 186 -0.11 -39.71 18.20
C GLN C 186 -0.80 -39.60 19.56
N GLU C 187 -0.38 -40.40 20.53
CA GLU C 187 -1.04 -40.39 21.84
C GLU C 187 -1.01 -39.02 22.50
N PRO C 188 0.14 -38.38 22.71
CA PRO C 188 0.10 -37.05 23.32
C PRO C 188 -0.51 -36.00 22.42
N MET C 189 -0.27 -36.08 21.11
CA MET C 189 -0.88 -35.11 20.19
C MET C 189 -2.40 -35.24 20.18
N LYS C 190 -2.91 -36.46 20.08
CA LYS C 190 -4.36 -36.64 20.15
C LYS C 190 -4.91 -36.18 21.49
N ALA C 191 -4.22 -36.52 22.58
CA ALA C 191 -4.70 -36.13 23.89
C ALA C 191 -4.64 -34.63 24.11
N PHE C 192 -3.77 -33.93 23.38
CA PHE C 192 -3.74 -32.48 23.45
C PHE C 192 -4.85 -31.88 22.61
N MET C 193 -5.00 -32.34 21.37
CA MET C 193 -5.94 -31.73 20.45
C MET C 193 -7.38 -32.05 20.82
N LEU C 194 -7.67 -33.28 21.23
CA LEU C 194 -9.02 -33.64 21.61
C LEU C 194 -9.52 -32.83 22.79
N LYS C 195 -8.61 -32.34 23.64
CA LYS C 195 -8.99 -31.53 24.78
C LYS C 195 -9.33 -30.09 24.41
N GLN C 196 -9.10 -29.69 23.16
CA GLN C 196 -9.28 -28.31 22.77
C GLN C 196 -10.19 -28.11 21.56
N THR C 197 -10.77 -29.18 21.03
CA THR C 197 -11.78 -29.02 20.00
C THR C 197 -13.16 -28.96 20.65
N ARG C 198 -13.97 -28.03 20.18
CA ARG C 198 -15.34 -27.96 20.65
C ARG C 198 -16.12 -29.19 20.17
N ILE C 199 -16.98 -29.70 21.04
CA ILE C 199 -17.78 -30.86 20.68
C ILE C 199 -18.68 -30.54 19.49
N LYS C 200 -19.33 -29.38 19.53
CA LYS C 200 -20.13 -28.93 18.38
C LYS C 200 -19.30 -28.79 17.12
N ASP C 201 -17.99 -28.61 17.26
CA ASP C 201 -17.11 -28.46 16.11
C ASP C 201 -16.55 -29.78 15.60
N LEU C 202 -16.40 -30.78 16.47
CA LEU C 202 -15.90 -32.08 16.05
C LEU C 202 -17.01 -33.00 15.60
N GLU C 203 -18.25 -32.79 16.08
CA GLU C 203 -19.35 -33.60 15.59
C GLU C 203 -19.58 -33.42 14.10
N THR C 204 -19.37 -32.21 13.57
CA THR C 204 -19.58 -32.00 12.15
C THR C 204 -18.58 -32.78 11.33
N PHE C 205 -17.33 -32.79 11.75
CA PHE C 205 -16.32 -33.51 10.97
C PHE C 205 -16.48 -35.02 11.13
N VAL C 206 -17.01 -35.47 12.27
CA VAL C 206 -17.31 -36.90 12.38
C VAL C 206 -18.48 -37.29 11.49
N GLU C 207 -19.53 -36.46 11.45
CA GLU C 207 -20.67 -36.79 10.62
C GLU C 207 -20.35 -36.64 9.13
N MET C 208 -19.33 -35.83 8.80
CA MET C 208 -18.92 -35.73 7.41
C MET C 208 -17.95 -36.85 7.04
N SER C 209 -17.22 -37.38 8.01
CA SER C 209 -16.34 -38.51 7.72
C SER C 209 -17.14 -39.78 7.48
N GLY C 210 -18.36 -39.83 8.00
CA GLY C 210 -19.23 -40.98 7.83
C GLY C 210 -19.07 -42.06 8.88
N SER C 211 -17.99 -42.03 9.65
CA SER C 211 -17.75 -43.02 10.69
C SER C 211 -17.99 -42.36 12.05
N GLN C 212 -19.07 -42.75 12.71
CA GLN C 212 -19.42 -42.24 14.03
C GLN C 212 -19.12 -43.32 15.05
N VAL C 213 -18.31 -42.99 16.05
CA VAL C 213 -17.97 -43.89 17.14
C VAL C 213 -18.44 -43.28 18.44
N THR C 214 -18.80 -44.14 19.39
CA THR C 214 -19.29 -43.64 20.67
C THR C 214 -18.18 -42.94 21.46
N ALA C 215 -16.98 -43.53 21.48
CA ALA C 215 -15.87 -42.96 22.22
C ALA C 215 -15.07 -42.05 21.31
N PRO C 216 -14.92 -40.75 21.64
CA PRO C 216 -14.20 -39.86 20.73
C PRO C 216 -12.71 -40.14 20.64
N GLU C 217 -12.12 -40.70 21.69
CA GLU C 217 -10.69 -40.98 21.70
C GLU C 217 -10.29 -41.90 20.56
N GLN C 218 -11.24 -42.68 20.06
CA GLN C 218 -10.97 -43.60 18.97
C GLN C 218 -11.17 -42.96 17.59
N VAL C 219 -11.31 -41.64 17.52
CA VAL C 219 -11.49 -41.00 16.23
C VAL C 219 -10.16 -40.98 15.48
N SER C 220 -10.24 -40.97 14.15
CA SER C 220 -9.03 -40.95 13.35
C SER C 220 -8.36 -39.59 13.41
N MET C 221 -7.07 -39.56 13.12
CA MET C 221 -6.31 -38.33 13.20
C MET C 221 -6.67 -37.39 12.06
N ALA C 222 -6.91 -37.93 10.87
CA ALA C 222 -7.27 -37.09 9.73
C ALA C 222 -8.63 -36.45 9.94
N VAL C 223 -9.46 -37.02 10.82
CA VAL C 223 -10.72 -36.38 11.16
C VAL C 223 -10.53 -35.40 12.30
N LEU C 224 -9.52 -35.64 13.14
CA LEU C 224 -9.32 -34.83 14.32
C LEU C 224 -8.64 -33.51 14.01
N ILE C 225 -7.63 -33.54 13.13
CA ILE C 225 -6.84 -32.33 12.88
C ILE C 225 -7.65 -31.20 12.26
N PRO C 226 -8.48 -31.43 11.25
CA PRO C 226 -9.33 -30.33 10.77
C PRO C 226 -10.26 -29.77 11.83
N ALA C 227 -10.84 -30.61 12.68
CA ALA C 227 -11.66 -30.09 13.76
C ALA C 227 -10.85 -29.25 14.72
N PHE C 228 -9.60 -29.64 14.95
CA PHE C 228 -8.74 -28.84 15.81
C PHE C 228 -8.43 -27.49 15.19
N ILE C 229 -8.13 -27.46 13.89
CA ILE C 229 -7.88 -26.17 13.24
C ILE C 229 -9.11 -25.30 13.28
N THR C 230 -10.29 -25.88 13.04
CA THR C 230 -11.52 -25.11 13.06
C THR C 230 -11.85 -24.58 14.45
N SER C 231 -11.53 -25.31 15.50
CA SER C 231 -11.75 -24.83 16.86
C SER C 231 -10.63 -23.92 17.34
N GLU C 232 -9.49 -23.92 16.67
CA GLU C 232 -8.40 -23.03 17.02
C GLU C 232 -8.54 -21.67 16.38
N LEU C 233 -8.88 -21.61 15.09
CA LEU C 233 -9.10 -20.32 14.44
C LEU C 233 -10.32 -19.59 14.98
N LYS C 234 -11.36 -20.32 15.39
CA LYS C 234 -12.50 -19.67 16.01
C LYS C 234 -12.10 -18.96 17.30
N THR C 235 -11.36 -19.63 18.18
CA THR C 235 -10.94 -19.00 19.42
C THR C 235 -9.91 -17.91 19.17
N ALA C 236 -9.06 -18.07 18.17
CA ALA C 236 -8.14 -17.00 17.83
C ALA C 236 -8.88 -15.76 17.39
N PHE C 237 -9.91 -15.91 16.57
CA PHE C 237 -10.70 -14.74 16.19
C PHE C 237 -11.47 -14.15 17.36
N GLN C 238 -12.01 -14.97 18.26
CA GLN C 238 -12.69 -14.44 19.44
C GLN C 238 -11.73 -13.65 20.33
N ILE C 239 -10.53 -14.17 20.56
CA ILE C 239 -9.55 -13.47 21.38
C ILE C 239 -9.13 -12.17 20.71
N GLY C 240 -8.80 -12.22 19.42
CA GLY C 240 -8.43 -11.01 18.71
C GLY C 240 -9.53 -9.99 18.69
N PHE C 241 -10.78 -10.40 18.55
CA PHE C 241 -11.88 -9.46 18.58
C PHE C 241 -12.09 -8.87 19.96
N MET C 242 -11.90 -9.67 21.02
CA MET C 242 -11.94 -9.11 22.36
C MET C 242 -10.89 -8.02 22.51
N LEU C 243 -9.64 -8.32 22.18
CA LEU C 243 -8.56 -7.36 22.35
C LEU C 243 -8.65 -6.18 21.40
N PHE C 244 -9.40 -6.29 20.31
CA PHE C 244 -9.44 -5.19 19.37
C PHE C 244 -10.20 -3.98 19.91
N LEU C 245 -11.23 -4.20 20.70
CA LEU C 245 -12.18 -3.17 21.12
C LEU C 245 -11.54 -2.00 21.88
N PRO C 246 -10.61 -2.24 22.80
CA PRO C 246 -9.94 -1.08 23.43
C PRO C 246 -9.18 -0.23 22.45
N PHE C 247 -8.68 -0.80 21.37
CA PHE C 247 -7.98 -0.05 20.34
C PHE C 247 -8.91 0.47 19.29
N LEU C 248 -10.20 0.27 19.45
CA LEU C 248 -11.21 0.90 18.61
C LEU C 248 -11.91 2.05 19.30
N ILE C 249 -12.08 1.96 20.61
CA ILE C 249 -12.59 3.09 21.36
C ILE C 249 -11.66 4.30 21.20
N ILE C 250 -10.35 4.06 21.20
CA ILE C 250 -9.40 5.14 21.03
C ILE C 250 -9.49 5.70 19.63
N ASP C 251 -9.57 4.84 18.62
CA ASP C 251 -9.78 5.29 17.24
C ASP C 251 -10.96 6.24 17.15
N LEU C 252 -12.12 5.82 17.64
CA LEU C 252 -13.33 6.62 17.50
C LEU C 252 -13.32 7.87 18.36
N VAL C 253 -12.76 7.81 19.57
CA VAL C 253 -12.66 9.00 20.40
C VAL C 253 -11.74 10.03 19.77
N VAL C 254 -10.58 9.60 19.26
CA VAL C 254 -9.67 10.54 18.64
C VAL C 254 -10.26 11.11 17.37
N ALA C 255 -10.87 10.27 16.54
CA ALA C 255 -11.49 10.76 15.31
C ALA C 255 -12.61 11.76 15.61
N SER C 256 -13.42 11.51 16.63
CA SER C 256 -14.48 12.43 16.98
C SER C 256 -13.96 13.72 17.57
N VAL C 257 -12.94 13.66 18.43
CA VAL C 257 -12.37 14.88 18.98
C VAL C 257 -11.79 15.73 17.88
N LEU C 258 -11.15 15.11 16.90
CA LEU C 258 -10.59 15.87 15.79
C LEU C 258 -11.69 16.45 14.92
N MET C 259 -12.68 15.65 14.54
CA MET C 259 -13.72 16.14 13.66
C MET C 259 -14.61 17.18 14.33
N ALA C 260 -14.69 17.18 15.66
CA ALA C 260 -15.48 18.21 16.33
C ALA C 260 -14.86 19.58 16.15
N MET C 261 -13.53 19.65 16.12
CA MET C 261 -12.80 20.89 15.92
C MET C 261 -12.80 21.33 14.47
N GLY C 262 -13.29 20.50 13.56
CA GLY C 262 -13.21 20.75 12.15
C GLY C 262 -11.94 20.25 11.50
N MET C 263 -10.97 19.80 12.29
CA MET C 263 -9.67 19.37 11.76
C MET C 263 -9.90 18.10 10.96
N MET C 264 -10.42 18.28 9.75
CA MET C 264 -10.91 17.20 8.92
C MET C 264 -9.83 16.45 8.15
N MET C 265 -8.64 17.03 8.01
CA MET C 265 -7.58 16.36 7.27
C MET C 265 -6.48 15.81 8.18
N LEU C 266 -6.76 15.55 9.44
CA LEU C 266 -5.70 15.09 10.33
C LEU C 266 -5.44 13.60 10.28
N SER C 267 -6.28 12.80 9.65
CA SER C 267 -6.07 11.37 9.65
C SER C 267 -5.95 10.85 11.07
N PRO C 268 -7.03 10.70 11.79
CA PRO C 268 -6.94 10.32 13.20
C PRO C 268 -6.44 8.88 13.38
N MET C 269 -5.32 8.59 12.73
CA MET C 269 -4.71 7.28 12.79
C MET C 269 -3.26 7.45 13.22
N ILE C 270 -2.71 8.63 12.95
CA ILE C 270 -1.36 8.94 13.39
C ILE C 270 -1.38 9.66 14.73
N VAL C 271 -2.42 10.45 14.97
CA VAL C 271 -2.55 11.11 16.26
C VAL C 271 -3.03 10.14 17.33
N SER C 272 -3.76 9.10 16.93
CA SER C 272 -4.23 8.09 17.86
C SER C 272 -3.21 7.01 18.11
N LEU C 273 -2.12 6.98 17.37
CA LEU C 273 -1.07 5.99 17.55
C LEU C 273 -0.37 6.17 18.89
N PRO C 274 -0.04 7.39 19.33
CA PRO C 274 0.52 7.52 20.69
C PRO C 274 -0.43 7.06 21.78
N PHE C 275 -1.72 7.29 21.62
CA PHE C 275 -2.66 6.87 22.65
C PHE C 275 -2.78 5.36 22.69
N LYS C 276 -2.78 4.70 21.53
CA LYS C 276 -2.78 3.25 21.55
C LYS C 276 -1.48 2.69 22.12
N LEU C 277 -0.36 3.30 21.77
CA LEU C 277 0.94 2.88 22.28
C LEU C 277 1.03 3.08 23.79
N MET C 278 0.34 4.09 24.31
CA MET C 278 0.22 4.25 25.76
C MET C 278 -0.65 3.17 26.36
N LEU C 279 -1.90 3.05 25.89
CA LEU C 279 -2.82 2.07 26.46
C LEU C 279 -2.25 0.68 26.45
N PHE C 280 -1.37 0.37 25.51
CA PHE C 280 -0.78 -0.95 25.54
C PHE C 280 0.22 -1.09 26.67
N VAL C 281 0.92 -0.02 27.01
CA VAL C 281 1.94 -0.09 28.06
C VAL C 281 1.30 0.00 29.44
N LEU C 282 0.21 0.76 29.55
CA LEU C 282 -0.46 0.91 30.83
C LEU C 282 -1.02 -0.42 31.32
N VAL C 283 -1.64 -1.19 30.42
CA VAL C 283 -2.28 -2.42 30.82
C VAL C 283 -1.32 -3.60 30.78
N ASP C 284 -0.02 -3.34 30.70
CA ASP C 284 1.07 -4.30 30.70
C ASP C 284 1.14 -5.04 29.38
N GLY C 285 0.14 -4.92 28.53
CA GLY C 285 0.29 -5.35 27.15
C GLY C 285 0.70 -6.80 27.03
N TRP C 286 1.98 -6.99 26.73
CA TRP C 286 2.46 -8.29 26.28
C TRP C 286 2.33 -9.34 27.36
N ASN C 287 2.39 -8.94 28.63
CA ASN C 287 2.19 -9.92 29.68
C ASN C 287 0.74 -10.39 29.74
N LEU C 288 -0.21 -9.45 29.78
CA LEU C 288 -1.60 -9.85 29.79
C LEU C 288 -1.94 -10.70 28.58
N ILE C 289 -1.55 -10.26 27.40
CA ILE C 289 -2.00 -10.92 26.18
C ILE C 289 -1.26 -12.23 25.95
N LEU C 290 0.05 -12.27 26.15
CA LEU C 290 0.77 -13.53 26.06
C LEU C 290 0.68 -14.36 27.32
N SER C 291 -0.14 -13.97 28.29
CA SER C 291 -0.44 -14.83 29.42
C SER C 291 -1.88 -15.33 29.43
N THR C 292 -2.79 -14.65 28.74
CA THR C 292 -4.08 -15.25 28.43
C THR C 292 -3.98 -16.17 27.24
N LEU C 293 -3.06 -15.91 26.31
CA LEU C 293 -2.81 -16.84 25.23
C LEU C 293 -2.22 -18.13 25.76
N ALA C 294 -1.23 -18.02 26.65
CA ALA C 294 -0.59 -19.21 27.18
C ALA C 294 -1.49 -19.94 28.17
N GLY C 295 -2.40 -19.22 28.82
CA GLY C 295 -3.33 -19.81 29.74
C GLY C 295 -4.62 -20.26 29.13
N SER C 296 -4.82 -20.04 27.83
CA SER C 296 -6.02 -20.51 27.17
C SER C 296 -5.98 -22.00 26.88
N PHE C 297 -4.78 -22.58 26.81
CA PHE C 297 -4.63 -24.01 26.55
C PHE C 297 -4.69 -24.80 27.85
N ALA C 298 -5.84 -24.71 28.52
CA ALA C 298 -6.02 -25.40 29.78
C ALA C 298 -6.17 -26.90 29.57
N LEU C 299 -5.32 -27.67 30.24
CA LEU C 299 -5.32 -29.12 30.10
C LEU C 299 -4.90 -29.79 31.40
N LEU D 106 13.43 -24.10 7.96
CA LEU D 106 14.37 -23.35 7.13
C LEU D 106 14.08 -21.86 7.18
N GLY D 107 12.80 -21.51 7.28
CA GLY D 107 12.40 -20.12 7.36
C GLY D 107 12.07 -19.71 8.78
N PHE D 108 11.83 -20.70 9.64
CA PHE D 108 11.57 -20.40 11.05
C PHE D 108 12.86 -20.08 11.79
N LEU D 109 13.95 -20.76 11.46
CA LEU D 109 15.20 -20.59 12.20
C LEU D 109 15.82 -19.20 12.07
N PRO D 110 15.84 -18.54 10.90
CA PRO D 110 16.52 -17.23 10.84
C PRO D 110 15.95 -16.19 11.77
N ALA D 111 14.65 -16.26 12.09
CA ALA D 111 14.06 -15.31 13.02
C ALA D 111 14.51 -15.58 14.46
N MET D 112 15.00 -16.78 14.74
CA MET D 112 15.33 -17.14 16.11
C MET D 112 16.55 -16.37 16.60
N VAL D 113 17.61 -16.32 15.81
CA VAL D 113 18.79 -15.59 16.25
C VAL D 113 18.54 -14.09 16.23
N ILE D 114 17.59 -13.64 15.41
CA ILE D 114 17.19 -12.25 15.43
C ILE D 114 16.49 -11.91 16.74
N LEU D 115 15.60 -12.80 17.18
CA LEU D 115 14.85 -12.55 18.41
C LEU D 115 15.75 -12.69 19.63
N MET D 116 16.73 -13.59 19.56
CA MET D 116 17.60 -13.83 20.71
C MET D 116 18.40 -12.58 21.06
N THR D 117 18.98 -11.93 20.07
CA THR D 117 19.70 -10.69 20.30
C THR D 117 18.73 -9.53 20.46
N SER D 118 19.27 -8.38 20.85
CA SER D 118 18.46 -7.19 21.08
C SER D 118 18.38 -6.38 19.79
N PHE D 119 17.96 -7.07 18.74
CA PHE D 119 17.72 -6.48 17.43
C PHE D 119 16.31 -5.96 17.30
N THR D 120 15.36 -6.52 18.04
CA THR D 120 13.96 -6.17 17.87
C THR D 120 13.65 -4.81 18.48
N ARG D 121 14.26 -4.49 19.62
CA ARG D 121 14.03 -3.19 20.25
C ARG D 121 14.39 -2.07 19.30
N ILE D 122 15.56 -2.17 18.66
CA ILE D 122 16.01 -1.12 17.78
C ILE D 122 15.09 -0.95 16.58
N VAL D 123 14.65 -2.06 15.98
CA VAL D 123 13.80 -1.95 14.80
C VAL D 123 12.44 -1.41 15.17
N VAL D 124 11.85 -1.88 16.27
CA VAL D 124 10.54 -1.38 16.67
C VAL D 124 10.61 0.10 17.00
N VAL D 125 11.66 0.55 17.70
CA VAL D 125 11.74 1.97 18.03
C VAL D 125 11.95 2.80 16.79
N MET D 126 12.89 2.41 15.93
CA MET D 126 13.13 3.20 14.74
C MET D 126 11.97 3.18 13.76
N SER D 127 11.16 2.13 13.77
CA SER D 127 9.99 2.11 12.89
C SER D 127 8.83 2.92 13.44
N ILE D 128 8.58 2.85 14.75
CA ILE D 128 7.64 3.79 15.36
C ILE D 128 8.09 5.22 15.13
N LEU D 129 9.40 5.45 15.12
CA LEU D 129 9.92 6.78 14.86
C LEU D 129 9.66 7.21 13.43
N ARG D 130 9.92 6.32 12.48
CA ARG D 130 9.63 6.61 11.08
C ARG D 130 8.16 6.96 10.89
N GLN D 131 7.29 6.24 11.59
CA GLN D 131 5.87 6.56 11.51
C GLN D 131 5.57 7.92 12.14
N ALA D 132 6.27 8.26 13.21
CA ALA D 132 6.07 9.56 13.84
C ALA D 132 6.44 10.69 12.90
N MET D 133 7.58 10.57 12.23
CA MET D 133 8.06 11.66 11.38
C MET D 133 7.19 11.86 10.15
N GLY D 134 6.26 10.96 9.90
CA GLY D 134 5.37 11.10 8.78
C GLY D 134 5.97 10.76 7.44
N LEU D 135 7.17 10.19 7.43
CA LEU D 135 7.80 9.80 6.18
C LEU D 135 7.27 8.47 5.72
N GLN D 136 6.95 8.37 4.42
CA GLN D 136 6.48 7.13 3.82
C GLN D 136 7.70 6.36 3.36
N GLN D 137 8.20 5.49 4.23
CA GLN D 137 9.37 4.64 3.95
C GLN D 137 10.56 5.46 3.48
N THR D 138 10.64 6.72 3.94
CA THR D 138 11.76 7.55 3.53
C THR D 138 13.07 7.02 4.10
N PRO D 139 13.18 6.68 5.39
CA PRO D 139 14.13 5.64 5.76
C PRO D 139 13.49 4.30 5.45
N SER D 140 13.89 3.70 4.34
CA SER D 140 13.23 2.50 3.87
C SER D 140 13.41 1.38 4.87
N ASN D 141 12.64 0.31 4.69
CA ASN D 141 12.78 -0.83 5.60
C ASN D 141 14.20 -1.37 5.58
N GLN D 142 14.76 -1.57 4.38
CA GLN D 142 16.07 -2.20 4.27
C GLN D 142 17.14 -1.42 5.01
N VAL D 143 17.14 -0.09 4.91
CA VAL D 143 18.12 0.68 5.65
C VAL D 143 17.86 0.67 7.15
N ILE D 144 16.60 0.52 7.58
CA ILE D 144 16.34 0.38 9.01
C ILE D 144 16.93 -0.93 9.53
N ILE D 145 16.74 -2.02 8.78
CA ILE D 145 17.36 -3.28 9.17
C ILE D 145 18.88 -3.17 9.15
N GLY D 146 19.44 -2.44 8.20
CA GLY D 146 20.88 -2.25 8.19
C GLY D 146 21.39 -1.49 9.40
N ILE D 147 20.71 -0.40 9.74
CA ILE D 147 21.08 0.40 10.90
C ILE D 147 21.00 -0.46 12.16
N ALA D 148 19.90 -1.21 12.30
CA ALA D 148 19.74 -2.06 13.48
C ALA D 148 20.78 -3.15 13.52
N LEU D 149 21.20 -3.67 12.36
CA LEU D 149 22.25 -4.67 12.32
C LEU D 149 23.58 -4.13 12.77
N PHE D 150 23.94 -2.93 12.34
CA PHE D 150 25.19 -2.33 12.81
C PHE D 150 25.12 -1.96 14.29
N LEU D 151 24.00 -1.39 14.73
CA LEU D 151 23.84 -1.12 16.15
C LEU D 151 23.86 -2.39 16.97
N THR D 152 23.44 -3.52 16.39
CA THR D 152 23.56 -4.77 17.11
C THR D 152 24.99 -5.29 17.13
N PHE D 153 25.70 -5.20 16.02
CA PHE D 153 27.14 -5.50 16.01
C PHE D 153 27.91 -4.61 16.94
N PHE D 154 27.36 -3.46 17.32
CA PHE D 154 27.98 -2.57 18.28
C PHE D 154 27.59 -2.88 19.72
N ILE D 155 26.31 -3.09 20.01
CA ILE D 155 25.90 -3.42 21.37
C ILE D 155 26.41 -4.81 21.74
N MET D 156 26.32 -5.76 20.81
CA MET D 156 26.73 -7.11 21.08
C MET D 156 28.23 -7.32 20.93
N ALA D 157 28.97 -6.28 20.58
CA ALA D 157 30.42 -6.41 20.47
C ALA D 157 31.05 -7.02 21.72
N PRO D 158 30.64 -6.70 22.95
CA PRO D 158 31.14 -7.47 24.10
C PRO D 158 30.73 -8.93 24.07
N VAL D 159 29.46 -9.22 23.81
CA VAL D 159 29.00 -10.60 23.83
C VAL D 159 29.65 -11.38 22.68
N PHE D 160 29.79 -10.74 21.52
CA PHE D 160 30.44 -11.41 20.41
C PHE D 160 31.94 -11.58 20.62
N ASN D 161 32.59 -10.65 21.31
CA ASN D 161 33.98 -10.87 21.70
C ASN D 161 34.09 -12.04 22.65
N GLN D 162 33.16 -12.16 23.60
CA GLN D 162 33.20 -13.26 24.54
C GLN D 162 32.95 -14.61 23.87
N ILE D 163 32.05 -14.66 22.88
CA ILE D 163 31.83 -15.93 22.20
C ILE D 163 32.94 -16.21 21.19
N ASN D 164 33.61 -15.18 20.70
CA ASN D 164 34.81 -15.35 19.88
C ASN D 164 35.98 -15.84 20.69
N GLU D 165 35.99 -15.56 21.99
CA GLU D 165 37.03 -16.06 22.89
C GLU D 165 36.70 -17.39 23.54
N GLN D 166 35.43 -17.75 23.67
CA GLN D 166 35.06 -18.96 24.40
C GLN D 166 34.44 -20.05 23.54
N ALA D 167 33.83 -19.71 22.41
CA ALA D 167 33.12 -20.69 21.61
C ALA D 167 33.58 -20.82 20.18
N VAL D 168 34.32 -19.84 19.64
CA VAL D 168 34.72 -19.83 18.24
C VAL D 168 36.18 -20.22 18.07
N GLN D 169 37.09 -19.46 18.67
CA GLN D 169 38.49 -19.86 18.64
C GLN D 169 38.73 -21.21 19.33
N PRO D 170 38.15 -21.51 20.49
CA PRO D 170 38.35 -22.85 21.07
C PRO D 170 37.74 -23.97 20.25
N TYR D 171 37.01 -23.66 19.19
CA TYR D 171 36.50 -24.70 18.30
C TYR D 171 37.53 -25.14 17.27
N LEU D 172 38.81 -24.81 17.47
CA LEU D 172 39.84 -25.22 16.50
C LEU D 172 40.51 -26.52 16.90
N ASN D 173 40.87 -26.66 18.18
CA ASN D 173 41.26 -27.95 18.74
C ASN D 173 40.05 -28.83 18.97
N GLU D 174 38.90 -28.20 19.16
CA GLU D 174 37.53 -28.73 19.06
C GLU D 174 37.14 -29.57 20.27
N GLN D 175 38.05 -30.24 20.97
CA GLN D 175 37.94 -30.60 22.39
C GLN D 175 36.57 -31.06 22.92
N ILE D 176 35.50 -30.84 22.15
CA ILE D 176 34.16 -30.69 22.72
C ILE D 176 33.15 -30.64 21.57
N SER D 177 32.00 -31.28 21.73
CA SER D 177 31.05 -31.35 20.63
C SER D 177 29.62 -31.58 21.11
N ALA D 178 28.75 -30.61 20.85
CA ALA D 178 27.29 -30.78 20.93
C ALA D 178 26.80 -31.07 22.35
N ARG D 179 27.73 -31.13 23.31
CA ARG D 179 27.38 -31.40 24.69
C ARG D 179 27.63 -30.16 25.52
N GLN D 180 28.84 -29.60 25.42
CA GLN D 180 29.21 -28.42 26.18
C GLN D 180 29.73 -27.30 25.30
N ALA D 181 29.77 -27.48 23.97
CA ALA D 181 30.09 -26.40 23.05
C ALA D 181 28.85 -25.63 22.65
N PHE D 182 27.70 -26.30 22.56
CA PHE D 182 26.43 -25.61 22.37
C PHE D 182 26.03 -24.85 23.63
N ASP D 183 26.10 -25.51 24.78
CA ASP D 183 25.78 -24.83 26.05
C ASP D 183 26.76 -23.71 26.32
N LEU D 184 27.99 -23.84 25.84
CA LEU D 184 28.97 -22.78 25.99
C LEU D 184 28.48 -21.50 25.35
N ALA D 185 27.81 -21.60 24.20
CA ALA D 185 27.22 -20.43 23.57
C ALA D 185 25.93 -20.01 24.26
N GLN D 186 25.19 -20.97 24.82
CA GLN D 186 23.95 -20.65 25.52
C GLN D 186 24.23 -19.78 26.73
N GLU D 187 25.40 -19.93 27.35
CA GLU D 187 25.66 -19.22 28.59
C GLU D 187 25.76 -17.69 28.45
N PRO D 188 26.62 -17.13 27.61
CA PRO D 188 26.72 -15.65 27.59
C PRO D 188 25.48 -14.99 27.03
N MET D 189 24.82 -15.60 26.06
CA MET D 189 23.54 -15.08 25.60
C MET D 189 22.54 -15.00 26.74
N LYS D 190 22.43 -16.08 27.53
CA LYS D 190 21.48 -16.09 28.63
C LYS D 190 21.86 -15.04 29.68
N ALA D 191 23.14 -14.84 29.91
CA ALA D 191 23.54 -13.81 30.88
C ALA D 191 23.04 -12.44 30.46
N PHE D 192 23.32 -12.04 29.23
CA PHE D 192 22.88 -10.74 28.73
C PHE D 192 21.35 -10.63 28.76
N MET D 193 20.67 -11.65 28.23
CA MET D 193 19.22 -11.63 28.24
C MET D 193 18.69 -11.41 29.65
N LEU D 194 19.13 -12.23 30.61
CA LEU D 194 18.69 -12.08 31.99
C LEU D 194 19.02 -10.69 32.53
N LYS D 195 20.09 -10.08 32.05
CA LYS D 195 20.36 -8.70 32.45
C LYS D 195 19.32 -7.75 31.89
N GLN D 196 18.63 -8.14 30.83
CA GLN D 196 17.71 -7.20 30.21
C GLN D 196 16.23 -7.58 30.32
N THR D 197 15.87 -8.63 31.04
CA THR D 197 14.47 -8.98 31.25
C THR D 197 13.99 -8.41 32.57
N ARG D 198 12.75 -7.96 32.60
CA ARG D 198 12.15 -7.49 33.84
C ARG D 198 11.81 -8.67 34.74
N ILE D 199 11.84 -8.43 36.05
CA ILE D 199 11.48 -9.50 36.97
C ILE D 199 9.99 -9.80 36.88
N LYS D 200 9.18 -8.75 36.68
CA LYS D 200 7.74 -8.95 36.62
C LYS D 200 7.34 -9.81 35.43
N ASP D 201 8.09 -9.72 34.34
CA ASP D 201 7.81 -10.57 33.18
C ASP D 201 8.23 -12.00 33.44
N LEU D 202 9.49 -12.19 33.84
CA LEU D 202 10.01 -13.54 34.01
C LEU D 202 9.28 -14.32 35.09
N GLU D 203 8.83 -13.67 36.14
CA GLU D 203 8.02 -14.35 37.15
C GLU D 203 6.63 -14.71 36.65
N THR D 204 6.21 -14.15 35.51
CA THR D 204 4.94 -14.51 34.92
C THR D 204 5.04 -15.74 34.03
N PHE D 205 6.20 -15.96 33.41
CA PHE D 205 6.40 -17.15 32.61
C PHE D 205 6.94 -18.33 33.41
N VAL D 206 7.75 -18.10 34.43
CA VAL D 206 8.20 -19.22 35.24
C VAL D 206 7.05 -19.77 36.08
N GLU D 207 6.07 -18.92 36.40
CA GLU D 207 4.89 -19.41 37.10
C GLU D 207 3.96 -20.14 36.15
N MET D 208 4.02 -19.82 34.85
CA MET D 208 3.19 -20.53 33.88
C MET D 208 3.78 -21.89 33.56
N SER D 209 5.10 -22.00 33.46
CA SER D 209 5.71 -23.31 33.23
C SER D 209 5.46 -24.25 34.40
N GLY D 210 5.46 -23.72 35.61
CA GLY D 210 5.26 -24.53 36.79
C GLY D 210 6.53 -25.13 37.36
N SER D 211 7.65 -25.01 36.66
CA SER D 211 8.94 -25.50 37.16
C SER D 211 9.62 -24.40 37.94
N GLN D 212 9.72 -24.58 39.25
CA GLN D 212 10.33 -23.59 40.15
C GLN D 212 11.83 -23.82 40.20
N VAL D 213 12.59 -22.73 40.22
CA VAL D 213 14.04 -22.76 40.39
C VAL D 213 14.41 -21.80 41.52
N THR D 214 15.35 -22.22 42.36
CA THR D 214 15.70 -21.42 43.53
C THR D 214 16.47 -20.17 43.13
N ALA D 215 17.27 -20.24 42.04
CA ALA D 215 18.05 -19.12 41.57
C ALA D 215 17.53 -18.64 40.23
N PRO D 216 17.12 -17.36 40.11
CA PRO D 216 16.55 -16.90 38.84
C PRO D 216 17.51 -16.98 37.68
N GLU D 217 18.80 -17.24 37.93
CA GLU D 217 19.74 -17.39 36.82
C GLU D 217 19.63 -18.76 36.17
N GLN D 218 19.21 -19.78 36.95
CA GLN D 218 19.13 -21.15 36.44
C GLN D 218 17.74 -21.41 35.86
N VAL D 219 17.33 -20.53 34.97
CA VAL D 219 16.04 -20.61 34.31
C VAL D 219 16.25 -21.28 32.96
N SER D 220 15.26 -22.06 32.52
CA SER D 220 15.33 -22.68 31.21
C SER D 220 15.26 -21.64 30.11
N MET D 221 15.90 -21.93 28.98
CA MET D 221 15.94 -20.98 27.89
C MET D 221 14.56 -20.78 27.26
N ALA D 222 13.81 -21.85 27.12
CA ALA D 222 12.46 -21.82 26.59
C ALA D 222 11.48 -21.06 27.49
N VAL D 223 11.92 -20.67 28.67
CA VAL D 223 11.15 -19.77 29.52
C VAL D 223 11.76 -18.37 29.57
N LEU D 224 13.06 -18.24 29.29
CA LEU D 224 13.69 -16.94 29.38
C LEU D 224 13.47 -16.13 28.11
N ILE D 225 13.55 -16.76 26.94
CA ILE D 225 13.37 -15.98 25.72
C ILE D 225 11.94 -15.47 25.57
N PRO D 226 10.92 -16.28 25.87
CA PRO D 226 9.57 -15.69 25.95
C PRO D 226 9.48 -14.57 26.97
N ALA D 227 10.22 -14.65 28.07
CA ALA D 227 10.22 -13.57 29.03
C ALA D 227 11.10 -12.41 28.61
N PHE D 228 12.03 -12.63 27.69
CA PHE D 228 12.89 -11.57 27.21
C PHE D 228 12.25 -10.74 26.12
N ILE D 229 11.47 -11.36 25.23
CA ILE D 229 10.88 -10.56 24.15
C ILE D 229 9.70 -9.75 24.65
N THR D 230 8.93 -10.26 25.60
CA THR D 230 7.84 -9.45 26.15
C THR D 230 8.35 -8.26 26.94
N SER D 231 9.65 -8.22 27.28
CA SER D 231 10.26 -7.03 27.83
C SER D 231 10.91 -6.16 26.77
N GLU D 232 11.52 -6.75 25.75
CA GLU D 232 12.01 -5.95 24.63
C GLU D 232 10.90 -5.15 23.99
N LEU D 233 9.76 -5.77 23.75
CA LEU D 233 8.66 -5.06 23.09
C LEU D 233 8.09 -3.98 23.99
N LYS D 234 7.97 -4.26 25.29
CA LYS D 234 7.46 -3.25 26.20
C LYS D 234 8.39 -2.05 26.26
N THR D 235 9.69 -2.28 26.36
CA THR D 235 10.64 -1.17 26.37
C THR D 235 10.62 -0.42 25.05
N ALA D 236 10.53 -1.15 23.93
CA ALA D 236 10.51 -0.49 22.63
C ALA D 236 9.29 0.38 22.46
N PHE D 237 8.13 -0.07 22.92
CA PHE D 237 6.95 0.77 22.87
C PHE D 237 7.03 1.96 23.81
N GLN D 238 7.63 1.80 24.99
CA GLN D 238 7.83 2.96 25.87
C GLN D 238 8.74 3.99 25.24
N ILE D 239 9.88 3.56 24.68
CA ILE D 239 10.80 4.50 24.06
C ILE D 239 10.15 5.18 22.87
N GLY D 240 9.56 4.39 21.96
CA GLY D 240 8.91 4.97 20.80
C GLY D 240 7.78 5.90 21.15
N PHE D 241 7.04 5.60 22.21
CA PHE D 241 6.02 6.51 22.68
C PHE D 241 6.61 7.81 23.19
N MET D 242 7.67 7.74 23.99
CA MET D 242 8.34 8.96 24.42
C MET D 242 8.75 9.81 23.22
N LEU D 243 9.27 9.17 22.17
CA LEU D 243 9.77 9.92 21.02
C LEU D 243 8.66 10.47 20.13
N PHE D 244 7.50 9.80 20.10
CA PHE D 244 6.43 10.28 19.23
C PHE D 244 5.93 11.65 19.65
N LEU D 245 6.03 11.98 20.93
CA LEU D 245 5.30 13.13 21.47
C LEU D 245 5.68 14.48 20.85
N PRO D 246 6.95 14.84 20.66
CA PRO D 246 7.22 16.13 20.01
C PRO D 246 6.64 16.22 18.61
N PHE D 247 6.69 15.15 17.84
CA PHE D 247 6.12 15.14 16.51
C PHE D 247 4.62 15.25 16.54
N LEU D 248 3.97 14.69 17.55
CA LEU D 248 2.55 14.93 17.75
C LEU D 248 2.24 16.37 18.07
N ILE D 249 3.07 17.01 18.89
CA ILE D 249 2.88 18.42 19.18
C ILE D 249 3.00 19.24 17.90
N ILE D 250 3.97 18.92 17.06
CA ILE D 250 4.11 19.64 15.79
C ILE D 250 2.91 19.40 14.89
N ASP D 251 2.47 18.14 14.79
CA ASP D 251 1.32 17.82 13.94
C ASP D 251 0.05 18.53 14.40
N LEU D 252 -0.11 18.73 15.70
CA LEU D 252 -1.27 19.45 16.21
C LEU D 252 -1.14 20.96 16.09
N VAL D 253 0.04 21.51 16.32
CA VAL D 253 0.23 22.95 16.19
C VAL D 253 0.04 23.37 14.74
N VAL D 254 0.61 22.61 13.81
CA VAL D 254 0.46 22.94 12.40
C VAL D 254 -0.99 22.84 11.97
N ALA D 255 -1.67 21.77 12.37
CA ALA D 255 -3.07 21.60 12.04
C ALA D 255 -3.92 22.72 12.61
N SER D 256 -3.65 23.17 13.82
CA SER D 256 -4.39 24.28 14.41
C SER D 256 -4.11 25.62 13.75
N VAL D 257 -2.86 25.91 13.40
CA VAL D 257 -2.58 27.14 12.68
C VAL D 257 -3.28 27.13 11.33
N LEU D 258 -3.23 26.00 10.62
CA LEU D 258 -3.94 25.90 9.35
C LEU D 258 -5.43 26.12 9.54
N MET D 259 -6.04 25.40 10.47
CA MET D 259 -7.48 25.51 10.69
C MET D 259 -7.87 26.91 11.14
N ALA D 260 -6.98 27.62 11.81
CA ALA D 260 -7.28 28.98 12.21
C ALA D 260 -7.24 29.93 11.02
N MET D 261 -6.18 29.87 10.21
CA MET D 261 -6.13 30.72 9.03
C MET D 261 -7.25 30.45 8.05
N GLY D 262 -8.01 29.37 8.24
CA GLY D 262 -9.15 29.07 7.42
C GLY D 262 -8.96 27.93 6.46
N MET D 263 -7.72 27.63 6.06
CA MET D 263 -7.47 26.59 5.06
C MET D 263 -7.72 25.22 5.66
N MET D 264 -9.01 24.91 5.82
CA MET D 264 -9.42 23.62 6.37
C MET D 264 -9.02 22.49 5.46
N MET D 265 -9.14 22.69 4.15
CA MET D 265 -8.91 21.61 3.19
C MET D 265 -7.46 21.60 2.70
N LEU D 266 -6.55 21.62 3.67
CA LEU D 266 -5.13 21.54 3.39
C LEU D 266 -4.52 20.59 4.41
N SER D 267 -3.98 19.49 3.93
CA SER D 267 -3.52 18.46 4.84
C SER D 267 -2.35 18.98 5.67
N PRO D 268 -2.44 18.94 6.98
CA PRO D 268 -1.29 19.27 7.82
C PRO D 268 -0.30 18.10 7.93
N MET D 269 -0.06 17.45 6.82
CA MET D 269 1.04 16.51 6.70
C MET D 269 1.98 16.83 5.56
N ILE D 270 1.50 17.46 4.50
CA ILE D 270 2.39 17.98 3.49
C ILE D 270 3.04 19.28 3.94
N VAL D 271 2.59 19.85 5.06
CA VAL D 271 3.08 21.14 5.49
C VAL D 271 3.76 21.04 6.85
N SER D 272 3.53 19.94 7.54
CA SER D 272 4.18 19.72 8.83
C SER D 272 5.38 18.81 8.74
N LEU D 273 5.66 18.25 7.58
CA LEU D 273 6.81 17.39 7.39
C LEU D 273 8.13 18.15 7.30
N PRO D 274 8.22 19.31 6.65
CA PRO D 274 9.45 20.10 6.77
C PRO D 274 9.73 20.51 8.20
N PHE D 275 8.71 20.81 8.98
CA PHE D 275 8.93 21.16 10.37
C PHE D 275 9.30 19.95 11.22
N LYS D 276 8.75 18.78 10.92
CA LYS D 276 9.21 17.57 11.59
C LYS D 276 10.63 17.21 11.23
N LEU D 277 11.12 17.61 10.05
CA LEU D 277 12.51 17.41 9.70
C LEU D 277 13.42 18.50 10.25
N MET D 278 12.89 19.69 10.53
CA MET D 278 13.66 20.71 11.21
C MET D 278 13.91 20.30 12.66
N LEU D 279 12.84 20.15 13.44
CA LEU D 279 12.97 19.75 14.83
C LEU D 279 13.76 18.46 15.00
N PHE D 280 13.86 17.64 13.97
CA PHE D 280 14.67 16.45 14.08
C PHE D 280 16.14 16.70 13.81
N VAL D 281 16.47 17.85 13.24
CA VAL D 281 17.86 18.22 12.99
C VAL D 281 18.36 19.23 14.02
N LEU D 282 17.49 20.13 14.46
CA LEU D 282 17.86 21.09 15.49
C LEU D 282 18.29 20.38 16.77
N VAL D 283 17.69 19.25 17.09
CA VAL D 283 18.00 18.53 18.33
C VAL D 283 19.08 17.48 18.12
N ASP D 284 19.72 17.47 16.96
CA ASP D 284 20.72 16.50 16.52
C ASP D 284 20.14 15.13 16.27
N GLY D 285 18.87 14.89 16.60
CA GLY D 285 18.13 13.76 16.09
C GLY D 285 18.78 12.41 16.26
N TRP D 286 19.25 11.84 15.15
CA TRP D 286 19.79 10.49 15.14
C TRP D 286 20.96 10.31 16.08
N ASN D 287 21.68 11.39 16.42
CA ASN D 287 22.71 11.28 17.44
C ASN D 287 22.09 10.93 18.78
N LEU D 288 21.06 11.66 19.19
CA LEU D 288 20.44 11.42 20.48
C LEU D 288 19.76 10.08 20.55
N ILE D 289 18.82 9.82 19.64
CA ILE D 289 18.00 8.62 19.73
C ILE D 289 18.86 7.37 19.67
N LEU D 290 19.67 7.24 18.62
CA LEU D 290 20.54 6.07 18.52
C LEU D 290 21.61 6.04 19.60
N SER D 291 21.68 7.05 20.46
CA SER D 291 22.50 6.97 21.67
C SER D 291 21.70 6.48 22.86
N THR D 292 20.44 6.89 22.99
CA THR D 292 19.62 6.37 24.08
C THR D 292 19.16 4.95 23.83
N LEU D 293 19.11 4.51 22.57
CA LEU D 293 18.88 3.10 22.31
C LEU D 293 20.05 2.27 22.79
N ALA D 294 21.27 2.66 22.39
CA ALA D 294 22.46 1.97 22.88
C ALA D 294 22.66 2.19 24.37
N GLY D 295 22.26 3.35 24.88
CA GLY D 295 22.34 3.63 26.30
C GLY D 295 21.25 3.02 27.12
N SER D 296 20.31 2.30 26.49
CA SER D 296 19.28 1.59 27.23
C SER D 296 19.68 0.17 27.58
N PHE D 297 20.68 -0.38 26.89
CA PHE D 297 21.15 -1.73 27.18
C PHE D 297 22.16 -1.68 28.32
N ALA D 298 21.62 -1.37 29.50
CA ALA D 298 22.45 -1.16 30.68
C ALA D 298 23.20 -2.45 31.02
N LEU D 299 24.53 -2.39 30.97
CA LEU D 299 25.35 -3.53 31.31
C LEU D 299 26.22 -3.24 32.52
N PHE E 108 23.14 -10.85 1.95
CA PHE E 108 23.31 -9.93 3.06
C PHE E 108 24.49 -9.01 2.81
N LEU E 109 25.27 -9.34 1.79
CA LEU E 109 26.44 -8.56 1.39
C LEU E 109 26.07 -7.30 0.59
N PRO E 110 25.16 -7.39 -0.40
CA PRO E 110 24.81 -6.18 -1.15
C PRO E 110 24.31 -5.05 -0.27
N ALA E 111 23.40 -5.32 0.66
CA ALA E 111 22.89 -4.26 1.54
C ALA E 111 24.03 -3.64 2.36
N MET E 112 24.96 -4.46 2.82
CA MET E 112 26.09 -3.93 3.60
C MET E 112 26.94 -2.99 2.76
N VAL E 113 27.47 -3.47 1.64
CA VAL E 113 28.36 -2.64 0.83
C VAL E 113 27.61 -1.43 0.31
N ILE E 114 26.28 -1.53 0.20
CA ILE E 114 25.48 -0.38 -0.19
C ILE E 114 25.46 0.64 0.93
N LEU E 115 25.33 0.18 2.18
CA LEU E 115 25.31 1.11 3.30
C LEU E 115 26.64 1.85 3.44
N MET E 116 27.75 1.13 3.29
CA MET E 116 29.05 1.79 3.41
C MET E 116 29.33 2.80 2.28
N THR E 117 28.50 2.84 1.24
CA THR E 117 28.67 3.78 0.15
C THR E 117 27.75 4.98 0.34
N SER E 118 27.61 5.80 -0.69
CA SER E 118 26.78 6.99 -0.68
C SER E 118 25.32 6.71 -0.91
N PHE E 119 24.93 5.43 -0.99
CA PHE E 119 23.55 5.10 -1.31
C PHE E 119 22.58 5.56 -0.25
N THR E 120 23.00 5.59 1.01
CA THR E 120 22.07 5.92 2.10
C THR E 120 21.57 7.36 1.99
N ARG E 121 22.47 8.31 1.75
CA ARG E 121 22.03 9.69 1.62
C ARG E 121 21.19 9.89 0.38
N ILE E 122 21.59 9.26 -0.72
CA ILE E 122 20.93 9.51 -2.00
C ILE E 122 19.52 8.96 -1.99
N VAL E 123 19.34 7.72 -1.56
CA VAL E 123 18.02 7.13 -1.62
C VAL E 123 17.06 7.79 -0.65
N VAL E 124 17.55 8.27 0.49
CA VAL E 124 16.71 8.99 1.42
C VAL E 124 16.29 10.33 0.85
N VAL E 125 17.21 11.02 0.17
CA VAL E 125 16.83 12.27 -0.48
C VAL E 125 15.82 12.03 -1.58
N MET E 126 15.96 10.92 -2.32
CA MET E 126 14.98 10.57 -3.34
C MET E 126 13.60 10.37 -2.73
N SER E 127 13.52 9.56 -1.67
CA SER E 127 12.24 9.32 -1.04
C SER E 127 11.65 10.57 -0.40
N ILE E 128 12.50 11.50 0.03
CA ILE E 128 12.02 12.79 0.51
C ILE E 128 11.39 13.57 -0.63
N LEU E 129 12.09 13.64 -1.76
CA LEU E 129 11.59 14.38 -2.92
C LEU E 129 10.33 13.76 -3.49
N ARG E 130 10.19 12.44 -3.42
CA ARG E 130 9.00 11.81 -3.96
C ARG E 130 7.76 12.19 -3.17
N GLN E 131 7.88 12.35 -1.86
CA GLN E 131 6.76 12.87 -1.08
C GLN E 131 6.58 14.36 -1.29
N ALA E 132 7.67 15.08 -1.49
CA ALA E 132 7.56 16.52 -1.72
C ALA E 132 6.78 16.82 -2.97
N MET E 133 6.97 16.02 -4.02
CA MET E 133 6.28 16.24 -5.29
C MET E 133 4.78 16.20 -5.13
N GLY E 134 4.28 15.22 -4.38
CA GLY E 134 2.87 14.93 -4.31
C GLY E 134 2.44 13.83 -5.24
N LEU E 135 3.36 13.30 -6.05
CA LEU E 135 3.08 12.14 -6.90
C LEU E 135 3.60 10.89 -6.20
N GLN E 136 2.87 10.48 -5.18
CA GLN E 136 3.35 9.39 -4.33
C GLN E 136 3.45 8.10 -5.12
N GLN E 137 4.58 7.42 -4.95
CA GLN E 137 4.83 6.12 -5.58
C GLN E 137 4.89 6.20 -7.10
N THR E 138 4.93 7.40 -7.66
CA THR E 138 4.89 7.47 -9.12
C THR E 138 6.25 7.15 -9.74
N PRO E 139 7.38 7.58 -9.17
CA PRO E 139 8.68 7.13 -9.69
C PRO E 139 9.11 5.76 -9.19
N SER E 140 8.21 4.93 -8.66
CA SER E 140 8.39 3.50 -8.77
C SER E 140 9.67 2.97 -8.13
N ASN E 141 9.67 2.78 -6.82
CA ASN E 141 10.85 2.51 -6.01
C ASN E 141 11.93 1.68 -6.70
N GLN E 142 11.56 0.83 -7.66
CA GLN E 142 12.58 0.17 -8.45
C GLN E 142 13.38 1.18 -9.25
N VAL E 143 12.71 2.17 -9.84
CA VAL E 143 13.42 3.20 -10.60
C VAL E 143 14.21 4.11 -9.68
N ILE E 144 13.64 4.47 -8.53
CA ILE E 144 14.36 5.29 -7.56
C ILE E 144 15.64 4.60 -7.12
N ILE E 145 15.55 3.31 -6.80
CA ILE E 145 16.72 2.58 -6.37
C ILE E 145 17.72 2.44 -7.51
N GLY E 146 17.25 2.22 -8.73
CA GLY E 146 18.18 2.15 -9.85
C GLY E 146 18.91 3.46 -10.08
N ILE E 147 18.21 4.58 -9.97
CA ILE E 147 18.86 5.87 -10.20
C ILE E 147 19.80 6.21 -9.06
N ALA E 148 19.40 5.95 -7.82
CA ALA E 148 20.32 6.14 -6.71
C ALA E 148 21.55 5.27 -6.83
N LEU E 149 21.40 4.07 -7.37
CA LEU E 149 22.52 3.18 -7.59
C LEU E 149 23.44 3.67 -8.71
N PHE E 150 22.87 4.24 -9.77
CA PHE E 150 23.71 4.84 -10.80
C PHE E 150 24.47 6.04 -10.23
N LEU E 151 23.80 6.83 -9.39
CA LEU E 151 24.47 7.97 -8.77
C LEU E 151 25.62 7.53 -7.88
N THR E 152 25.39 6.51 -7.04
CA THR E 152 26.44 6.05 -6.15
C THR E 152 27.70 5.69 -6.90
N PHE E 153 27.58 5.10 -8.09
CA PHE E 153 28.76 4.75 -8.87
C PHE E 153 29.44 6.00 -9.42
N PHE E 154 28.67 7.05 -9.65
CA PHE E 154 29.26 8.29 -10.14
C PHE E 154 29.98 9.01 -9.02
N ILE E 155 29.45 8.93 -7.80
CA ILE E 155 30.08 9.58 -6.65
C ILE E 155 31.28 8.77 -6.19
N MET E 156 31.17 7.45 -6.19
CA MET E 156 32.22 6.57 -5.72
C MET E 156 33.29 6.30 -6.76
N ALA E 157 33.30 7.03 -7.87
CA ALA E 157 34.37 6.86 -8.82
C ALA E 157 35.75 7.13 -8.22
N PRO E 158 35.99 8.25 -7.52
CA PRO E 158 37.30 8.42 -6.90
C PRO E 158 37.60 7.40 -5.81
N VAL E 159 36.60 7.07 -4.99
CA VAL E 159 36.85 6.14 -3.89
C VAL E 159 37.20 4.76 -4.43
N PHE E 160 36.45 4.27 -5.42
CA PHE E 160 36.73 2.96 -5.95
C PHE E 160 38.01 2.96 -6.76
N ASN E 161 38.34 4.08 -7.40
CA ASN E 161 39.63 4.18 -8.07
C ASN E 161 40.77 4.06 -7.07
N GLN E 162 40.66 4.72 -5.91
CA GLN E 162 41.67 4.58 -4.88
C GLN E 162 41.73 3.14 -4.37
N ILE E 163 40.59 2.52 -4.11
CA ILE E 163 40.59 1.13 -3.63
C ILE E 163 41.28 0.23 -4.65
N ASN E 164 41.10 0.54 -5.94
CA ASN E 164 41.70 -0.28 -6.99
C ASN E 164 43.20 -0.08 -7.05
N GLU E 165 43.66 1.17 -6.97
CA GLU E 165 45.09 1.44 -7.13
C GLU E 165 45.89 1.06 -5.90
N GLN E 166 45.32 1.29 -4.71
CA GLN E 166 46.08 1.00 -3.49
C GLN E 166 46.19 -0.49 -3.24
N ALA E 167 45.07 -1.20 -3.28
CA ALA E 167 45.05 -2.60 -2.85
C ALA E 167 44.90 -3.57 -4.00
N VAL E 168 43.88 -3.39 -4.85
CA VAL E 168 43.56 -4.38 -5.85
C VAL E 168 44.70 -4.52 -6.85
N GLN E 169 45.25 -3.41 -7.30
CA GLN E 169 46.28 -3.47 -8.33
C GLN E 169 47.57 -4.14 -7.86
N PRO E 170 48.11 -3.86 -6.67
CA PRO E 170 49.27 -4.64 -6.23
C PRO E 170 48.95 -6.10 -5.99
N TYR E 171 47.78 -6.41 -5.42
CA TYR E 171 47.43 -7.79 -5.16
C TYR E 171 47.30 -8.59 -6.45
N LEU E 172 46.76 -7.96 -7.49
CA LEU E 172 46.59 -8.67 -8.77
C LEU E 172 47.91 -8.86 -9.47
N ASN E 173 48.83 -7.92 -9.31
CA ASN E 173 50.18 -8.04 -9.86
C ASN E 173 51.12 -8.81 -8.94
N GLU E 174 50.59 -9.45 -7.90
CA GLU E 174 51.37 -10.23 -6.93
C GLU E 174 52.45 -9.36 -6.30
N GLN E 175 51.99 -8.33 -5.59
CA GLN E 175 52.87 -7.47 -4.82
C GLN E 175 52.54 -7.42 -3.34
N ILE E 176 51.47 -8.10 -2.90
CA ILE E 176 51.09 -8.13 -1.50
C ILE E 176 50.15 -9.30 -1.29
N SER E 177 50.04 -9.76 -0.06
CA SER E 177 49.21 -10.92 0.24
C SER E 177 47.74 -10.56 0.11
N ALA E 178 46.87 -11.52 0.43
CA ALA E 178 45.44 -11.29 0.31
C ALA E 178 44.90 -10.57 1.54
N ARG E 179 45.27 -11.03 2.73
CA ARG E 179 44.81 -10.37 3.95
C ARG E 179 45.35 -8.96 4.05
N GLN E 180 46.60 -8.76 3.63
CA GLN E 180 47.18 -7.42 3.68
C GLN E 180 46.52 -6.50 2.66
N ALA E 181 46.14 -7.03 1.50
CA ALA E 181 45.39 -6.22 0.54
C ALA E 181 44.00 -5.89 1.07
N PHE E 182 43.37 -6.83 1.76
CA PHE E 182 42.07 -6.57 2.37
C PHE E 182 42.17 -5.49 3.43
N ASP E 183 43.25 -5.51 4.23
CA ASP E 183 43.46 -4.45 5.21
C ASP E 183 43.72 -3.12 4.53
N LEU E 184 44.48 -3.13 3.43
CA LEU E 184 44.82 -1.87 2.76
C LEU E 184 43.60 -1.27 2.08
N ALA E 185 42.66 -2.11 1.64
CA ALA E 185 41.49 -1.60 0.92
C ALA E 185 40.61 -0.75 1.81
N GLN E 186 40.63 -0.99 3.13
CA GLN E 186 39.78 -0.22 4.03
C GLN E 186 40.28 1.21 4.22
N GLU E 187 41.55 1.47 3.96
CA GLU E 187 42.13 2.79 4.20
C GLU E 187 41.46 3.87 3.37
N PRO E 188 41.19 3.66 2.06
CA PRO E 188 40.41 4.65 1.32
C PRO E 188 38.92 4.66 1.63
N MET E 189 38.30 3.52 1.96
CA MET E 189 36.93 3.55 2.43
C MET E 189 36.80 4.36 3.70
N LYS E 190 37.65 4.10 4.69
CA LYS E 190 37.65 4.90 5.91
C LYS E 190 38.02 6.34 5.64
N ALA E 191 38.95 6.61 4.72
CA ALA E 191 39.27 7.98 4.40
C ALA E 191 38.05 8.72 3.87
N PHE E 192 37.23 8.03 3.06
CA PHE E 192 35.99 8.63 2.60
C PHE E 192 35.02 8.83 3.75
N MET E 193 34.81 7.78 4.55
CA MET E 193 33.76 7.82 5.56
C MET E 193 34.05 8.83 6.65
N LEU E 194 35.33 9.06 6.96
CA LEU E 194 35.67 10.01 8.02
C LEU E 194 35.27 11.42 7.64
N LYS E 195 35.30 11.75 6.36
CA LYS E 195 34.97 13.10 5.93
C LYS E 195 33.48 13.37 6.05
N GLN E 196 32.66 12.33 5.95
CA GLN E 196 31.21 12.53 6.00
C GLN E 196 30.68 12.46 7.42
N THR E 197 31.36 11.74 8.30
CA THR E 197 30.96 11.76 9.71
C THR E 197 31.18 13.13 10.30
N ARG E 198 30.49 13.38 11.40
CA ARG E 198 30.69 14.59 12.18
C ARG E 198 31.49 14.25 13.44
N ILE E 199 32.06 15.27 14.05
CA ILE E 199 32.96 15.03 15.17
C ILE E 199 32.20 14.46 16.35
N LYS E 200 31.02 15.02 16.65
CA LYS E 200 30.25 14.54 17.79
C LYS E 200 29.73 13.14 17.57
N ASP E 201 29.23 12.85 16.37
CA ASP E 201 28.69 11.53 16.08
C ASP E 201 29.77 10.47 16.09
N LEU E 202 31.02 10.84 15.89
CA LEU E 202 32.13 9.90 16.05
C LEU E 202 32.55 9.77 17.52
N GLU E 203 32.53 10.88 18.25
CA GLU E 203 32.90 10.85 19.66
C GLU E 203 31.93 10.02 20.48
N THR E 204 30.63 10.09 20.17
CA THR E 204 29.67 9.28 20.91
C THR E 204 29.92 7.79 20.74
N PHE E 205 30.06 7.35 19.49
CA PHE E 205 30.25 5.93 19.28
C PHE E 205 31.66 5.48 19.63
N VAL E 206 32.60 6.41 19.83
CA VAL E 206 33.89 6.02 20.37
C VAL E 206 33.81 5.88 21.88
N GLU E 207 33.10 6.79 22.55
CA GLU E 207 33.03 6.75 24.01
C GLU E 207 32.24 5.52 24.50
N MET E 208 31.30 5.03 23.69
CA MET E 208 30.51 3.87 24.09
C MET E 208 31.25 2.56 23.94
N SER E 209 32.50 2.58 23.48
CA SER E 209 33.31 1.37 23.45
C SER E 209 34.39 1.36 24.52
N GLY E 210 34.70 2.49 25.12
CA GLY E 210 35.76 2.58 26.11
C GLY E 210 37.13 2.83 25.51
N SER E 211 37.54 1.98 24.57
CA SER E 211 38.84 2.12 23.92
C SER E 211 38.78 3.30 22.97
N GLN E 212 39.17 4.47 23.45
CA GLN E 212 39.16 5.67 22.64
C GLN E 212 40.30 5.64 21.62
N VAL E 213 40.35 6.67 20.79
CA VAL E 213 41.37 6.81 19.77
C VAL E 213 42.00 8.18 19.89
N THR E 214 43.26 8.29 19.45
CA THR E 214 43.93 9.57 19.42
C THR E 214 43.58 10.36 18.16
N ALA E 215 43.37 9.67 17.04
CA ALA E 215 42.93 10.25 15.79
C ALA E 215 41.85 9.37 15.18
N PRO E 216 40.90 9.95 14.44
CA PRO E 216 39.80 9.16 13.89
C PRO E 216 40.24 8.07 12.92
N GLU E 217 41.48 8.08 12.45
CA GLU E 217 41.93 7.05 11.52
C GLU E 217 42.13 5.70 12.19
N GLN E 218 42.35 5.68 13.50
CA GLN E 218 42.57 4.43 14.23
C GLN E 218 41.28 3.82 14.74
N VAL E 219 40.12 4.37 14.40
CA VAL E 219 38.87 3.81 14.88
C VAL E 219 38.57 2.52 14.13
N SER E 220 37.91 1.60 14.81
CA SER E 220 37.51 0.37 14.16
C SER E 220 36.46 0.66 13.09
N MET E 221 36.10 -0.37 12.35
CA MET E 221 35.08 -0.22 11.33
C MET E 221 33.68 -0.29 11.94
N ALA E 222 33.44 -1.28 12.78
CA ALA E 222 32.14 -1.45 13.42
C ALA E 222 31.83 -0.35 14.41
N VAL E 223 32.78 0.54 14.67
CA VAL E 223 32.53 1.74 15.43
C VAL E 223 32.33 2.95 14.52
N LEU E 224 32.89 2.93 13.31
CA LEU E 224 32.77 4.05 12.40
C LEU E 224 31.49 4.02 11.59
N ILE E 225 31.09 2.84 11.11
CA ILE E 225 29.89 2.74 10.27
C ILE E 225 28.64 3.17 11.02
N PRO E 226 28.43 2.79 12.29
CA PRO E 226 27.32 3.39 13.03
C PRO E 226 27.45 4.90 13.14
N ALA E 227 28.66 5.41 13.29
CA ALA E 227 28.89 6.85 13.32
C ALA E 227 28.84 7.47 11.94
N PHE E 228 28.85 6.65 10.90
CA PHE E 228 28.74 7.17 9.55
C PHE E 228 27.29 7.29 9.13
N ILE E 229 26.47 6.30 9.48
CA ILE E 229 25.07 6.31 9.06
C ILE E 229 24.29 7.35 9.85
N THR E 230 24.61 7.53 11.13
CA THR E 230 23.94 8.57 11.91
C THR E 230 24.25 9.96 11.39
N SER E 231 25.40 10.14 10.75
CA SER E 231 25.76 11.42 10.16
C SER E 231 25.38 11.51 8.70
N GLU E 232 25.02 10.40 8.08
CA GLU E 232 24.44 10.42 6.75
C GLU E 232 22.94 10.66 6.75
N LEU E 233 22.21 10.09 7.71
CA LEU E 233 20.80 10.42 7.85
C LEU E 233 20.59 11.87 8.24
N LYS E 234 21.45 12.41 9.10
CA LYS E 234 21.34 13.80 9.50
C LYS E 234 21.46 14.73 8.30
N THR E 235 22.45 14.53 7.46
CA THR E 235 22.59 15.38 6.29
C THR E 235 21.60 15.04 5.19
N ALA E 236 21.12 13.80 5.12
CA ALA E 236 20.02 13.50 4.22
C ALA E 236 18.79 14.31 4.56
N PHE E 237 18.47 14.44 5.84
CA PHE E 237 17.37 15.30 6.24
C PHE E 237 17.67 16.79 6.10
N GLN E 238 18.92 17.19 6.29
CA GLN E 238 19.30 18.58 6.07
C GLN E 238 19.10 18.98 4.62
N ILE E 239 19.39 18.08 3.69
CA ILE E 239 19.04 18.35 2.29
C ILE E 239 17.54 18.19 2.07
N GLY E 240 16.93 17.26 2.80
CA GLY E 240 15.55 16.92 2.53
C GLY E 240 14.58 18.06 2.80
N PHE E 241 14.74 18.74 3.94
CA PHE E 241 13.78 19.80 4.19
C PHE E 241 14.05 21.00 3.29
N MET E 242 15.28 21.12 2.78
CA MET E 242 15.58 22.14 1.79
C MET E 242 14.98 21.80 0.43
N LEU E 243 14.73 20.52 0.18
CA LEU E 243 13.93 20.14 -0.98
C LEU E 243 12.45 20.41 -0.75
N PHE E 244 11.97 20.08 0.45
CA PHE E 244 10.57 20.26 0.76
C PHE E 244 10.16 21.73 0.65
N LEU E 245 11.03 22.64 1.05
CA LEU E 245 10.61 24.03 1.13
C LEU E 245 10.11 24.60 -0.19
N PRO E 246 10.79 24.43 -1.32
CA PRO E 246 10.24 24.98 -2.57
C PRO E 246 8.86 24.45 -2.88
N PHE E 247 8.60 23.17 -2.60
CA PHE E 247 7.29 22.60 -2.89
C PHE E 247 6.26 23.04 -1.87
N LEU E 248 6.66 23.13 -0.60
CA LEU E 248 5.74 23.63 0.41
C LEU E 248 5.33 25.06 0.14
N ILE E 249 6.22 25.86 -0.45
CA ILE E 249 5.86 27.24 -0.72
C ILE E 249 4.88 27.33 -1.88
N ILE E 250 5.03 26.46 -2.88
CA ILE E 250 4.01 26.40 -3.92
C ILE E 250 2.67 26.00 -3.32
N ASP E 251 2.69 24.99 -2.44
CA ASP E 251 1.46 24.57 -1.78
C ASP E 251 0.81 25.73 -1.03
N LEU E 252 1.58 26.44 -0.23
CA LEU E 252 1.06 27.55 0.57
C LEU E 252 0.66 28.76 -0.24
N VAL E 253 1.34 29.04 -1.35
CA VAL E 253 0.91 30.14 -2.22
C VAL E 253 -0.37 29.80 -2.96
N VAL E 254 -0.48 28.59 -3.49
CA VAL E 254 -1.75 28.17 -4.08
C VAL E 254 -2.86 28.21 -3.05
N ALA E 255 -2.61 27.68 -1.85
CA ALA E 255 -3.63 27.69 -0.81
C ALA E 255 -4.01 29.10 -0.41
N SER E 256 -3.05 30.01 -0.28
CA SER E 256 -3.34 31.38 0.09
C SER E 256 -4.11 32.11 -0.99
N VAL E 257 -3.77 31.92 -2.25
CA VAL E 257 -4.52 32.58 -3.31
C VAL E 257 -5.93 32.02 -3.38
N LEU E 258 -6.08 30.70 -3.29
CA LEU E 258 -7.40 30.10 -3.35
C LEU E 258 -8.24 30.47 -2.15
N MET E 259 -7.58 30.78 -1.03
CA MET E 259 -8.31 31.14 0.17
C MET E 259 -8.74 32.60 0.12
N ALA E 260 -7.83 33.49 -0.28
CA ALA E 260 -8.19 34.89 -0.45
C ALA E 260 -9.27 35.04 -1.51
N MET E 261 -9.31 34.11 -2.46
CA MET E 261 -10.33 34.18 -3.50
C MET E 261 -11.71 33.82 -2.97
N GLY E 262 -11.81 33.39 -1.72
CA GLY E 262 -13.04 32.67 -1.45
C GLY E 262 -12.84 31.24 -1.06
N MET E 263 -12.84 30.40 -2.10
CA MET E 263 -13.29 29.03 -2.16
C MET E 263 -13.15 28.17 -0.92
N MET E 264 -11.95 28.01 -0.37
CA MET E 264 -11.66 27.34 0.91
C MET E 264 -12.03 25.87 0.88
N MET E 265 -12.59 25.37 -0.22
CA MET E 265 -13.06 24.00 -0.31
C MET E 265 -12.50 23.26 -1.52
N LEU E 266 -11.45 23.77 -2.14
CA LEU E 266 -10.97 23.16 -3.37
C LEU E 266 -9.83 22.19 -3.10
N SER E 267 -9.35 22.13 -1.87
CA SER E 267 -8.25 21.25 -1.49
C SER E 267 -7.02 21.57 -2.33
N PRO E 268 -6.34 22.67 -2.04
CA PRO E 268 -5.26 23.15 -2.90
C PRO E 268 -4.05 22.24 -2.90
N MET E 269 -4.27 20.96 -3.15
CA MET E 269 -3.17 20.04 -3.31
C MET E 269 -3.42 19.22 -4.57
N ILE E 270 -4.66 19.22 -5.05
CA ILE E 270 -4.94 18.66 -6.37
C ILE E 270 -4.76 19.72 -7.44
N VAL E 271 -4.94 21.00 -7.08
CA VAL E 271 -4.68 22.09 -8.01
C VAL E 271 -3.24 22.54 -7.93
N SER E 272 -2.48 22.06 -6.96
CA SER E 272 -1.09 22.42 -6.80
C SER E 272 -0.12 21.36 -7.30
N LEU E 273 -0.59 20.14 -7.57
CA LEU E 273 0.27 19.13 -8.16
C LEU E 273 0.85 19.56 -9.50
N PRO E 274 0.07 20.03 -10.48
CA PRO E 274 0.65 20.44 -11.75
C PRO E 274 1.58 21.62 -11.64
N PHE E 275 1.30 22.55 -10.73
CA PHE E 275 2.20 23.68 -10.55
C PHE E 275 3.53 23.22 -9.98
N LYS E 276 3.50 22.34 -8.98
CA LYS E 276 4.73 21.76 -8.47
C LYS E 276 5.50 21.09 -9.60
N LEU E 277 4.82 20.33 -10.45
CA LEU E 277 5.54 19.60 -11.48
C LEU E 277 6.09 20.53 -12.55
N MET E 278 5.28 21.47 -13.03
CA MET E 278 5.74 22.42 -14.04
C MET E 278 6.91 23.22 -13.53
N LEU E 279 6.88 23.62 -12.27
CA LEU E 279 7.97 24.43 -11.76
C LEU E 279 9.20 23.61 -11.43
N PHE E 280 9.03 22.35 -11.06
CA PHE E 280 10.19 21.50 -10.84
C PHE E 280 10.91 21.21 -12.15
N VAL E 281 10.14 21.02 -13.22
CA VAL E 281 10.78 20.68 -14.50
C VAL E 281 11.26 21.94 -15.20
N LEU E 282 10.68 23.08 -14.85
CA LEU E 282 11.00 24.33 -15.53
C LEU E 282 12.26 24.94 -14.95
N VAL E 283 12.54 24.68 -13.68
CA VAL E 283 13.71 25.22 -12.99
C VAL E 283 14.87 24.30 -13.27
N ASP E 284 14.64 23.29 -14.10
CA ASP E 284 15.53 22.23 -14.51
C ASP E 284 15.71 21.20 -13.41
N GLY E 285 15.24 21.47 -12.19
CA GLY E 285 14.98 20.42 -11.22
C GLY E 285 16.14 19.48 -10.99
N TRP E 286 15.99 18.26 -11.52
CA TRP E 286 16.84 17.15 -11.13
C TRP E 286 18.32 17.49 -11.25
N ASN E 287 18.76 17.95 -12.43
CA ASN E 287 20.16 18.27 -12.60
C ASN E 287 20.67 19.16 -11.47
N LEU E 288 19.92 20.22 -11.14
CA LEU E 288 20.28 21.06 -10.00
C LEU E 288 20.56 20.21 -8.77
N ILE E 289 19.56 19.48 -8.28
CA ILE E 289 19.74 18.72 -7.06
C ILE E 289 20.79 17.65 -7.27
N LEU E 290 20.96 17.17 -8.50
CA LEU E 290 22.03 16.23 -8.76
C LEU E 290 23.37 16.85 -8.40
N SER E 291 23.64 18.07 -8.86
CA SER E 291 24.88 18.72 -8.56
C SER E 291 25.01 19.13 -7.09
N THR E 292 23.98 18.92 -6.27
CA THR E 292 24.15 19.13 -4.84
C THR E 292 24.14 17.84 -4.06
N LEU E 293 23.95 16.70 -4.72
CA LEU E 293 24.27 15.43 -4.10
C LEU E 293 25.64 14.94 -4.51
N ALA E 294 26.24 15.54 -5.53
CA ALA E 294 27.60 15.22 -5.94
C ALA E 294 28.60 16.12 -5.24
N GLY E 295 28.25 17.39 -5.05
CA GLY E 295 29.13 18.28 -4.31
C GLY E 295 29.10 18.00 -2.82
N SER E 296 28.03 17.37 -2.34
CA SER E 296 27.92 17.06 -0.92
C SER E 296 28.96 16.04 -0.49
N PHE E 297 29.31 15.11 -1.38
CA PHE E 297 30.37 14.13 -1.09
C PHE E 297 31.70 14.65 -1.64
N ALA E 298 32.13 15.78 -1.11
CA ALA E 298 33.37 16.39 -1.52
C ALA E 298 34.50 15.76 -0.73
N LEU E 299 35.52 15.29 -1.45
CA LEU E 299 36.65 14.62 -0.82
C LEU E 299 37.70 15.65 -0.41
N ASP F 10 31.91 -28.14 -19.96
CA ASP F 10 32.36 -26.94 -19.26
C ASP F 10 32.17 -25.73 -20.17
N PHE F 11 30.96 -25.64 -20.70
CA PHE F 11 30.57 -24.50 -21.53
C PHE F 11 30.44 -23.23 -20.68
N ILE F 12 30.02 -23.38 -19.43
CA ILE F 12 29.65 -22.23 -18.64
C ILE F 12 30.88 -21.40 -18.29
N ALA F 13 32.02 -22.04 -18.09
CA ALA F 13 33.22 -21.28 -17.78
C ALA F 13 33.63 -20.38 -18.95
N ASN F 14 33.29 -20.80 -20.17
CA ASN F 14 33.63 -19.96 -21.32
C ASN F 14 32.58 -18.89 -21.55
N TYR F 15 31.30 -19.23 -21.43
CA TYR F 15 30.25 -18.26 -21.76
C TYR F 15 29.45 -17.80 -20.56
N PHE F 16 30.09 -17.67 -19.40
CA PHE F 16 29.38 -17.15 -18.23
C PHE F 16 29.27 -15.64 -18.26
N TRP F 17 30.26 -14.95 -18.79
CA TRP F 17 30.21 -13.49 -18.78
C TRP F 17 29.22 -12.94 -19.80
N PRO F 18 29.20 -13.43 -21.04
CA PRO F 18 28.10 -13.02 -21.92
C PRO F 18 26.74 -13.39 -21.36
N TYR F 19 26.61 -14.59 -20.81
CA TYR F 19 25.35 -14.94 -20.16
C TYR F 19 25.04 -14.01 -19.01
N THR F 20 26.06 -13.54 -18.29
CA THR F 20 25.77 -12.62 -17.20
C THR F 20 25.26 -11.29 -17.72
N ARG F 21 25.87 -10.75 -18.76
CA ARG F 21 25.37 -9.49 -19.30
C ARG F 21 23.94 -9.64 -19.80
N ILE F 22 23.67 -10.72 -20.52
CA ILE F 22 22.34 -10.92 -21.07
C ILE F 22 21.31 -11.12 -19.97
N ALA F 23 21.59 -12.03 -19.04
CA ALA F 23 20.64 -12.32 -17.98
C ALA F 23 20.49 -11.17 -17.01
N ALA F 24 21.46 -10.28 -16.91
CA ALA F 24 21.29 -9.08 -16.12
C ALA F 24 20.43 -8.05 -16.83
N MET F 25 20.53 -7.95 -18.16
CA MET F 25 19.60 -7.08 -18.84
C MET F 25 18.19 -7.61 -18.77
N LEU F 26 18.04 -8.94 -18.82
CA LEU F 26 16.69 -9.50 -18.83
C LEU F 26 15.97 -9.23 -17.51
N MET F 27 16.65 -9.34 -16.38
CA MET F 27 15.97 -9.21 -15.09
C MET F 27 15.32 -7.84 -14.91
N VAL F 28 15.84 -6.81 -15.56
CA VAL F 28 15.32 -5.46 -15.39
C VAL F 28 14.52 -4.97 -16.59
N MET F 29 14.72 -5.55 -17.76
CA MET F 29 14.03 -5.12 -18.96
C MET F 29 12.52 -5.12 -18.75
N THR F 30 11.81 -4.29 -19.53
CA THR F 30 10.45 -3.94 -19.16
C THR F 30 9.47 -5.09 -19.35
N VAL F 31 9.70 -5.95 -20.34
CA VAL F 31 8.74 -7.00 -20.62
C VAL F 31 9.19 -8.29 -19.96
N THR F 32 10.33 -8.82 -20.40
CA THR F 32 10.76 -10.13 -19.94
C THR F 32 11.18 -10.10 -18.49
N GLY F 33 11.76 -9.00 -18.05
CA GLY F 33 12.12 -8.88 -16.65
C GLY F 33 11.10 -8.15 -15.84
N ALA F 34 9.93 -8.75 -15.68
CA ALA F 34 8.89 -8.13 -14.90
C ALA F 34 8.22 -9.20 -14.09
N ARG F 35 7.42 -8.75 -13.13
CA ARG F 35 6.40 -9.59 -12.54
C ARG F 35 5.62 -10.17 -13.71
N PHE F 36 4.93 -11.29 -13.51
CA PHE F 36 4.23 -12.10 -14.50
C PHE F 36 5.15 -13.06 -15.24
N VAL F 37 6.46 -13.02 -15.03
CA VAL F 37 7.36 -13.94 -15.71
C VAL F 37 8.18 -14.65 -14.64
N PRO F 38 8.00 -15.96 -14.46
CA PRO F 38 8.81 -16.68 -13.45
C PRO F 38 10.29 -16.59 -13.74
N ALA F 39 11.07 -16.48 -12.67
CA ALA F 39 12.50 -16.24 -12.82
C ALA F 39 13.17 -17.38 -13.56
N ARG F 40 12.59 -18.57 -13.50
CA ARG F 40 13.15 -19.71 -14.20
C ARG F 40 13.02 -19.56 -15.70
N VAL F 41 11.94 -18.91 -16.15
CA VAL F 41 11.77 -18.62 -17.57
C VAL F 41 12.84 -17.66 -18.06
N ARG F 42 13.12 -16.61 -17.29
CA ARG F 42 14.17 -15.67 -17.68
C ARG F 42 15.53 -16.33 -17.65
N LEU F 43 15.76 -17.20 -16.67
CA LEU F 43 17.02 -17.91 -16.62
C LEU F 43 17.22 -18.75 -17.87
N TYR F 44 16.24 -19.58 -18.21
CA TYR F 44 16.31 -20.44 -19.37
C TYR F 44 16.11 -19.70 -20.69
N LEU F 45 15.79 -18.42 -20.64
CA LEU F 45 15.78 -17.55 -21.81
C LEU F 45 17.15 -16.96 -22.07
N GLY F 46 17.74 -16.32 -21.06
CA GLY F 46 19.09 -15.81 -21.19
C GLY F 46 20.11 -16.90 -21.37
N LEU F 47 19.78 -18.13 -20.99
CA LEU F 47 20.69 -19.23 -21.25
C LEU F 47 20.55 -19.75 -22.67
N ALA F 48 19.37 -19.62 -23.26
CA ALA F 48 19.17 -20.01 -24.65
C ALA F 48 19.65 -18.95 -25.61
N LEU F 49 19.64 -17.68 -25.20
CA LEU F 49 20.14 -16.61 -26.07
C LEU F 49 21.64 -16.74 -26.28
N THR F 50 22.37 -17.17 -25.26
CA THR F 50 23.81 -17.33 -25.40
C THR F 50 24.19 -18.38 -26.43
N PHE F 51 23.37 -19.41 -26.61
CA PHE F 51 23.65 -20.40 -27.64
C PHE F 51 23.43 -19.84 -29.04
N ALA F 52 22.49 -18.91 -29.19
CA ALA F 52 22.20 -18.36 -30.50
C ALA F 52 23.21 -17.31 -30.92
N VAL F 53 23.70 -16.50 -29.99
CA VAL F 53 24.60 -15.42 -30.30
C VAL F 53 26.03 -15.84 -30.01
N MET F 54 26.23 -17.13 -29.75
CA MET F 54 27.57 -17.64 -29.51
C MET F 54 28.56 -17.33 -30.63
N PRO F 55 28.19 -17.37 -31.91
CA PRO F 55 29.16 -16.91 -32.93
C PRO F 55 29.44 -15.43 -32.87
N ALA F 56 28.45 -14.60 -32.52
CA ALA F 56 28.61 -13.16 -32.50
C ALA F 56 29.20 -12.63 -31.20
N ILE F 57 29.94 -13.46 -30.48
CA ILE F 57 30.62 -13.07 -29.25
C ILE F 57 32.12 -13.28 -29.47
N PRO F 58 32.93 -12.24 -29.44
CA PRO F 58 34.37 -12.44 -29.57
C PRO F 58 34.93 -13.13 -28.33
N ALA F 59 36.19 -13.58 -28.46
CA ALA F 59 36.79 -14.40 -27.42
C ALA F 59 36.88 -13.63 -26.11
N VAL F 60 36.44 -14.29 -25.03
CA VAL F 60 36.53 -13.71 -23.69
C VAL F 60 38.00 -13.67 -23.31
N PRO F 61 38.41 -12.86 -22.33
CA PRO F 61 39.79 -12.94 -21.87
C PRO F 61 40.05 -14.22 -21.11
N SER F 62 40.72 -15.16 -21.76
CA SER F 62 41.19 -16.36 -21.10
C SER F 62 42.44 -16.02 -20.30
N ASP F 63 42.82 -16.93 -19.40
CA ASP F 63 43.81 -16.78 -18.33
C ASP F 63 43.20 -16.08 -17.12
N ILE F 64 41.90 -15.83 -17.16
CA ILE F 64 41.17 -15.25 -16.04
C ILE F 64 40.16 -16.29 -15.58
N ALA F 65 40.32 -16.79 -14.37
CA ALA F 65 39.40 -17.80 -13.87
C ALA F 65 38.15 -17.13 -13.32
N LEU F 66 37.05 -17.89 -13.29
CA LEU F 66 35.80 -17.35 -12.78
C LEU F 66 35.87 -17.15 -11.27
N LEU F 67 36.39 -18.14 -10.54
CA LEU F 67 36.44 -18.07 -9.09
C LEU F 67 37.74 -17.37 -8.66
N SER F 68 37.79 -16.08 -8.93
CA SER F 68 38.96 -15.29 -8.59
C SER F 68 38.57 -13.81 -8.61
N LEU F 69 39.34 -13.01 -7.87
CA LEU F 69 39.04 -11.59 -7.80
C LEU F 69 38.99 -10.97 -9.18
N GLN F 70 39.93 -11.33 -10.05
CA GLN F 70 39.90 -10.82 -11.42
C GLN F 70 38.63 -11.26 -12.14
N GLY F 71 38.03 -12.37 -11.73
CA GLY F 71 36.79 -12.81 -12.32
C GLY F 71 35.58 -12.13 -11.74
N PHE F 72 35.55 -11.94 -10.42
CA PHE F 72 34.40 -11.30 -9.81
C PHE F 72 34.31 -9.84 -10.19
N MET F 73 35.46 -9.17 -10.33
CA MET F 73 35.45 -7.80 -10.81
C MET F 73 34.80 -7.70 -12.17
N ILE F 74 35.24 -8.56 -13.10
CA ILE F 74 34.76 -8.46 -14.48
C ILE F 74 33.31 -8.95 -14.59
N THR F 75 32.87 -9.79 -13.66
CA THR F 75 31.47 -10.20 -13.66
C THR F 75 30.57 -9.08 -13.16
N PHE F 76 30.98 -8.39 -12.10
CA PHE F 76 30.19 -7.26 -11.64
C PHE F 76 30.17 -6.15 -12.67
N GLU F 77 31.29 -5.92 -13.35
CA GLU F 77 31.35 -4.88 -14.36
C GLU F 77 30.45 -5.17 -15.55
N GLN F 78 29.84 -6.34 -15.60
CA GLN F 78 28.86 -6.67 -16.63
C GLN F 78 27.45 -6.81 -16.12
N ILE F 79 27.26 -7.25 -14.88
CA ILE F 79 25.97 -7.05 -14.25
C ILE F 79 25.59 -5.58 -14.30
N VAL F 80 26.58 -4.70 -14.13
CA VAL F 80 26.29 -3.27 -14.18
C VAL F 80 25.85 -2.85 -15.58
N ILE F 81 26.53 -3.35 -16.62
CA ILE F 81 26.13 -3.00 -17.99
C ILE F 81 24.74 -3.51 -18.28
N GLY F 82 24.45 -4.76 -17.91
CA GLY F 82 23.12 -5.28 -18.11
C GLY F 82 22.07 -4.43 -17.42
N MET F 83 22.18 -4.26 -16.11
CA MET F 83 21.18 -3.49 -15.39
C MET F 83 21.03 -2.09 -15.97
N ALA F 84 22.13 -1.46 -16.36
CA ALA F 84 22.09 -0.11 -16.91
C ALA F 84 21.43 -0.06 -18.26
N MET F 85 21.42 -1.15 -19.01
CA MET F 85 20.72 -1.18 -20.30
C MET F 85 19.22 -1.36 -20.15
N GLY F 86 18.75 -2.31 -19.35
CA GLY F 86 17.32 -2.49 -19.19
C GLY F 86 16.65 -1.42 -18.34
N MET F 87 17.41 -0.82 -17.41
CA MET F 87 16.82 0.23 -16.61
C MET F 87 16.39 1.41 -17.46
N VAL F 88 16.97 1.61 -18.64
CA VAL F 88 16.53 2.71 -19.48
C VAL F 88 15.14 2.45 -20.04
N THR F 89 14.83 1.22 -20.40
CA THR F 89 13.46 0.88 -20.78
C THR F 89 12.51 0.94 -19.59
N GLN F 90 12.99 0.62 -18.39
CA GLN F 90 12.16 0.86 -17.22
C GLN F 90 11.82 2.33 -17.08
N PHE F 91 12.78 3.22 -17.30
CA PHE F 91 12.50 4.66 -17.32
C PHE F 91 11.49 5.01 -18.39
N LEU F 92 11.62 4.42 -19.57
CA LEU F 92 10.70 4.72 -20.65
C LEU F 92 9.27 4.36 -20.29
N VAL F 93 9.08 3.23 -19.62
CA VAL F 93 7.72 2.84 -19.23
C VAL F 93 7.23 3.71 -18.08
N GLN F 94 8.11 4.08 -17.17
CA GLN F 94 7.73 5.00 -16.10
C GLN F 94 7.30 6.35 -16.62
N ILE F 95 7.83 6.78 -17.76
CA ILE F 95 7.37 8.01 -18.39
C ILE F 95 5.85 8.01 -18.54
N PHE F 96 5.28 6.84 -18.86
CA PHE F 96 3.85 6.73 -19.10
C PHE F 96 3.07 6.34 -17.87
N VAL F 97 3.68 5.60 -16.95
CA VAL F 97 3.02 5.41 -15.67
C VAL F 97 2.78 6.73 -14.97
N MET F 98 3.75 7.65 -15.02
CA MET F 98 3.57 8.98 -14.43
C MET F 98 2.48 9.78 -15.10
N LEU F 99 2.29 9.64 -16.40
CA LEU F 99 1.14 10.24 -17.05
C LEU F 99 -0.16 9.81 -16.40
N GLY F 100 -0.34 8.50 -16.23
CA GLY F 100 -1.53 8.00 -15.62
C GLY F 100 -1.71 8.49 -14.21
N GLN F 101 -0.66 8.49 -13.41
CA GLN F 101 -0.77 8.91 -12.02
C GLN F 101 -0.65 10.40 -11.82
N ILE F 102 -0.54 11.18 -12.90
CA ILE F 102 -0.82 12.61 -12.84
C ILE F 102 -2.28 12.87 -13.17
N LEU F 103 -2.77 12.31 -14.27
CA LEU F 103 -4.17 12.54 -14.63
C LEU F 103 -5.12 11.81 -13.71
N GLY F 104 -4.64 10.86 -12.92
CA GLY F 104 -5.50 10.19 -11.97
C GLY F 104 -5.53 10.93 -10.67
N MET F 105 -4.41 11.50 -10.26
CA MET F 105 -4.38 12.24 -9.02
C MET F 105 -4.91 13.66 -9.16
N GLN F 106 -5.01 14.18 -10.39
CA GLN F 106 -5.70 15.44 -10.58
C GLN F 106 -7.21 15.28 -10.70
N SER F 107 -7.67 14.17 -11.24
CA SER F 107 -9.08 13.82 -11.21
C SER F 107 -9.50 13.24 -9.88
N SER F 108 -8.67 13.40 -8.86
CA SER F 108 -8.98 12.98 -7.49
C SER F 108 -9.11 11.47 -7.37
N LEU F 109 -8.60 10.71 -8.31
CA LEU F 109 -8.81 9.27 -8.22
C LEU F 109 -7.91 8.63 -7.18
N GLY F 110 -6.69 9.10 -7.04
CA GLY F 110 -5.92 8.76 -5.85
C GLY F 110 -5.82 10.00 -4.98
N PHE F 111 -6.64 10.08 -3.94
CA PHE F 111 -6.73 11.31 -3.16
C PHE F 111 -6.37 11.12 -1.70
N ALA F 112 -6.47 9.91 -1.17
CA ALA F 112 -6.00 9.69 0.19
C ALA F 112 -4.48 9.78 0.28
N SER F 113 -3.77 9.42 -0.77
CA SER F 113 -2.32 9.55 -0.81
C SER F 113 -1.86 10.96 -1.10
N MET F 114 -2.78 11.86 -1.44
CA MET F 114 -2.46 13.28 -1.56
C MET F 114 -2.58 14.02 -0.25
N VAL F 115 -3.56 13.67 0.58
CA VAL F 115 -3.67 14.29 1.89
C VAL F 115 -2.75 13.59 2.88
N ASP F 116 -2.43 12.33 2.62
CA ASP F 116 -1.56 11.53 3.49
C ASP F 116 -0.39 10.96 2.71
N PRO F 117 0.59 11.78 2.32
CA PRO F 117 1.74 11.25 1.58
C PRO F 117 2.43 10.09 2.28
N ALA F 118 2.16 9.91 3.56
CA ALA F 118 2.56 8.76 4.36
C ALA F 118 1.64 7.62 3.99
N ASN F 119 1.47 6.65 4.89
CA ASN F 119 0.71 5.44 4.63
C ASN F 119 -0.45 5.65 3.66
N GLY F 120 -1.34 6.58 3.96
CA GLY F 120 -2.41 6.96 3.05
C GLY F 120 -3.15 5.83 2.41
N GLN F 121 -3.65 6.05 1.18
CA GLN F 121 -4.34 4.99 0.43
C GLN F 121 -4.25 5.36 -1.05
N ASN F 122 -3.32 4.73 -1.76
CA ASN F 122 -3.09 5.05 -3.16
C ASN F 122 -3.75 4.01 -4.04
N THR F 123 -4.38 4.48 -5.12
CA THR F 123 -4.96 3.58 -6.11
C THR F 123 -4.23 3.75 -7.43
N PRO F 124 -3.28 2.88 -7.74
CA PRO F 124 -2.55 2.97 -9.01
C PRO F 124 -3.32 2.27 -10.13
N LEU F 125 -4.40 2.92 -10.58
CA LEU F 125 -5.25 2.35 -11.60
C LEU F 125 -4.91 2.87 -13.00
N LEU F 126 -4.94 4.18 -13.18
CA LEU F 126 -4.50 4.74 -14.45
C LEU F 126 -3.00 4.54 -14.63
N GLY F 127 -2.24 4.46 -13.56
CA GLY F 127 -0.85 4.06 -13.68
C GLY F 127 -0.72 2.67 -14.27
N GLN F 128 -1.50 1.71 -13.78
CA GLN F 128 -1.48 0.36 -14.34
C GLN F 128 -1.95 0.36 -15.79
N MET F 129 -2.95 1.17 -16.12
CA MET F 129 -3.44 1.22 -17.50
C MET F 129 -2.38 1.74 -18.45
N PHE F 130 -1.74 2.85 -18.11
CA PHE F 130 -0.69 3.36 -18.98
C PHE F 130 0.58 2.53 -18.93
N MET F 131 0.80 1.76 -17.88
CA MET F 131 1.85 0.75 -17.93
C MET F 131 1.52 -0.31 -18.96
N LEU F 132 0.25 -0.73 -19.03
CA LEU F 132 -0.15 -1.67 -20.07
C LEU F 132 0.06 -1.10 -21.46
N LEU F 133 -0.29 0.17 -21.66
CA LEU F 133 0.08 0.87 -22.90
C LEU F 133 1.56 0.79 -23.19
N ALA F 134 2.39 1.31 -22.31
CA ALA F 134 3.81 1.38 -22.58
C ALA F 134 4.42 0.01 -22.79
N THR F 135 3.81 -1.04 -22.26
CA THR F 135 4.31 -2.37 -22.55
C THR F 135 3.80 -2.91 -23.88
N LEU F 136 2.55 -2.64 -24.23
CA LEU F 136 2.02 -3.09 -25.52
C LEU F 136 2.57 -2.30 -26.68
N PHE F 137 3.06 -1.10 -26.44
CA PHE F 137 3.82 -0.34 -27.42
C PHE F 137 5.25 -0.83 -27.53
N PHE F 138 5.85 -1.16 -26.40
CA PHE F 138 7.18 -1.76 -26.41
C PHE F 138 7.18 -3.08 -27.15
N LEU F 139 6.10 -3.85 -27.05
CA LEU F 139 6.00 -5.14 -27.72
C LEU F 139 5.53 -5.00 -29.16
N SER F 140 4.45 -4.26 -29.40
CA SER F 140 3.90 -4.12 -30.74
C SER F 140 4.92 -3.57 -31.72
N SER F 141 5.42 -2.37 -31.50
CA SER F 141 6.60 -1.89 -32.19
C SER F 141 7.77 -2.60 -31.55
N ASP F 142 8.42 -3.50 -32.29
CA ASP F 142 9.22 -4.55 -31.68
C ASP F 142 10.41 -3.93 -30.98
N GLY F 143 10.20 -3.58 -29.71
CA GLY F 143 11.23 -2.97 -28.90
C GLY F 143 12.12 -3.98 -28.22
N HIS F 144 11.58 -5.15 -27.91
CA HIS F 144 12.40 -6.18 -27.27
C HIS F 144 13.42 -6.79 -28.23
N LEU F 145 13.10 -6.89 -29.51
CA LEU F 145 14.09 -7.36 -30.48
C LEU F 145 15.22 -6.36 -30.63
N LYS F 146 14.91 -5.07 -30.72
CA LYS F 146 15.97 -4.08 -30.74
C LYS F 146 16.74 -4.09 -29.44
N MET F 147 16.07 -4.35 -28.32
CA MET F 147 16.74 -4.40 -27.03
C MET F 147 17.73 -5.55 -26.96
N ILE F 148 17.44 -6.66 -27.62
CA ILE F 148 18.38 -7.77 -27.63
C ILE F 148 19.48 -7.56 -28.67
N GLN F 149 19.15 -6.96 -29.81
CA GLN F 149 20.19 -6.61 -30.76
C GLN F 149 21.20 -5.66 -30.14
N LEU F 150 20.75 -4.76 -29.28
CA LEU F 150 21.67 -3.85 -28.62
C LEU F 150 22.63 -4.57 -27.69
N VAL F 151 22.19 -5.61 -26.98
CA VAL F 151 23.14 -6.38 -26.20
C VAL F 151 24.13 -7.11 -27.08
N VAL F 152 23.63 -7.79 -28.11
CA VAL F 152 24.53 -8.59 -28.94
C VAL F 152 25.52 -7.69 -29.67
N PHE F 153 25.14 -6.47 -29.98
CA PHE F 153 26.10 -5.53 -30.52
C PHE F 153 27.12 -5.09 -29.48
N SER F 154 26.79 -5.21 -28.19
CA SER F 154 27.68 -4.69 -27.17
C SER F 154 28.88 -5.58 -26.93
N PHE F 155 28.79 -6.88 -27.24
CA PHE F 155 29.95 -7.75 -27.05
C PHE F 155 31.08 -7.41 -28.00
N LYS F 156 30.82 -6.61 -29.04
CA LYS F 156 31.86 -6.14 -29.92
C LYS F 156 32.18 -4.67 -29.73
N SER F 157 31.33 -3.93 -29.03
CA SER F 157 31.55 -2.51 -28.76
C SER F 157 31.99 -2.25 -27.32
N LEU F 158 31.41 -2.96 -26.36
CA LEU F 158 31.90 -2.98 -24.99
C LEU F 158 32.43 -4.36 -24.68
N PRO F 159 33.55 -4.76 -25.27
CA PRO F 159 33.97 -6.16 -25.17
C PRO F 159 34.20 -6.59 -23.74
N ILE F 160 34.14 -7.89 -23.51
CA ILE F 160 34.34 -8.43 -22.18
C ILE F 160 35.78 -8.25 -21.77
N GLY F 161 36.00 -7.58 -20.65
CA GLY F 161 37.34 -7.35 -20.16
C GLY F 161 38.03 -6.14 -20.74
N SER F 162 37.30 -5.27 -21.42
CA SER F 162 37.86 -4.03 -21.95
C SER F 162 36.95 -2.89 -21.53
N GLY F 163 37.19 -2.37 -20.33
CA GLY F 163 36.46 -1.22 -19.85
C GLY F 163 35.00 -1.53 -19.57
N SER F 164 34.29 -0.49 -19.14
CA SER F 164 32.89 -0.59 -18.78
C SER F 164 32.29 0.81 -18.94
N LEU F 165 31.13 1.01 -18.31
CA LEU F 165 30.54 2.34 -18.30
C LEU F 165 31.46 3.31 -17.58
N THR F 166 31.82 4.39 -18.28
CA THR F 166 32.66 5.40 -17.68
C THR F 166 31.86 6.31 -16.77
N THR F 167 32.56 7.11 -15.98
CA THR F 167 31.91 7.98 -15.01
C THR F 167 31.05 9.04 -15.68
N VAL F 168 31.34 9.37 -16.93
CA VAL F 168 30.49 10.31 -17.66
C VAL F 168 29.17 9.67 -18.03
N ASP F 169 29.10 8.34 -18.02
CA ASP F 169 27.88 7.65 -18.38
C ASP F 169 26.95 7.44 -17.18
N TYR F 170 27.51 7.24 -15.99
CA TYR F 170 26.68 7.10 -14.80
C TYR F 170 25.93 8.39 -14.49
N ARG F 171 26.55 9.54 -14.71
CA ARG F 171 25.84 10.80 -14.48
C ARG F 171 24.80 11.05 -15.54
N GLU F 172 25.13 10.77 -16.79
CA GLU F 172 24.16 10.97 -17.87
C GLU F 172 23.00 10.01 -17.73
N LEU F 173 23.21 8.89 -17.06
CA LEU F 173 22.17 7.90 -16.87
C LEU F 173 21.31 8.18 -15.65
N ALA F 174 21.88 8.81 -14.63
CA ALA F 174 21.16 9.21 -13.44
C ALA F 174 20.45 10.54 -13.59
N LEU F 175 20.54 11.15 -14.76
CA LEU F 175 19.78 12.34 -15.10
C LEU F 175 18.46 12.01 -15.75
N TRP F 176 18.10 10.72 -15.84
CA TRP F 176 16.90 10.35 -16.55
C TRP F 176 15.66 10.58 -15.72
N LEU F 177 15.82 10.91 -14.44
CA LEU F 177 14.64 11.24 -13.66
C LEU F 177 14.08 12.60 -14.08
N GLY F 178 14.97 13.53 -14.40
CA GLY F 178 14.51 14.79 -14.95
C GLY F 178 13.87 14.64 -16.32
N ILE F 179 14.40 13.73 -17.13
CA ILE F 179 13.81 13.48 -18.44
C ILE F 179 12.46 12.81 -18.31
N MET F 180 12.32 11.91 -17.34
CA MET F 180 11.01 11.30 -17.10
C MET F 180 9.99 12.32 -16.66
N PHE F 181 10.37 13.21 -15.74
CA PHE F 181 9.43 14.24 -15.30
C PHE F 181 9.15 15.28 -16.35
N LYS F 182 10.06 15.48 -17.31
CA LYS F 182 9.78 16.37 -18.42
C LYS F 182 8.89 15.73 -19.46
N ALA F 183 9.10 14.45 -19.74
CA ALA F 183 8.29 13.75 -20.72
C ALA F 183 6.86 13.53 -20.22
N SER F 184 6.71 13.10 -18.97
CA SER F 184 5.37 12.90 -18.43
C SER F 184 4.59 14.20 -18.32
N LEU F 185 5.27 15.34 -18.32
CA LEU F 185 4.57 16.62 -18.39
C LEU F 185 4.29 17.04 -19.82
N ALA F 186 5.21 16.78 -20.74
CA ALA F 186 4.96 17.07 -22.14
C ALA F 186 3.74 16.31 -22.66
N VAL F 187 3.59 15.05 -22.25
CA VAL F 187 2.50 14.24 -22.79
C VAL F 187 1.17 14.69 -22.20
N SER F 188 1.15 15.06 -20.93
CA SER F 188 -0.09 15.28 -20.20
C SER F 188 -0.35 16.74 -19.91
N LEU F 189 0.36 17.67 -20.56
CA LEU F 189 0.05 19.08 -20.39
C LEU F 189 -1.35 19.43 -20.84
N SER F 190 -1.79 18.86 -21.96
CA SER F 190 -3.14 19.10 -22.45
C SER F 190 -4.20 18.55 -21.50
N GLY F 191 -3.88 17.52 -20.73
CA GLY F 191 -4.83 17.03 -19.77
C GLY F 191 -4.78 17.84 -18.50
N ILE F 192 -3.59 18.29 -18.13
CA ILE F 192 -3.43 19.10 -16.93
C ILE F 192 -4.23 20.39 -17.06
N ILE F 193 -4.15 21.06 -18.20
CA ILE F 193 -4.89 22.31 -18.36
C ILE F 193 -6.38 22.06 -18.28
N ALA F 194 -6.89 21.03 -18.95
CA ALA F 194 -8.31 20.75 -18.90
C ALA F 194 -8.78 20.37 -17.51
N LEU F 195 -7.95 19.64 -16.75
CA LEU F 195 -8.33 19.22 -15.42
C LEU F 195 -8.26 20.35 -14.41
N LEU F 196 -7.30 21.26 -14.55
CA LEU F 196 -7.31 22.43 -13.70
C LEU F 196 -8.47 23.37 -14.03
N THR F 197 -8.84 23.51 -15.29
CA THR F 197 -10.00 24.31 -15.63
C THR F 197 -11.30 23.75 -15.05
N VAL F 198 -11.32 22.48 -14.68
CA VAL F 198 -12.50 21.87 -14.07
C VAL F 198 -12.42 21.91 -12.54
N ASN F 199 -11.25 21.68 -11.98
CA ASN F 199 -11.09 21.86 -10.54
C ASN F 199 -11.39 23.28 -10.13
N LEU F 200 -10.85 24.26 -10.85
CA LEU F 200 -11.15 25.65 -10.56
C LEU F 200 -12.61 26.00 -10.85
N SER F 201 -13.28 25.27 -11.73
CA SER F 201 -14.70 25.56 -11.95
C SER F 201 -15.54 25.05 -10.80
N PHE F 202 -15.21 23.87 -10.27
CA PHE F 202 -15.80 23.47 -8.99
C PHE F 202 -15.47 24.48 -7.90
N GLY F 203 -14.28 25.07 -7.94
CA GLY F 203 -13.94 26.09 -6.98
C GLY F 203 -14.79 27.34 -7.09
N VAL F 204 -15.07 27.78 -8.31
CA VAL F 204 -15.96 28.91 -8.51
C VAL F 204 -17.37 28.55 -8.07
N MET F 205 -17.76 27.29 -8.23
CA MET F 205 -19.05 26.85 -7.71
C MET F 205 -19.09 26.99 -6.20
N THR F 206 -18.05 26.52 -5.51
CA THR F 206 -17.95 26.68 -4.06
C THR F 206 -17.88 28.13 -3.64
N ARG F 207 -17.36 29.01 -4.48
CA ARG F 207 -17.29 30.42 -4.12
C ARG F 207 -18.65 31.09 -4.25
N ALA F 208 -19.31 30.92 -5.39
CA ALA F 208 -20.58 31.57 -5.61
C ALA F 208 -21.65 31.03 -4.67
N ALA F 209 -21.66 29.72 -4.44
CA ALA F 209 -22.63 29.07 -3.55
C ALA F 209 -21.89 28.15 -2.62
N PRO F 210 -21.60 28.58 -1.40
CA PRO F 210 -20.79 27.77 -0.48
C PRO F 210 -21.45 26.48 -0.02
N GLN F 211 -22.63 26.13 -0.55
CA GLN F 211 -23.28 24.89 -0.14
C GLN F 211 -22.73 23.71 -0.92
N LEU F 212 -22.42 23.91 -2.20
CA LEU F 212 -21.71 22.90 -2.98
C LEU F 212 -20.38 22.61 -2.32
N ASN F 213 -20.17 21.35 -1.97
CA ASN F 213 -19.12 20.98 -1.02
C ASN F 213 -18.30 19.86 -1.63
N ILE F 214 -17.43 19.29 -0.80
CA ILE F 214 -16.83 17.99 -1.15
C ILE F 214 -17.86 16.90 -0.96
N PHE F 215 -18.97 17.19 -0.26
CA PHE F 215 -20.02 16.20 -0.10
C PHE F 215 -21.09 16.34 -1.18
N SER F 216 -21.45 17.57 -1.53
CA SER F 216 -22.55 17.80 -2.45
C SER F 216 -22.20 17.32 -3.85
N LEU F 217 -21.11 17.81 -4.41
CA LEU F 217 -20.63 17.33 -5.70
C LEU F 217 -19.12 17.16 -5.67
N GLY F 218 -18.62 16.57 -4.60
CA GLY F 218 -17.19 16.46 -4.41
C GLY F 218 -16.58 15.45 -5.36
N PHE F 219 -15.68 15.90 -6.23
CA PHE F 219 -14.87 15.02 -7.07
C PHE F 219 -15.72 14.23 -8.06
N SER F 220 -16.86 14.77 -8.44
CA SER F 220 -17.72 14.13 -9.43
C SER F 220 -17.59 14.74 -10.82
N PHE F 221 -17.28 16.03 -10.92
CA PHE F 221 -16.98 16.61 -12.22
C PHE F 221 -15.55 16.33 -12.64
N ALA F 222 -14.61 16.58 -11.72
CA ALA F 222 -13.22 16.27 -11.96
C ALA F 222 -13.01 14.84 -12.40
N LEU F 223 -13.81 13.92 -11.89
CA LEU F 223 -13.67 12.50 -12.20
C LEU F 223 -14.11 12.14 -13.60
N LEU F 224 -15.32 12.56 -14.01
CA LEU F 224 -15.76 12.36 -15.38
C LEU F 224 -14.85 13.05 -16.36
N VAL F 225 -14.42 14.29 -16.08
CA VAL F 225 -13.57 14.98 -17.03
C VAL F 225 -12.18 14.36 -17.07
N GLY F 226 -11.69 13.85 -15.95
CA GLY F 226 -10.40 13.18 -15.97
C GLY F 226 -10.42 11.86 -16.67
N LEU F 227 -11.56 11.19 -16.71
CA LEU F 227 -11.70 10.00 -17.54
C LEU F 227 -11.83 10.33 -19.01
N LEU F 228 -12.60 11.37 -19.35
CA LEU F 228 -12.71 11.78 -20.73
C LEU F 228 -11.39 12.28 -21.29
N LEU F 229 -10.60 13.00 -20.49
CA LEU F 229 -9.29 13.44 -20.95
C LEU F 229 -8.36 12.27 -21.15
N CYS F 230 -8.34 11.32 -20.23
CA CYS F 230 -7.54 10.12 -20.41
C CYS F 230 -7.95 9.36 -21.66
N TRP F 231 -9.24 9.40 -22.00
CA TRP F 231 -9.70 8.76 -23.23
C TRP F 231 -9.22 9.52 -24.45
N TYR F 232 -9.24 10.85 -24.39
CA TYR F 232 -8.84 11.68 -25.52
C TYR F 232 -7.34 11.72 -25.73
N ILE F 233 -6.56 11.41 -24.70
CA ILE F 233 -5.10 11.46 -24.82
C ILE F 233 -4.60 10.26 -25.60
N LEU F 234 -5.29 9.11 -25.50
CA LEU F 234 -4.76 7.87 -26.05
C LEU F 234 -4.60 7.92 -27.55
N SER F 235 -5.34 8.78 -28.23
CA SER F 235 -5.23 8.82 -29.69
C SER F 235 -3.84 9.23 -30.12
N GLY F 236 -3.34 10.36 -29.62
CA GLY F 236 -2.03 10.82 -30.00
C GLY F 236 -0.97 10.44 -28.99
N LEU F 237 -1.06 9.23 -28.46
CA LEU F 237 -0.11 8.78 -27.45
C LEU F 237 0.98 7.90 -28.02
N TYR F 238 0.80 7.36 -29.21
CA TYR F 238 1.90 6.64 -29.85
C TYR F 238 2.91 7.59 -30.47
N THR F 239 2.49 8.79 -30.87
CA THR F 239 3.43 9.74 -31.41
C THR F 239 4.42 10.25 -30.38
N HIS F 240 4.08 10.12 -29.10
CA HIS F 240 5.02 10.43 -28.03
C HIS F 240 5.88 9.26 -27.65
N TYR F 241 5.32 8.06 -27.66
CA TYR F 241 6.15 6.89 -27.42
C TYR F 241 7.23 6.78 -28.48
N GLU F 242 6.89 7.06 -29.73
CA GLU F 242 7.90 7.03 -30.76
C GLU F 242 8.97 8.08 -30.56
N ILE F 243 8.62 9.21 -29.94
CA ILE F 243 9.60 10.26 -29.66
C ILE F 243 10.56 9.80 -28.57
N TYR F 244 10.03 9.25 -27.49
CA TYR F 244 10.86 8.91 -26.35
C TYR F 244 11.56 7.58 -26.50
N TRP F 245 11.10 6.71 -27.40
CA TRP F 245 11.85 5.51 -27.68
C TRP F 245 13.10 5.81 -28.49
N GLN F 246 13.09 6.86 -29.31
CA GLN F 246 14.32 7.29 -29.93
C GLN F 246 15.34 7.74 -28.89
N GLU F 247 14.91 8.48 -27.87
CA GLU F 247 15.84 8.88 -26.83
C GLU F 247 16.32 7.68 -26.03
N THR F 248 15.40 6.81 -25.65
CA THR F 248 15.75 5.60 -24.92
C THR F 248 16.68 4.68 -25.70
N GLU F 249 16.61 4.72 -27.02
CA GLU F 249 17.46 3.89 -27.85
C GLU F 249 18.80 4.55 -28.12
N GLU F 250 18.82 5.87 -28.33
CA GLU F 250 20.09 6.56 -28.49
C GLU F 250 20.90 6.54 -27.20
N GLN F 251 20.25 6.56 -26.05
CA GLN F 251 21.00 6.45 -24.80
C GLN F 251 21.76 5.14 -24.73
N ILE F 252 21.09 4.03 -24.99
CA ILE F 252 21.77 2.75 -24.99
C ILE F 252 22.79 2.69 -26.11
N CYS F 253 22.50 3.29 -27.26
CA CYS F 253 23.48 3.33 -28.33
C CYS F 253 24.63 4.27 -28.03
N ARG F 254 24.58 4.98 -26.90
CA ARG F 254 25.75 5.70 -26.42
C ARG F 254 26.43 5.01 -25.25
N LEU F 255 25.71 4.10 -24.59
CA LEU F 255 26.27 3.37 -23.46
C LEU F 255 27.23 2.28 -23.92
N ILE F 256 27.03 1.78 -25.13
CA ILE F 256 27.68 0.61 -25.72
C ILE F 256 28.38 1.03 -27.02
N ARG F 257 29.17 2.09 -26.95
CA ARG F 257 29.20 3.24 -27.87
C ARG F 257 28.57 2.91 -29.23
N LEU F 258 28.99 1.87 -29.93
CA LEU F 258 28.30 1.42 -31.14
C LEU F 258 28.26 2.46 -32.25
N ASN F 259 28.85 3.64 -32.04
CA ASN F 259 28.82 4.72 -33.03
C ASN F 259 27.39 5.02 -33.48
N CYS F 260 26.47 5.06 -32.50
CA CYS F 260 25.09 5.46 -32.74
C CYS F 260 24.51 6.21 -31.55
N MET G 1 -0.23 -7.34 -33.33
CA MET G 1 -1.01 -6.14 -33.62
C MET G 1 -0.15 -4.88 -33.66
N THR G 2 -0.72 -3.82 -34.23
CA THR G 2 -0.04 -2.54 -34.35
C THR G 2 -0.43 -1.62 -33.21
N PRO G 3 0.29 -0.51 -33.02
CA PRO G 3 -0.10 0.43 -31.95
C PRO G 3 -1.49 1.01 -32.10
N GLU G 4 -1.93 1.30 -33.32
CA GLU G 4 -3.24 1.92 -33.50
C GLU G 4 -4.37 0.97 -33.13
N ILE G 5 -4.17 -0.33 -33.30
CA ILE G 5 -5.19 -1.30 -32.87
C ILE G 5 -5.33 -1.28 -31.36
N PHE G 6 -4.22 -1.27 -30.64
CA PHE G 6 -4.30 -1.29 -29.18
C PHE G 6 -4.82 0.04 -28.64
N VAL G 7 -4.51 1.15 -29.31
CA VAL G 7 -5.11 2.42 -28.94
C VAL G 7 -6.61 2.39 -29.16
N GLU G 8 -7.06 1.80 -30.27
CA GLU G 8 -8.48 1.65 -30.51
C GLU G 8 -9.14 0.82 -29.42
N LEU G 9 -8.44 -0.22 -28.98
CA LEU G 9 -8.95 -1.09 -27.92
C LEU G 9 -9.06 -0.36 -26.59
N PHE G 10 -8.07 0.48 -26.26
CA PHE G 10 -8.17 1.29 -25.05
C PHE G 10 -9.23 2.37 -25.14
N LYS G 11 -9.50 2.91 -26.33
CA LYS G 11 -10.65 3.80 -26.44
C LYS G 11 -11.94 3.07 -26.12
N GLU G 12 -12.07 1.82 -26.58
CA GLU G 12 -13.25 1.04 -26.19
C GLU G 12 -13.35 0.91 -24.68
N SER G 13 -12.25 0.57 -24.02
CA SER G 13 -12.26 0.39 -22.57
C SER G 13 -12.57 1.66 -21.82
N LEU G 14 -11.92 2.76 -22.16
CA LEU G 14 -12.22 4.03 -21.51
C LEU G 14 -13.64 4.48 -21.80
N TRP G 15 -14.20 4.14 -22.96
CA TRP G 15 -15.59 4.46 -23.22
C TRP G 15 -16.52 3.67 -22.33
N LEU G 16 -16.23 2.39 -22.10
CA LEU G 16 -17.02 1.64 -21.13
C LEU G 16 -16.95 2.26 -19.75
N VAL G 17 -15.74 2.55 -19.27
CA VAL G 17 -15.62 3.18 -17.96
C VAL G 17 -16.44 4.45 -17.92
N LEU G 18 -16.38 5.25 -18.98
CA LEU G 18 -17.08 6.52 -18.99
C LEU G 18 -18.58 6.35 -18.90
N ILE G 19 -19.16 5.48 -19.72
CA ILE G 19 -20.62 5.35 -19.72
C ILE G 19 -21.12 4.66 -18.47
N MET G 20 -20.34 3.74 -17.88
CA MET G 20 -20.78 3.15 -16.62
C MET G 20 -20.73 4.16 -15.48
N VAL G 21 -19.60 4.86 -15.35
CA VAL G 21 -19.48 5.87 -14.31
C VAL G 21 -20.56 6.94 -14.48
N CYS G 22 -20.83 7.36 -15.72
CA CYS G 22 -21.89 8.31 -15.95
C CYS G 22 -23.24 7.76 -15.52
N ALA G 23 -23.58 6.55 -15.96
CA ALA G 23 -24.88 5.98 -15.62
C ALA G 23 -25.10 5.90 -14.12
N ILE G 24 -24.05 5.63 -13.34
CA ILE G 24 -24.21 5.45 -11.90
C ILE G 24 -24.13 6.78 -11.15
N ILE G 25 -23.37 7.74 -11.65
CA ILE G 25 -23.05 8.92 -10.87
C ILE G 25 -23.88 10.13 -11.30
N ILE G 26 -24.36 10.16 -12.53
CA ILE G 26 -25.24 11.24 -12.95
C ILE G 26 -26.46 11.37 -12.06
N PRO G 27 -27.18 10.30 -11.71
CA PRO G 27 -28.28 10.47 -10.75
C PRO G 27 -27.83 10.97 -9.40
N SER G 28 -26.75 10.43 -8.85
CA SER G 28 -26.22 10.94 -7.59
C SER G 28 -25.81 12.40 -7.67
N LEU G 29 -25.15 12.81 -8.76
CA LEU G 29 -24.78 14.21 -8.90
C LEU G 29 -26.00 15.12 -9.07
N LEU G 30 -27.03 14.64 -9.74
CA LEU G 30 -28.24 15.44 -9.86
C LEU G 30 -28.89 15.65 -8.52
N ILE G 31 -28.99 14.60 -7.70
CA ILE G 31 -29.62 14.78 -6.40
C ILE G 31 -28.73 15.59 -5.48
N GLY G 32 -27.41 15.50 -5.64
CA GLY G 32 -26.53 16.40 -4.91
C GLY G 32 -26.76 17.85 -5.28
N LEU G 33 -26.88 18.14 -6.57
CA LEU G 33 -27.23 19.49 -7.01
C LEU G 33 -28.56 19.94 -6.43
N VAL G 34 -29.57 19.08 -6.45
CA VAL G 34 -30.88 19.50 -5.96
C VAL G 34 -30.84 19.82 -4.48
N VAL G 35 -30.25 18.93 -3.68
CA VAL G 35 -30.23 19.16 -2.25
C VAL G 35 -29.32 20.31 -1.90
N ALA G 36 -28.29 20.57 -2.71
CA ALA G 36 -27.45 21.73 -2.49
C ALA G 36 -28.15 23.03 -2.84
N ILE G 37 -28.97 23.01 -3.90
CA ILE G 37 -29.83 24.15 -4.19
C ILE G 37 -30.78 24.41 -3.02
N PHE G 38 -31.33 23.34 -2.44
CA PHE G 38 -32.15 23.51 -1.25
C PHE G 38 -31.37 24.18 -0.13
N GLN G 39 -30.19 23.67 0.18
CA GLN G 39 -29.36 24.26 1.22
C GLN G 39 -29.08 25.74 0.94
N ALA G 40 -28.66 26.07 -0.27
CA ALA G 40 -28.36 27.46 -0.62
C ALA G 40 -29.59 28.36 -0.51
N ALA G 41 -30.76 27.86 -0.91
CA ALA G 41 -31.96 28.69 -0.88
C ALA G 41 -32.43 28.94 0.53
N THR G 42 -32.43 27.90 1.37
CA THR G 42 -32.85 28.05 2.75
C THR G 42 -31.69 28.48 3.62
N SER G 43 -30.55 28.80 3.01
CA SER G 43 -29.35 29.24 3.72
C SER G 43 -28.97 28.29 4.84
N ILE G 44 -29.01 26.99 4.56
CA ILE G 44 -28.62 25.96 5.51
C ILE G 44 -27.20 25.53 5.17
N ASN G 45 -26.30 25.60 6.14
CA ASN G 45 -24.89 25.29 5.90
C ASN G 45 -24.53 24.05 6.70
N GLU G 46 -24.93 22.89 6.18
CA GLU G 46 -24.77 21.63 6.90
C GLU G 46 -24.18 20.61 5.94
N GLN G 47 -22.86 20.55 5.91
CA GLN G 47 -22.16 20.10 4.71
C GLN G 47 -22.11 18.59 4.55
N THR G 48 -22.82 17.85 5.41
CA THR G 48 -22.94 16.42 5.24
C THR G 48 -24.39 15.98 5.14
N LEU G 49 -25.29 16.91 4.83
CA LEU G 49 -26.68 16.57 4.58
C LEU G 49 -26.83 15.85 3.24
N SER G 50 -25.96 16.15 2.29
CA SER G 50 -26.06 15.62 0.94
C SER G 50 -25.70 14.15 0.86
N PHE G 51 -25.27 13.53 1.96
CA PHE G 51 -24.69 12.20 1.81
C PHE G 51 -25.75 11.13 1.65
N LEU G 52 -26.77 11.14 2.50
CA LEU G 52 -27.73 10.05 2.45
C LEU G 52 -28.58 10.05 1.18
N PRO G 53 -29.09 11.18 0.69
CA PRO G 53 -29.74 11.14 -0.63
C PRO G 53 -28.83 10.63 -1.72
N ARG G 54 -27.59 11.13 -1.81
CA ARG G 54 -26.67 10.67 -2.83
C ARG G 54 -26.36 9.19 -2.71
N LEU G 55 -26.27 8.66 -1.50
CA LEU G 55 -26.01 7.24 -1.32
C LEU G 55 -27.20 6.38 -1.69
N ILE G 56 -28.41 6.78 -1.28
CA ILE G 56 -29.60 6.05 -1.67
C ILE G 56 -29.72 6.02 -3.19
N ILE G 57 -29.45 7.14 -3.85
CA ILE G 57 -29.60 7.17 -5.29
C ILE G 57 -28.50 6.38 -5.98
N THR G 58 -27.28 6.40 -5.46
CA THR G 58 -26.26 5.53 -6.04
C THR G 58 -26.60 4.06 -5.89
N LEU G 59 -27.15 3.65 -4.75
CA LEU G 59 -27.56 2.26 -4.61
C LEU G 59 -28.74 1.91 -5.50
N LEU G 60 -29.70 2.81 -5.65
CA LEU G 60 -30.82 2.54 -6.54
C LEU G 60 -30.40 2.54 -8.01
N ALA G 61 -29.40 3.34 -8.38
CA ALA G 61 -28.89 3.31 -9.74
C ALA G 61 -28.02 2.10 -10.01
N LEU G 62 -27.36 1.57 -8.98
CA LEU G 62 -26.71 0.27 -9.12
C LEU G 62 -27.70 -0.86 -9.22
N MET G 63 -28.88 -0.70 -8.63
CA MET G 63 -29.94 -1.70 -8.76
C MET G 63 -30.63 -1.62 -10.12
N PHE G 64 -30.82 -0.42 -10.63
CA PHE G 64 -31.54 -0.22 -11.88
C PHE G 64 -30.65 -0.51 -13.08
N PHE G 65 -29.46 0.06 -13.11
CA PHE G 65 -28.51 -0.14 -14.20
C PHE G 65 -27.64 -1.36 -14.03
N GLY G 66 -27.85 -2.16 -12.99
CA GLY G 66 -26.94 -3.26 -12.74
C GLY G 66 -26.99 -4.32 -13.82
N HIS G 67 -28.19 -4.61 -14.33
CA HIS G 67 -28.32 -5.70 -15.30
C HIS G 67 -27.65 -5.36 -16.62
N TRP G 68 -27.94 -4.21 -17.20
CA TRP G 68 -27.34 -3.89 -18.48
C TRP G 68 -25.87 -3.56 -18.35
N MET G 69 -25.44 -3.10 -17.17
CA MET G 69 -24.01 -2.90 -16.94
C MET G 69 -23.27 -4.22 -16.93
N THR G 70 -23.80 -5.22 -16.25
CA THR G 70 -23.15 -6.53 -16.29
C THR G 70 -23.23 -7.15 -17.67
N GLN G 71 -24.30 -6.87 -18.43
CA GLN G 71 -24.37 -7.37 -19.79
C GLN G 71 -23.36 -6.69 -20.69
N MET G 72 -23.11 -5.41 -20.46
CA MET G 72 -22.16 -4.66 -21.27
C MET G 72 -20.72 -5.08 -20.98
N LEU G 73 -20.39 -5.29 -19.72
CA LEU G 73 -19.10 -5.89 -19.39
C LEU G 73 -18.94 -7.30 -19.95
N MET G 74 -19.99 -8.11 -19.89
CA MET G 74 -19.90 -9.47 -20.42
C MET G 74 -19.68 -9.46 -21.93
N ASP G 75 -20.41 -8.62 -22.65
CA ASP G 75 -20.20 -8.47 -24.07
C ASP G 75 -18.82 -7.93 -24.41
N PHE G 76 -18.27 -7.04 -23.58
CA PHE G 76 -16.91 -6.58 -23.81
C PHE G 76 -15.89 -7.70 -23.63
N PHE G 77 -16.00 -8.49 -22.57
CA PHE G 77 -15.12 -9.63 -22.40
C PHE G 77 -15.21 -10.57 -23.60
N TYR G 78 -16.43 -10.88 -24.04
CA TYR G 78 -16.57 -11.76 -25.19
C TYR G 78 -15.94 -11.16 -26.45
N SER G 79 -16.12 -9.86 -26.67
CA SER G 79 -15.57 -9.23 -27.86
C SER G 79 -14.04 -9.15 -27.83
N MET G 80 -13.43 -9.15 -26.65
CA MET G 80 -11.98 -9.28 -26.63
C MET G 80 -11.54 -10.73 -26.67
N ILE G 81 -12.45 -11.68 -26.52
CA ILE G 81 -12.07 -13.06 -26.77
C ILE G 81 -12.11 -13.39 -28.25
N GLU G 82 -13.09 -12.88 -29.01
CA GLU G 82 -13.04 -13.10 -30.44
C GLU G 82 -11.94 -12.29 -31.10
N ARG G 83 -11.41 -11.28 -30.42
CA ARG G 83 -10.34 -10.45 -30.98
C ARG G 83 -8.97 -11.05 -30.80
N LEU G 84 -8.89 -12.27 -30.29
CA LEU G 84 -7.59 -12.87 -30.03
C LEU G 84 -6.92 -13.45 -31.27
N PRO G 85 -7.64 -14.05 -32.24
CA PRO G 85 -6.94 -14.54 -33.43
C PRO G 85 -6.06 -13.52 -34.11
N GLN G 86 -6.46 -12.25 -34.20
CA GLN G 86 -5.62 -11.28 -34.87
C GLN G 86 -4.48 -10.79 -33.99
N VAL G 87 -4.50 -11.12 -32.70
CA VAL G 87 -3.30 -11.06 -31.89
C VAL G 87 -2.37 -12.22 -32.21
N LEU G 88 -2.95 -13.42 -32.38
CA LEU G 88 -2.17 -14.63 -32.56
C LEU G 88 -1.15 -14.48 -33.69
N TYR G 89 -1.57 -13.91 -34.81
CA TYR G 89 -0.64 -13.58 -35.88
C TYR G 89 -0.44 -12.08 -35.98
N MET H 1 -24.22 -21.22 -11.83
CA MET H 1 -25.33 -20.28 -11.88
C MET H 1 -25.28 -19.38 -13.11
N THR H 2 -26.41 -18.72 -13.38
CA THR H 2 -26.54 -17.81 -14.51
C THR H 2 -26.30 -16.38 -14.07
N PRO H 3 -26.12 -15.45 -15.01
CA PRO H 3 -25.94 -14.04 -14.63
C PRO H 3 -27.10 -13.45 -13.86
N GLU H 4 -28.34 -13.81 -14.20
CA GLU H 4 -29.49 -13.21 -13.53
C GLU H 4 -29.59 -13.64 -12.08
N ILE H 5 -29.11 -14.85 -11.76
CA ILE H 5 -29.09 -15.28 -10.36
C ILE H 5 -28.13 -14.43 -9.55
N PHE H 6 -26.94 -14.18 -10.08
CA PHE H 6 -25.96 -13.39 -9.35
C PHE H 6 -26.36 -11.93 -9.26
N VAL H 7 -27.03 -11.42 -10.28
CA VAL H 7 -27.59 -10.08 -10.20
C VAL H 7 -28.67 -10.02 -9.11
N GLU H 8 -29.50 -11.05 -9.03
CA GLU H 8 -30.51 -11.10 -7.97
C GLU H 8 -29.84 -11.12 -6.60
N LEU H 9 -28.74 -11.84 -6.48
CA LEU H 9 -27.99 -11.92 -5.24
C LEU H 9 -27.38 -10.58 -4.85
N PHE H 10 -26.84 -9.84 -5.82
CA PHE H 10 -26.34 -8.50 -5.53
C PHE H 10 -27.44 -7.51 -5.21
N LYS H 11 -28.62 -7.67 -5.78
CA LYS H 11 -29.72 -6.83 -5.32
C LYS H 11 -30.03 -7.09 -3.85
N GLU H 12 -29.99 -8.35 -3.43
CA GLU H 12 -30.17 -8.64 -2.01
C GLU H 12 -29.11 -7.91 -1.17
N SER H 13 -27.86 -7.98 -1.58
CA SER H 13 -26.77 -7.36 -0.82
C SER H 13 -26.89 -5.84 -0.78
N LEU H 14 -27.13 -5.21 -1.91
CA LEU H 14 -27.31 -3.76 -1.93
C LEU H 14 -28.54 -3.35 -1.15
N TRP H 15 -29.57 -4.18 -1.11
CA TRP H 15 -30.72 -3.87 -0.27
C TRP H 15 -30.38 -3.92 1.20
N LEU H 16 -29.58 -4.90 1.62
CA LEU H 16 -29.13 -4.89 3.00
C LEU H 16 -28.33 -3.64 3.32
N VAL H 17 -27.35 -3.30 2.48
CA VAL H 17 -26.58 -2.09 2.72
C VAL H 17 -27.51 -0.89 2.84
N LEU H 18 -28.51 -0.81 1.96
CA LEU H 18 -29.39 0.33 1.95
C LEU H 18 -30.19 0.44 3.24
N ILE H 19 -30.81 -0.64 3.68
CA ILE H 19 -31.66 -0.55 4.87
C ILE H 19 -30.84 -0.39 6.13
N MET H 20 -29.63 -0.93 6.19
CA MET H 20 -28.79 -0.68 7.37
C MET H 20 -28.32 0.76 7.41
N VAL H 21 -27.78 1.26 6.31
CA VAL H 21 -27.34 2.65 6.26
C VAL H 21 -28.50 3.58 6.56
N CYS H 22 -29.69 3.30 6.02
CA CYS H 22 -30.85 4.12 6.33
C CYS H 22 -31.17 4.08 7.82
N ALA H 23 -31.25 2.89 8.39
CA ALA H 23 -31.60 2.77 9.80
C ALA H 23 -30.66 3.55 10.70
N ILE H 24 -29.37 3.59 10.37
CA ILE H 24 -28.39 4.24 11.22
C ILE H 24 -28.29 5.74 10.94
N ILE H 25 -28.51 6.16 9.70
CA ILE H 25 -28.19 7.53 9.31
C ILE H 25 -29.43 8.41 9.25
N ILE H 26 -30.61 7.83 9.04
CA ILE H 26 -31.83 8.62 9.07
C ILE H 26 -31.99 9.38 10.37
N PRO H 27 -31.81 8.79 11.55
CA PRO H 27 -31.86 9.59 12.78
C PRO H 27 -30.81 10.67 12.83
N SER H 28 -29.57 10.38 12.47
CA SER H 28 -28.55 11.40 12.43
C SER H 28 -28.86 12.52 11.44
N LEU H 29 -29.38 12.19 10.27
CA LEU H 29 -29.75 13.21 9.30
C LEU H 29 -30.94 14.04 9.79
N LEU H 30 -31.88 13.43 10.50
CA LEU H 30 -32.99 14.19 11.03
C LEU H 30 -32.51 15.19 12.07
N ILE H 31 -31.63 14.76 12.96
CA ILE H 31 -31.17 15.69 13.98
C ILE H 31 -30.25 16.75 13.37
N GLY H 32 -29.52 16.41 12.31
CA GLY H 32 -28.80 17.43 11.57
C GLY H 32 -29.71 18.47 10.96
N LEU H 33 -30.80 18.03 10.34
CA LEU H 33 -31.80 18.95 9.82
C LEU H 33 -32.38 19.83 10.93
N VAL H 34 -32.70 19.24 12.08
CA VAL H 34 -33.31 20.03 13.15
C VAL H 34 -32.35 21.09 13.66
N VAL H 35 -31.11 20.70 13.95
CA VAL H 35 -30.17 21.67 14.51
C VAL H 35 -29.77 22.69 13.46
N ALA H 36 -29.81 22.32 12.17
CA ALA H 36 -29.54 23.29 11.13
C ALA H 36 -30.70 24.27 10.96
N ILE H 37 -31.94 23.80 11.12
CA ILE H 37 -33.07 24.71 11.16
C ILE H 37 -32.92 25.68 12.32
N PHE H 38 -32.47 25.19 13.47
CA PHE H 38 -32.20 26.07 14.59
C PHE H 38 -31.17 27.13 14.22
N GLN H 39 -30.04 26.72 13.65
CA GLN H 39 -29.02 27.65 13.24
C GLN H 39 -29.56 28.69 12.27
N ALA H 40 -30.27 28.26 11.24
CA ALA H 40 -30.83 29.18 10.26
C ALA H 40 -31.84 30.15 10.87
N ALA H 41 -32.66 29.69 11.81
CA ALA H 41 -33.67 30.56 12.40
C ALA H 41 -33.04 31.60 13.32
N THR H 42 -32.09 31.18 14.14
CA THR H 42 -31.42 32.09 15.04
C THR H 42 -30.25 32.78 14.36
N SER H 43 -30.09 32.55 13.05
CA SER H 43 -29.02 33.14 12.25
C SER H 43 -27.65 32.90 12.88
N ILE H 44 -27.42 31.68 13.34
CA ILE H 44 -26.14 31.27 13.91
C ILE H 44 -25.37 30.54 12.84
N ASN H 45 -24.15 30.99 12.55
CA ASN H 45 -23.34 30.42 11.48
C ASN H 45 -22.11 29.77 12.09
N GLU H 46 -22.31 28.59 12.68
CA GLU H 46 -21.26 27.91 13.43
C GLU H 46 -21.20 26.46 12.95
N GLN H 47 -20.40 26.20 11.93
CA GLN H 47 -20.65 25.09 11.02
C GLN H 47 -20.18 23.75 11.57
N THR H 48 -19.76 23.69 12.82
CA THR H 48 -19.44 22.43 13.46
C THR H 48 -20.25 22.21 14.73
N LEU H 49 -21.35 22.94 14.88
CA LEU H 49 -22.25 22.69 15.99
C LEU H 49 -23.04 21.41 15.80
N SER H 50 -23.29 21.03 14.55
CA SER H 50 -24.10 19.87 14.25
C SER H 50 -23.42 18.56 14.54
N PHE H 51 -22.16 18.57 14.99
CA PHE H 51 -21.43 17.31 15.04
C PHE H 51 -21.82 16.49 16.24
N LEU H 52 -21.84 17.08 17.43
CA LEU H 52 -22.08 16.28 18.62
C LEU H 52 -23.49 15.72 18.68
N PRO H 53 -24.56 16.47 18.38
CA PRO H 53 -25.87 15.81 18.29
C PRO H 53 -25.90 14.66 17.30
N ARG H 54 -25.38 14.87 16.09
CA ARG H 54 -25.37 13.81 15.10
C ARG H 54 -24.57 12.60 15.54
N LEU H 55 -23.47 12.80 16.25
CA LEU H 55 -22.68 11.68 16.73
C LEU H 55 -23.37 10.93 17.86
N ILE H 56 -23.95 11.65 18.81
CA ILE H 56 -24.71 11.00 19.87
C ILE H 56 -25.83 10.16 19.28
N ILE H 57 -26.54 10.71 18.29
CA ILE H 57 -27.66 9.97 17.73
C ILE H 57 -27.19 8.79 16.90
N THR H 58 -26.07 8.92 16.18
CA THR H 58 -25.55 7.75 15.49
C THR H 58 -25.12 6.65 16.45
N LEU H 59 -24.52 7.00 17.58
CA LEU H 59 -24.17 5.98 18.56
C LEU H 59 -25.40 5.37 19.22
N LEU H 60 -26.42 6.17 19.51
CA LEU H 60 -27.64 5.61 20.08
C LEU H 60 -28.42 4.76 19.08
N ALA H 61 -28.34 5.10 17.79
CA ALA H 61 -28.98 4.28 16.78
C ALA H 61 -28.20 3.01 16.49
N LEU H 62 -26.89 3.02 16.69
CA LEU H 62 -26.13 1.78 16.66
C LEU H 62 -26.39 0.92 17.88
N MET H 63 -26.76 1.53 19.01
CA MET H 63 -27.16 0.77 20.19
C MET H 63 -28.55 0.21 20.07
N PHE H 64 -29.47 0.96 19.46
CA PHE H 64 -30.85 0.55 19.36
C PHE H 64 -31.05 -0.46 18.24
N PHE H 65 -30.54 -0.17 17.05
CA PHE H 65 -30.66 -1.05 15.90
C PHE H 65 -29.57 -2.09 15.83
N GLY H 66 -28.67 -2.17 16.81
CA GLY H 66 -27.56 -3.08 16.68
C GLY H 66 -27.97 -4.53 16.68
N HIS H 67 -28.95 -4.89 17.49
CA HIS H 67 -29.34 -6.29 17.61
C HIS H 67 -29.97 -6.83 16.34
N TRP H 68 -30.98 -6.14 15.81
CA TRP H 68 -31.62 -6.65 14.62
C TRP H 68 -30.74 -6.49 13.39
N MET H 69 -29.81 -5.54 13.41
CA MET H 69 -28.85 -5.44 12.32
C MET H 69 -27.92 -6.63 12.31
N THR H 70 -27.40 -7.03 13.46
CA THR H 70 -26.57 -8.23 13.50
C THR H 70 -27.37 -9.47 13.19
N GLN H 71 -28.65 -9.50 13.55
CA GLN H 71 -29.49 -10.65 13.19
C GLN H 71 -29.74 -10.71 11.70
N MET H 72 -29.89 -9.55 11.06
CA MET H 72 -30.13 -9.49 9.64
C MET H 72 -28.90 -9.89 8.83
N LEU H 73 -27.72 -9.43 9.24
CA LEU H 73 -26.49 -9.93 8.65
C LEU H 73 -26.29 -11.41 8.88
N MET H 74 -26.60 -11.92 10.05
CA MET H 74 -26.44 -13.34 10.31
C MET H 74 -27.36 -14.18 9.45
N ASP H 75 -28.62 -13.77 9.34
CA ASP H 75 -29.55 -14.44 8.44
C ASP H 75 -29.12 -14.36 6.99
N PHE H 76 -28.53 -13.24 6.55
CA PHE H 76 -28.01 -13.18 5.19
C PHE H 76 -26.87 -14.15 4.96
N PHE H 77 -25.91 -14.21 5.89
CA PHE H 77 -24.84 -15.20 5.75
C PHE H 77 -25.40 -16.61 5.68
N TYR H 78 -26.35 -16.94 6.55
CA TYR H 78 -26.94 -18.27 6.51
C TYR H 78 -27.65 -18.54 5.18
N SER H 79 -28.38 -17.56 4.67
CA SER H 79 -29.10 -17.75 3.42
C SER H 79 -28.18 -17.88 2.22
N MET H 80 -26.96 -17.32 2.29
CA MET H 80 -26.02 -17.62 1.22
C MET H 80 -25.26 -18.91 1.48
N ILE H 81 -25.38 -19.48 2.66
CA ILE H 81 -24.83 -20.82 2.85
C ILE H 81 -25.78 -21.89 2.33
N GLU H 82 -27.09 -21.73 2.52
CA GLU H 82 -28.00 -22.70 1.91
C GLU H 82 -28.07 -22.53 0.40
N ARG H 83 -27.62 -21.41 -0.12
CA ARG H 83 -27.66 -21.15 -1.55
C ARG H 83 -26.47 -21.76 -2.29
N LEU H 84 -25.63 -22.50 -1.60
CA LEU H 84 -24.44 -23.04 -2.23
C LEU H 84 -24.70 -24.28 -3.07
N PRO H 85 -25.60 -25.20 -2.71
CA PRO H 85 -25.85 -26.34 -3.58
C PRO H 85 -26.15 -25.98 -5.02
N GLN H 86 -26.91 -24.92 -5.29
CA GLN H 86 -27.21 -24.60 -6.68
C GLN H 86 -26.07 -23.86 -7.37
N VAL H 87 -25.06 -23.44 -6.61
CA VAL H 87 -23.76 -23.12 -7.19
C VAL H 87 -23.01 -24.38 -7.56
N LEU H 88 -23.05 -25.39 -6.69
CA LEU H 88 -22.27 -26.60 -6.86
C LEU H 88 -22.50 -27.23 -8.23
N TYR H 89 -23.75 -27.30 -8.67
CA TYR H 89 -24.04 -27.73 -10.03
C TYR H 89 -24.52 -26.57 -10.87
N MET I 1 -19.29 -18.11 22.70
CA MET I 1 -20.34 -17.18 23.12
C MET I 1 -21.47 -17.09 22.12
N THR I 2 -22.59 -16.53 22.56
CA THR I 2 -23.77 -16.37 21.73
C THR I 2 -23.81 -14.97 21.13
N PRO I 3 -24.68 -14.73 20.14
CA PRO I 3 -24.78 -13.37 19.58
C PRO I 3 -25.17 -12.30 20.58
N GLU I 4 -26.06 -12.61 21.52
CA GLU I 4 -26.52 -11.58 22.45
C GLU I 4 -25.41 -11.16 23.41
N ILE I 5 -24.48 -12.05 23.72
CA ILE I 5 -23.35 -11.67 24.56
C ILE I 5 -22.46 -10.67 23.83
N PHE I 6 -22.17 -10.91 22.56
CA PHE I 6 -21.32 -10.00 21.82
C PHE I 6 -22.02 -8.68 21.53
N VAL I 7 -23.33 -8.71 21.34
CA VAL I 7 -24.08 -7.46 21.24
C VAL I 7 -24.01 -6.68 22.54
N GLU I 8 -24.12 -7.38 23.68
CA GLU I 8 -23.99 -6.71 24.97
C GLU I 8 -22.60 -6.09 25.12
N LEU I 9 -21.59 -6.79 24.64
CA LEU I 9 -20.22 -6.29 24.68
C LEU I 9 -20.03 -5.05 23.83
N PHE I 10 -20.63 -5.03 22.63
CA PHE I 10 -20.56 -3.83 21.81
C PHE I 10 -21.37 -2.68 22.36
N LYS I 11 -22.46 -2.95 23.07
CA LYS I 11 -23.11 -1.85 23.77
C LYS I 11 -22.19 -1.24 24.81
N GLU I 12 -21.43 -2.06 25.53
CA GLU I 12 -20.45 -1.51 26.47
C GLU I 12 -19.45 -0.62 25.75
N SER I 13 -18.92 -1.08 24.61
CA SER I 13 -17.93 -0.30 23.88
C SER I 13 -18.50 1.00 23.34
N LEU I 14 -19.66 0.97 22.69
CA LEU I 14 -20.27 2.19 22.21
C LEU I 14 -20.64 3.12 23.34
N TRP I 15 -20.98 2.59 24.50
CA TRP I 15 -21.23 3.46 25.64
C TRP I 15 -19.97 4.16 26.11
N LEU I 16 -18.84 3.46 26.12
CA LEU I 16 -17.58 4.14 26.43
C LEU I 16 -17.29 5.23 25.43
N VAL I 17 -17.38 4.93 24.12
CA VAL I 17 -17.14 5.96 23.12
C VAL I 17 -18.05 7.14 23.37
N LEU I 18 -19.31 6.89 23.68
CA LEU I 18 -20.28 7.95 23.86
C LEU I 18 -19.91 8.85 25.03
N ILE I 19 -19.62 8.27 26.20
CA ILE I 19 -19.35 9.11 27.37
C ILE I 19 -18.01 9.80 27.27
N MET I 20 -17.02 9.20 26.60
CA MET I 20 -15.77 9.92 26.41
C MET I 20 -15.92 11.08 25.45
N VAL I 21 -16.53 10.84 24.30
CA VAL I 21 -16.77 11.90 23.34
C VAL I 21 -17.61 13.01 23.96
N CYS I 22 -18.62 12.64 24.73
CA CYS I 22 -19.41 13.67 25.41
C CYS I 22 -18.57 14.46 26.39
N ALA I 23 -17.81 13.80 27.25
CA ALA I 23 -17.01 14.50 28.23
C ALA I 23 -16.04 15.49 27.59
N ILE I 24 -15.50 15.17 26.43
CA ILE I 24 -14.50 16.03 25.80
C ILE I 24 -15.15 17.11 24.95
N ILE I 25 -16.30 16.83 24.34
CA ILE I 25 -16.83 17.72 23.32
C ILE I 25 -17.96 18.59 23.84
N ILE I 26 -18.64 18.17 24.91
CA ILE I 26 -19.67 19.02 25.52
C ILE I 26 -19.11 20.37 25.93
N PRO I 27 -17.96 20.47 26.61
CA PRO I 27 -17.42 21.81 26.88
C PRO I 27 -17.09 22.59 25.63
N SER I 28 -16.46 21.98 24.64
CA SER I 28 -16.20 22.67 23.39
C SER I 28 -17.48 23.11 22.68
N LEU I 29 -18.51 22.28 22.66
CA LEU I 29 -19.77 22.68 22.04
C LEU I 29 -20.46 23.79 22.82
N LEU I 30 -20.34 23.78 24.14
CA LEU I 30 -20.92 24.87 24.92
C LEU I 30 -20.24 26.19 24.62
N ILE I 31 -18.91 26.19 24.54
CA ILE I 31 -18.24 27.44 24.27
C ILE I 31 -18.45 27.87 22.83
N GLY I 32 -18.61 26.91 21.91
CA GLY I 32 -19.02 27.27 20.56
C GLY I 32 -20.38 27.93 20.52
N LEU I 33 -21.36 27.38 21.25
CA LEU I 33 -22.66 28.03 21.37
C LEU I 33 -22.55 29.42 21.96
N VAL I 34 -21.74 29.60 23.00
CA VAL I 34 -21.64 30.91 23.64
C VAL I 34 -21.05 31.93 22.68
N VAL I 35 -19.94 31.59 22.04
CA VAL I 35 -19.29 32.56 21.17
C VAL I 35 -20.12 32.80 19.92
N ALA I 36 -20.91 31.80 19.51
CA ALA I 36 -21.82 32.02 18.38
C ALA I 36 -23.00 32.90 18.76
N ILE I 37 -23.50 32.77 19.98
CA ILE I 37 -24.49 33.72 20.49
C ILE I 37 -23.92 35.12 20.50
N PHE I 38 -22.66 35.27 20.93
CA PHE I 38 -22.01 36.57 20.84
C PHE I 38 -21.98 37.10 19.43
N GLN I 39 -21.53 36.29 18.48
CA GLN I 39 -21.50 36.72 17.09
C GLN I 39 -22.88 37.13 16.59
N ALA I 40 -23.90 36.33 16.85
CA ALA I 40 -25.25 36.64 16.41
C ALA I 40 -25.78 37.92 17.04
N ALA I 41 -25.48 38.15 18.31
CA ALA I 41 -26.00 39.33 19.00
C ALA I 41 -25.33 40.60 18.50
N THR I 42 -24.00 40.56 18.34
CA THR I 42 -23.27 41.72 17.86
C THR I 42 -23.25 41.74 16.34
N SER I 43 -23.98 40.84 15.70
CA SER I 43 -24.08 40.76 14.25
C SER I 43 -22.70 40.70 13.60
N ILE I 44 -21.80 39.89 14.16
CA ILE I 44 -20.46 39.69 13.64
C ILE I 44 -20.48 38.39 12.85
N ASN I 45 -20.07 38.45 11.59
CA ASN I 45 -20.12 37.28 10.71
C ASN I 45 -18.69 36.90 10.34
N GLU I 46 -18.00 36.25 11.27
CA GLU I 46 -16.60 35.93 11.12
C GLU I 46 -16.39 34.46 11.48
N GLN I 47 -16.51 33.59 10.50
CA GLN I 47 -16.92 32.21 10.74
C GLN I 47 -15.79 31.32 11.23
N THR I 48 -14.63 31.88 11.52
CA THR I 48 -13.55 31.12 12.13
C THR I 48 -13.10 31.74 13.43
N LEU I 49 -13.93 32.58 14.05
CA LEU I 49 -13.64 33.10 15.37
C LEU I 49 -13.83 32.04 16.43
N SER I 50 -14.72 31.08 16.19
CA SER I 50 -15.06 30.07 17.18
C SER I 50 -13.96 29.04 17.36
N PHE I 51 -12.86 29.11 16.60
CA PHE I 51 -11.95 27.98 16.61
C PHE I 51 -11.06 27.99 17.84
N LEU I 52 -10.46 29.13 18.16
CA LEU I 52 -9.49 29.14 19.26
C LEU I 52 -10.14 28.90 20.61
N PRO I 53 -11.28 29.50 20.96
CA PRO I 53 -11.94 29.09 22.20
C PRO I 53 -12.27 27.61 22.25
N ARG I 54 -12.85 27.06 21.20
CA ARG I 54 -13.17 25.64 21.18
C ARG I 54 -11.94 24.76 21.30
N LEU I 55 -10.82 25.16 20.70
CA LEU I 55 -9.61 24.38 20.82
C LEU I 55 -9.01 24.45 22.21
N ILE I 56 -8.95 25.64 22.79
CA ILE I 56 -8.45 25.76 24.15
C ILE I 56 -9.29 24.91 25.09
N ILE I 57 -10.61 24.94 24.93
CA ILE I 57 -11.46 24.17 25.84
C ILE I 57 -11.34 22.69 25.60
N THR I 58 -11.18 22.25 24.35
CA THR I 58 -10.94 20.83 24.13
C THR I 58 -9.62 20.37 24.73
N LEU I 59 -8.57 21.18 24.66
CA LEU I 59 -7.31 20.81 25.29
C LEU I 59 -7.42 20.82 26.81
N LEU I 60 -8.13 21.79 27.39
CA LEU I 60 -8.30 21.80 28.83
C LEU I 60 -9.20 20.68 29.32
N ALA I 61 -10.16 20.25 28.51
CA ALA I 61 -11.00 19.10 28.87
C ALA I 61 -10.27 17.79 28.69
N LEU I 62 -9.32 17.72 27.78
CA LEU I 62 -8.43 16.57 27.72
C LEU I 62 -7.46 16.54 28.87
N MET I 63 -7.11 17.70 29.42
CA MET I 63 -6.26 17.75 30.61
C MET I 63 -7.03 17.42 31.87
N PHE I 64 -8.29 17.85 31.96
CA PHE I 64 -9.09 17.65 33.15
C PHE I 64 -9.65 16.23 33.21
N PHE I 65 -10.27 15.77 32.13
CA PHE I 65 -10.84 14.44 32.06
C PHE I 65 -9.85 13.37 31.64
N GLY I 66 -8.58 13.71 31.46
CA GLY I 66 -7.65 12.73 30.93
C GLY I 66 -7.41 11.57 31.87
N HIS I 67 -7.34 11.86 33.18
CA HIS I 67 -7.01 10.81 34.13
C HIS I 67 -8.12 9.77 34.23
N TRP I 68 -9.35 10.19 34.46
CA TRP I 68 -10.42 9.22 34.61
C TRP I 68 -10.78 8.58 33.28
N MET I 69 -10.51 9.25 32.17
CA MET I 69 -10.70 8.62 30.87
C MET I 69 -9.72 7.47 30.67
N THR I 70 -8.45 7.70 30.99
CA THR I 70 -7.49 6.60 30.89
C THR I 70 -7.79 5.51 31.90
N GLN I 71 -8.33 5.86 33.06
CA GLN I 71 -8.71 4.83 34.03
C GLN I 71 -9.89 4.02 33.54
N MET I 72 -10.82 4.66 32.85
CA MET I 72 -12.00 3.98 32.34
C MET I 72 -11.65 3.05 31.18
N LEU I 73 -10.79 3.49 30.27
CA LEU I 73 -10.25 2.58 29.26
C LEU I 73 -9.46 1.43 29.86
N MET I 74 -8.66 1.69 30.89
CA MET I 74 -7.88 0.62 31.50
C MET I 74 -8.78 -0.41 32.16
N ASP I 75 -9.79 0.04 32.89
CA ASP I 75 -10.77 -0.86 33.47
C ASP I 75 -11.55 -1.63 32.42
N PHE I 76 -11.86 -1.02 31.28
CA PHE I 76 -12.51 -1.76 30.20
C PHE I 76 -11.62 -2.85 29.64
N PHE I 77 -10.35 -2.55 29.36
CA PHE I 77 -9.44 -3.59 28.91
C PHE I 77 -9.35 -4.73 29.92
N TYR I 78 -9.23 -4.40 31.21
CA TYR I 78 -9.17 -5.46 32.22
C TYR I 78 -10.45 -6.29 32.24
N SER I 79 -11.61 -5.65 32.13
CA SER I 79 -12.87 -6.36 32.17
C SER I 79 -13.08 -7.24 30.95
N MET I 80 -12.47 -6.92 29.81
CA MET I 80 -12.52 -7.87 28.71
C MET I 80 -11.42 -8.91 28.82
N ILE I 81 -10.47 -8.74 29.72
CA ILE I 81 -9.53 -9.82 29.96
C ILE I 81 -10.12 -10.87 30.91
N GLU I 82 -10.87 -10.45 31.94
CA GLU I 82 -11.53 -11.45 32.77
C GLU I 82 -12.70 -12.11 32.03
N ARG I 83 -13.17 -11.52 30.95
CA ARG I 83 -14.28 -12.06 30.19
C ARG I 83 -13.84 -13.12 29.19
N LEU I 84 -12.57 -13.50 29.21
CA LEU I 84 -12.08 -14.45 28.22
C LEU I 84 -12.41 -15.90 28.55
N PRO I 85 -12.41 -16.34 29.82
CA PRO I 85 -12.78 -17.74 30.09
C PRO I 85 -14.11 -18.15 29.48
N GLN I 86 -15.12 -17.30 29.48
CA GLN I 86 -16.40 -17.74 28.91
C GLN I 86 -16.41 -17.66 27.38
N VAL I 87 -15.39 -17.04 26.79
CA VAL I 87 -15.10 -17.26 25.38
C VAL I 87 -14.46 -18.63 25.18
N LEU I 88 -13.53 -18.98 26.06
CA LEU I 88 -12.74 -20.20 25.90
C LEU I 88 -13.63 -21.42 25.70
N TYR I 89 -14.70 -21.54 26.47
CA TYR I 89 -15.68 -22.59 26.26
C TYR I 89 -16.97 -22.00 25.70
N MET J 1 6.99 2.31 33.88
CA MET J 1 6.24 3.42 34.48
C MET J 1 4.79 3.07 34.77
N THR J 2 4.14 3.88 35.58
CA THR J 2 2.75 3.70 35.95
C THR J 2 1.84 4.53 35.06
N PRO J 3 0.53 4.29 35.09
CA PRO J 3 -0.38 5.12 34.28
C PRO J 3 -0.36 6.59 34.64
N GLU J 4 -0.23 6.93 35.91
CA GLU J 4 -0.27 8.34 36.29
C GLU J 4 0.94 9.11 35.79
N ILE J 5 2.09 8.43 35.66
CA ILE J 5 3.25 9.09 35.09
C ILE J 5 3.02 9.45 33.63
N PHE J 6 2.45 8.52 32.86
CA PHE J 6 2.22 8.79 31.45
C PHE J 6 1.11 9.80 31.24
N VAL J 7 0.12 9.81 32.12
CA VAL J 7 -0.89 10.86 32.08
C VAL J 7 -0.26 12.22 32.38
N GLU J 8 0.65 12.27 33.35
CA GLU J 8 1.36 13.51 33.63
C GLU J 8 2.16 13.96 32.43
N LEU J 9 2.77 13.02 31.73
CA LEU J 9 3.54 13.33 30.53
C LEU J 9 2.67 13.86 29.41
N PHE J 10 1.48 13.30 29.21
CA PHE J 10 0.56 13.84 28.23
C PHE J 10 -0.01 15.19 28.61
N LYS J 11 -0.18 15.46 29.90
CA LYS J 11 -0.54 16.82 30.28
C LYS J 11 0.54 17.80 29.88
N GLU J 12 1.82 17.43 30.04
CA GLU J 12 2.89 18.30 29.57
C GLU J 12 2.77 18.55 28.08
N SER J 13 2.54 17.50 27.30
CA SER J 13 2.44 17.64 25.85
C SER J 13 1.26 18.49 25.42
N LEU J 14 0.08 18.23 25.96
CA LEU J 14 -1.08 19.03 25.63
C LEU J 14 -0.91 20.47 26.10
N TRP J 15 -0.18 20.71 27.18
CA TRP J 15 0.10 22.07 27.59
C TRP J 15 1.00 22.78 26.59
N LEU J 16 2.00 22.08 26.07
CA LEU J 16 2.81 22.69 25.00
C LEU J 16 1.96 23.02 23.79
N VAL J 17 1.15 22.07 23.31
CA VAL J 17 0.30 22.36 22.18
C VAL J 17 -0.57 23.57 22.46
N LEU J 18 -1.11 23.66 23.67
CA LEU J 18 -2.02 24.75 24.02
C LEU J 18 -1.31 26.09 23.98
N ILE J 19 -0.15 26.22 24.62
CA ILE J 19 0.51 27.52 24.66
C ILE J 19 1.10 27.91 23.32
N MET J 20 1.53 26.94 22.50
CA MET J 20 1.99 27.31 21.17
C MET J 20 0.85 27.77 20.28
N VAL J 21 -0.24 27.00 20.24
CA VAL J 21 -1.40 27.39 19.45
C VAL J 21 -1.94 28.73 19.93
N CYS J 22 -1.98 28.96 21.23
CA CYS J 22 -2.41 30.25 21.73
C CYS J 22 -1.49 31.37 21.27
N ALA J 23 -0.18 31.20 21.45
CA ALA J 23 0.76 32.24 21.06
C ALA J 23 0.63 32.62 19.60
N ILE J 24 0.35 31.66 18.72
CA ILE J 24 0.30 31.93 17.29
C ILE J 24 -1.08 32.44 16.86
N ILE J 25 -2.15 32.00 17.52
CA ILE J 25 -3.48 32.23 16.99
C ILE J 25 -4.19 33.36 17.72
N ILE J 26 -3.79 33.65 18.97
CA ILE J 26 -4.38 34.79 19.67
C ILE J 26 -4.21 36.09 18.90
N PRO J 27 -3.04 36.43 18.35
CA PRO J 27 -2.96 37.63 17.53
C PRO J 27 -3.84 37.57 16.30
N SER J 28 -3.85 36.46 15.59
CA SER J 28 -4.75 36.32 14.44
C SER J 28 -6.21 36.44 14.82
N LEU J 29 -6.63 35.84 15.93
CA LEU J 29 -8.02 35.96 16.38
C LEU J 29 -8.35 37.39 16.80
N LEU J 30 -7.40 38.09 17.40
CA LEU J 30 -7.65 39.48 17.77
C LEU J 30 -7.86 40.34 16.54
N ILE J 31 -7.02 40.16 15.53
CA ILE J 31 -7.19 40.99 14.35
C ILE J 31 -8.43 40.58 13.57
N GLY J 32 -8.81 39.30 13.63
CA GLY J 32 -10.09 38.90 13.08
C GLY J 32 -11.26 39.57 13.77
N LEU J 33 -11.23 39.61 15.10
CA LEU J 33 -12.25 40.35 15.84
C LEU J 33 -12.28 41.81 15.47
N VAL J 34 -11.11 42.45 15.35
CA VAL J 34 -11.09 43.88 15.05
C VAL J 34 -11.67 44.14 13.67
N VAL J 35 -11.24 43.40 12.66
CA VAL J 35 -11.72 43.66 11.31
C VAL J 35 -13.18 43.26 11.18
N ALA J 36 -13.64 42.30 11.97
CA ALA J 36 -15.05 41.95 11.96
C ALA J 36 -15.90 43.01 12.64
N ILE J 37 -15.38 43.63 13.71
CA ILE J 37 -16.04 44.79 14.30
C ILE J 37 -16.15 45.90 13.28
N PHE J 38 -15.07 46.12 12.51
CA PHE J 38 -15.15 47.10 11.43
C PHE J 38 -16.26 46.77 10.44
N GLN J 39 -16.29 45.53 9.96
CA GLN J 39 -17.33 45.12 9.03
C GLN J 39 -18.72 45.35 9.61
N ALA J 40 -18.95 44.91 10.85
CA ALA J 40 -20.26 45.08 11.48
C ALA J 40 -20.64 46.53 11.65
N ALA J 41 -19.68 47.39 11.99
CA ALA J 41 -19.99 48.80 12.22
C ALA J 41 -20.31 49.52 10.92
N THR J 42 -19.52 49.26 9.88
CA THR J 42 -19.75 49.89 8.59
C THR J 42 -20.75 49.08 7.77
N SER J 43 -21.34 48.06 8.38
CA SER J 43 -22.34 47.21 7.72
C SER J 43 -21.82 46.66 6.39
N ILE J 44 -20.57 46.21 6.38
CA ILE J 44 -19.95 45.61 5.20
C ILE J 44 -20.02 44.11 5.36
N ASN J 45 -20.61 43.43 4.38
CA ASN J 45 -20.81 41.98 4.45
C ASN J 45 -19.97 41.31 3.38
N GLU J 46 -18.66 41.21 3.64
CA GLU J 46 -17.71 40.72 2.65
C GLU J 46 -16.83 39.68 3.32
N GLN J 47 -17.25 38.43 3.27
CA GLN J 47 -16.88 37.46 4.30
C GLN J 47 -15.50 36.86 4.09
N THR J 48 -14.73 37.38 3.14
CA THR J 48 -13.35 36.96 2.99
C THR J 48 -12.39 38.14 3.08
N LEU J 49 -12.84 39.25 3.65
CA LEU J 49 -11.96 40.38 3.89
C LEU J 49 -11.01 40.09 5.04
N SER J 50 -11.43 39.26 5.98
CA SER J 50 -10.65 38.99 7.18
C SER J 50 -9.45 38.12 6.91
N PHE J 51 -9.24 37.65 5.68
CA PHE J 51 -8.23 36.63 5.49
C PHE J 51 -6.83 37.22 5.47
N LEU J 52 -6.61 38.27 4.70
CA LEU J 52 -5.25 38.77 4.56
C LEU J 52 -4.70 39.38 5.84
N PRO J 53 -5.44 40.20 6.60
CA PRO J 53 -4.93 40.60 7.92
C PRO J 53 -4.60 39.43 8.81
N ARG J 54 -5.49 38.45 8.93
CA ARG J 54 -5.22 37.29 9.77
C ARG J 54 -4.02 36.50 9.31
N LEU J 55 -3.80 36.39 8.00
CA LEU J 55 -2.63 35.67 7.51
C LEU J 55 -1.35 36.44 7.74
N ILE J 56 -1.34 37.74 7.50
CA ILE J 56 -0.16 38.54 7.79
C ILE J 56 0.20 38.42 9.25
N ILE J 57 -0.79 38.48 10.13
CA ILE J 57 -0.50 38.44 11.57
C ILE J 57 -0.05 37.05 11.99
N THR J 58 -0.62 36.00 11.42
CA THR J 58 -0.11 34.67 11.72
C THR J 58 1.34 34.48 11.27
N LEU J 59 1.70 35.00 10.10
CA LEU J 59 3.09 34.92 9.67
C LEU J 59 4.01 35.76 10.53
N LEU J 60 3.59 36.95 10.94
CA LEU J 60 4.41 37.77 11.81
C LEU J 60 4.53 37.18 13.21
N ALA J 61 3.50 36.49 13.69
CA ALA J 61 3.57 35.82 14.98
C ALA J 61 4.40 34.55 14.91
N LEU J 62 4.46 33.89 13.77
CA LEU J 62 5.42 32.81 13.57
C LEU J 62 6.84 33.33 13.46
N MET J 63 7.03 34.55 12.99
CA MET J 63 8.35 35.16 12.97
C MET J 63 8.79 35.65 14.34
N PHE J 64 7.86 36.18 15.12
CA PHE J 64 8.18 36.74 16.43
C PHE J 64 8.34 35.65 17.48
N PHE J 65 7.38 34.74 17.56
CA PHE J 65 7.41 33.66 18.52
C PHE J 65 8.16 32.44 18.03
N GLY J 66 8.77 32.49 16.86
CA GLY J 66 9.39 31.29 16.31
C GLY J 66 10.58 30.82 17.13
N HIS J 67 11.38 31.75 17.63
CA HIS J 67 12.60 31.37 18.34
C HIS J 67 12.29 30.67 19.66
N TRP J 68 11.46 31.27 20.50
CA TRP J 68 11.19 30.66 21.79
C TRP J 68 10.30 29.43 21.64
N MET J 69 9.51 29.36 20.57
CA MET J 69 8.75 28.14 20.32
C MET J 69 9.68 26.98 19.96
N THR J 70 10.66 27.22 19.11
CA THR J 70 11.61 26.15 18.82
C THR J 70 12.46 25.82 20.03
N GLN J 71 12.74 26.80 20.89
CA GLN J 71 13.48 26.51 22.11
C GLN J 71 12.66 25.69 23.08
N MET J 72 11.36 25.94 23.13
CA MET J 72 10.47 25.22 24.02
C MET J 72 10.28 23.77 23.57
N LEU J 73 10.09 23.56 22.26
CA LEU J 73 10.11 22.19 21.74
C LEU J 73 11.42 21.48 21.96
N MET J 74 12.55 22.18 21.79
CA MET J 74 13.84 21.54 21.99
C MET J 74 14.04 21.13 23.45
N ASP J 75 13.68 22.01 24.38
CA ASP J 75 13.73 21.68 25.79
C ASP J 75 12.79 20.54 26.14
N PHE J 76 11.61 20.46 25.52
CA PHE J 76 10.73 19.32 25.76
C PHE J 76 11.34 18.01 25.28
N PHE J 77 11.90 17.99 24.07
CA PHE J 77 12.57 16.79 23.61
C PHE J 77 13.69 16.38 24.56
N TYR J 78 14.51 17.33 25.00
CA TYR J 78 15.57 17.00 25.93
C TYR J 78 15.04 16.45 27.24
N SER J 79 13.96 17.05 27.77
CA SER J 79 13.40 16.60 29.02
C SER J 79 12.76 15.23 28.92
N MET J 80 12.30 14.82 27.74
CA MET J 80 11.89 13.43 27.61
C MET J 80 13.05 12.50 27.31
N ILE J 81 14.21 13.04 27.00
CA ILE J 81 15.37 12.17 26.90
C ILE J 81 15.97 11.88 28.27
N GLU J 82 16.01 12.87 29.18
CA GLU J 82 16.46 12.55 30.54
C GLU J 82 15.43 11.72 31.29
N ARG J 83 14.20 11.68 30.82
CA ARG J 83 13.15 10.92 31.48
C ARG J 83 13.15 9.45 31.10
N LEU J 84 14.13 9.02 30.33
CA LEU J 84 14.15 7.63 29.86
C LEU J 84 14.65 6.65 30.91
N PRO J 85 15.64 6.97 31.75
CA PRO J 85 16.06 5.99 32.76
C PRO J 85 14.91 5.43 33.60
N GLN J 86 13.94 6.25 33.99
CA GLN J 86 12.87 5.71 34.82
C GLN J 86 11.83 4.95 34.00
N VAL J 87 11.90 5.03 32.67
CA VAL J 87 11.25 4.04 31.82
C VAL J 87 12.02 2.74 31.83
N LEU J 88 13.35 2.83 31.76
CA LEU J 88 14.20 1.65 31.62
C LEU J 88 13.90 0.62 32.69
N TYR J 89 13.73 1.05 33.93
CA TYR J 89 13.30 0.15 34.99
C TYR J 89 11.87 0.48 35.41
N ARG K 29 -27.82 45.07 0.30
CA ARG K 29 -26.50 44.56 -0.05
C ARG K 29 -26.61 43.37 -0.98
N SER K 30 -25.50 42.99 -1.60
CA SER K 30 -25.44 41.86 -2.51
C SER K 30 -24.41 40.85 -2.02
N LYS K 31 -24.75 39.56 -2.13
CA LYS K 31 -23.84 38.49 -1.76
C LYS K 31 -23.16 37.86 -2.96
N GLU K 32 -23.58 38.19 -4.18
CA GLU K 32 -22.99 37.66 -5.39
C GLU K 32 -22.05 38.63 -6.08
N LEU K 33 -22.39 39.93 -6.08
CA LEU K 33 -21.44 40.92 -6.58
C LEU K 33 -20.14 40.85 -5.82
N ALA K 34 -20.21 40.66 -4.49
CA ALA K 34 -19.02 40.44 -3.69
C ALA K 34 -18.37 39.11 -3.99
N SER K 35 -19.10 38.18 -4.60
CA SER K 35 -18.55 36.87 -4.92
C SER K 35 -17.90 36.84 -6.29
N VAL K 36 -18.36 37.67 -7.22
CA VAL K 36 -17.75 37.74 -8.54
C VAL K 36 -16.65 38.80 -8.62
N SER K 37 -16.75 39.87 -7.85
CA SER K 37 -15.67 40.85 -7.82
C SER K 37 -14.38 40.23 -7.32
N VAL K 38 -14.46 39.24 -6.44
CA VAL K 38 -13.26 38.56 -5.98
C VAL K 38 -12.69 37.63 -7.04
N LEU K 39 -13.54 36.88 -7.74
CA LEU K 39 -13.05 35.92 -8.71
C LEU K 39 -12.50 36.59 -9.97
N VAL K 40 -13.24 37.54 -10.52
CA VAL K 40 -12.76 38.24 -11.71
C VAL K 40 -11.40 38.83 -11.44
N VAL K 41 -11.26 39.55 -10.32
CA VAL K 41 -10.00 40.20 -10.02
C VAL K 41 -8.93 39.19 -9.59
N GLY K 42 -9.31 38.08 -8.98
CA GLY K 42 -8.32 37.07 -8.66
C GLY K 42 -7.80 36.35 -9.88
N ALA K 43 -8.50 36.48 -11.00
CA ALA K 43 -7.93 36.04 -12.27
C ALA K 43 -7.17 37.15 -13.00
N VAL K 44 -7.77 38.33 -13.09
CA VAL K 44 -7.16 39.45 -13.79
C VAL K 44 -5.82 39.82 -13.16
N SER K 45 -5.80 40.09 -11.86
CA SER K 45 -4.57 40.45 -11.19
C SER K 45 -3.61 39.29 -11.17
N LEU K 46 -4.14 38.07 -11.07
CA LEU K 46 -3.28 36.89 -11.12
C LEU K 46 -2.46 36.87 -12.37
N MET K 47 -3.04 37.31 -13.49
CA MET K 47 -2.28 37.33 -14.74
C MET K 47 -0.97 38.11 -14.59
N TRP K 48 -1.07 39.42 -14.39
CA TRP K 48 0.15 40.22 -14.48
C TRP K 48 1.01 40.10 -13.25
N PHE K 49 0.41 39.87 -12.07
CA PHE K 49 1.26 39.72 -10.89
C PHE K 49 1.86 38.32 -10.85
N GLY K 50 1.30 37.39 -11.61
CA GLY K 50 1.85 36.05 -11.64
C GLY K 50 2.98 35.92 -12.63
N GLU K 51 2.95 36.75 -13.68
CA GLU K 51 4.10 36.83 -14.58
C GLU K 51 5.39 37.09 -13.80
N ALA K 52 5.29 37.67 -12.60
CA ALA K 52 6.44 37.93 -11.74
C ALA K 52 6.46 37.06 -10.48
N LEU K 53 5.29 36.61 -10.01
CA LEU K 53 5.26 35.67 -8.90
C LEU K 53 5.88 34.34 -9.29
N ALA K 54 5.60 33.85 -10.49
CA ALA K 54 6.27 32.66 -10.99
C ALA K 54 7.77 32.87 -11.10
N GLN K 55 8.22 34.07 -11.46
CA GLN K 55 9.65 34.34 -11.52
C GLN K 55 10.29 34.33 -10.13
N GLY K 56 9.65 34.97 -9.16
CA GLY K 56 10.15 34.92 -7.80
C GLY K 56 10.21 33.52 -7.23
N LEU K 57 9.15 32.74 -7.44
CA LEU K 57 9.10 31.36 -6.98
C LEU K 57 10.11 30.48 -7.71
N PHE K 58 10.34 30.75 -8.99
CA PHE K 58 11.38 30.07 -9.75
C PHE K 58 12.75 30.32 -9.15
N THR K 59 13.08 31.59 -8.90
CA THR K 59 14.40 31.89 -8.33
C THR K 59 14.55 31.30 -6.93
N ALA K 60 13.49 31.31 -6.14
CA ALA K 60 13.55 30.72 -4.81
C ALA K 60 13.83 29.22 -4.88
N MET K 61 13.09 28.52 -5.73
CA MET K 61 13.33 27.09 -5.90
C MET K 61 14.74 26.83 -6.41
N GLN K 62 15.23 27.67 -7.31
CA GLN K 62 16.56 27.49 -7.87
C GLN K 62 17.65 27.70 -6.83
N ARG K 63 17.46 28.67 -5.93
CA ARG K 63 18.45 28.91 -4.90
C ARG K 63 18.39 27.83 -3.82
N LEU K 64 17.20 27.33 -3.52
CA LEU K 64 17.06 26.32 -2.47
C LEU K 64 17.51 24.95 -2.95
N PHE K 65 17.53 24.73 -4.27
CA PHE K 65 17.99 23.45 -4.76
C PHE K 65 19.51 23.37 -4.84
N SER K 66 20.20 24.50 -4.85
CA SER K 66 21.65 24.52 -5.04
C SER K 66 22.35 24.77 -3.70
N LEU K 67 23.15 23.79 -3.26
CA LEU K 67 23.93 23.89 -2.04
C LEU K 67 25.31 23.30 -2.31
N ASP K 68 26.30 23.63 -1.47
CA ASP K 68 27.69 23.34 -1.81
C ASP K 68 28.47 22.81 -0.60
N ARG K 69 27.83 22.03 0.24
CA ARG K 69 28.49 21.18 1.23
C ARG K 69 29.10 21.97 2.37
N GLU K 70 29.19 23.29 2.23
CA GLU K 70 29.51 24.10 3.38
C GLU K 70 28.23 24.67 3.97
N GLU K 71 27.26 24.97 3.11
CA GLU K 71 25.92 25.28 3.58
C GLU K 71 25.19 24.04 4.03
N ILE K 72 25.69 22.86 3.69
CA ILE K 72 25.04 21.63 4.12
C ILE K 72 25.49 21.24 5.52
N PHE K 73 26.80 21.16 5.73
CA PHE K 73 27.32 20.55 6.95
C PHE K 73 27.28 21.47 8.15
N ASP K 74 26.49 22.54 8.12
CA ASP K 74 26.29 23.36 9.31
C ASP K 74 24.91 23.99 9.23
N ILE K 75 24.03 23.65 10.16
CA ILE K 75 22.69 24.20 10.12
C ILE K 75 22.70 25.54 10.84
N GLY K 76 23.33 26.52 10.22
CA GLY K 76 23.18 27.90 10.61
C GLY K 76 23.03 28.74 9.37
N LYS K 77 23.50 28.19 8.25
CA LYS K 77 23.58 28.91 7.00
C LYS K 77 22.45 28.56 6.04
N LEU K 78 21.68 27.52 6.34
CA LEU K 78 20.55 27.20 5.49
C LEU K 78 19.36 28.10 5.80
N PHE K 79 19.20 28.50 7.05
CA PHE K 79 18.10 29.38 7.39
C PHE K 79 18.28 30.76 6.79
N ASP K 80 19.53 31.16 6.56
CA ASP K 80 19.78 32.41 5.85
C ASP K 80 19.30 32.31 4.40
N ILE K 81 19.60 31.19 3.73
CA ILE K 81 19.14 30.96 2.37
C ILE K 81 17.62 30.95 2.31
N ILE K 82 16.99 30.24 3.25
CA ILE K 82 15.54 30.16 3.30
C ILE K 82 14.95 31.54 3.47
N GLY K 83 15.49 32.34 4.40
CA GLY K 83 14.96 33.67 4.60
C GLY K 83 15.12 34.57 3.39
N GLY K 84 16.29 34.51 2.74
CA GLY K 84 16.50 35.32 1.56
C GLY K 84 15.52 35.00 0.45
N SER K 85 15.37 33.71 0.12
CA SER K 85 14.40 33.32 -0.89
C SER K 85 13.00 33.74 -0.51
N LEU K 86 12.59 33.46 0.73
CA LEU K 86 11.23 33.80 1.15
C LEU K 86 10.97 35.28 1.02
N VAL K 87 11.93 36.12 1.41
CA VAL K 87 11.73 37.56 1.33
C VAL K 87 11.62 37.99 -0.13
N ASN K 88 12.46 37.44 -1.00
CA ASN K 88 12.36 37.77 -2.41
C ASN K 88 11.01 37.35 -2.99
N LEU K 89 10.37 36.36 -2.38
CA LEU K 89 9.09 35.87 -2.86
C LEU K 89 7.88 36.56 -2.23
N LEU K 90 8.05 37.19 -1.07
CA LEU K 90 6.89 37.74 -0.35
C LEU K 90 6.25 38.89 -1.11
N LEU K 91 7.01 39.64 -1.89
CA LEU K 91 6.45 40.82 -2.51
C LEU K 91 5.41 40.53 -3.58
N PRO K 92 5.63 39.61 -4.53
CA PRO K 92 4.56 39.33 -5.51
C PRO K 92 3.34 38.69 -4.88
N LEU K 93 3.50 37.81 -3.90
CA LEU K 93 2.34 37.23 -3.23
C LEU K 93 1.55 38.28 -2.47
N LEU K 94 2.23 39.16 -1.74
CA LEU K 94 1.53 40.23 -1.07
C LEU K 94 0.86 41.16 -2.07
N MET K 95 1.45 41.36 -3.24
CA MET K 95 0.81 42.21 -4.23
C MET K 95 -0.44 41.55 -4.80
N ILE K 96 -0.41 40.23 -5.01
CA ILE K 96 -1.61 39.48 -5.36
C ILE K 96 -2.69 39.71 -4.30
N LEU K 97 -2.33 39.48 -3.05
CA LEU K 97 -3.32 39.41 -1.99
C LEU K 97 -3.86 40.76 -1.59
N ILE K 98 -3.07 41.84 -1.73
CA ILE K 98 -3.59 43.18 -1.48
C ILE K 98 -4.61 43.62 -2.50
N THR K 99 -4.41 43.33 -3.79
CA THR K 99 -5.47 43.63 -4.74
C THR K 99 -6.65 42.70 -4.64
N LEU K 100 -6.46 41.45 -4.20
CA LEU K 100 -7.63 40.63 -3.88
C LEU K 100 -8.41 41.22 -2.71
N PHE K 101 -7.70 41.66 -1.67
CA PHE K 101 -8.29 42.39 -0.56
C PHE K 101 -9.09 43.59 -1.04
N ILE K 102 -8.49 44.45 -1.86
CA ILE K 102 -9.17 45.64 -2.33
C ILE K 102 -10.37 45.31 -3.20
N ALA K 103 -10.27 44.30 -4.05
CA ALA K 103 -11.41 43.89 -4.86
C ALA K 103 -12.56 43.39 -4.01
N ALA K 104 -12.25 42.58 -2.99
CA ALA K 104 -13.29 42.15 -2.08
C ALA K 104 -13.94 43.33 -1.36
N LEU K 105 -13.14 44.29 -0.88
CA LEU K 105 -13.68 45.44 -0.15
C LEU K 105 -14.56 46.31 -1.03
N ILE K 106 -14.09 46.65 -2.23
CA ILE K 106 -14.88 47.50 -3.12
C ILE K 106 -16.08 46.73 -3.65
N GLY K 107 -15.95 45.43 -3.82
CA GLY K 107 -17.04 44.64 -4.37
C GLY K 107 -18.28 44.65 -3.52
N ALA K 108 -18.14 44.44 -2.21
CA ALA K 108 -19.32 44.39 -1.36
C ALA K 108 -19.92 45.76 -1.13
N ALA K 109 -19.09 46.80 -1.10
CA ALA K 109 -19.56 48.18 -0.99
C ALA K 109 -20.03 48.73 -2.34
N GLY K 110 -20.29 47.85 -3.30
CA GLY K 110 -20.82 48.32 -4.57
C GLY K 110 -22.21 48.89 -4.42
N VAL K 111 -23.04 48.24 -3.60
CA VAL K 111 -24.36 48.75 -3.27
C VAL K 111 -24.31 49.25 -1.83
N GLY K 112 -24.64 50.52 -1.64
CA GLY K 112 -24.54 51.13 -0.34
C GLY K 112 -23.30 51.98 -0.20
N GLY K 113 -22.74 52.02 1.00
CA GLY K 113 -21.56 52.83 1.27
C GLY K 113 -20.73 52.31 2.41
N ILE K 114 -19.96 53.20 3.03
CA ILE K 114 -19.04 52.81 4.10
C ILE K 114 -19.36 53.58 5.37
N ASN K 115 -20.64 53.91 5.57
CA ASN K 115 -21.06 54.61 6.78
C ASN K 115 -20.72 53.80 8.02
N PHE K 116 -19.94 54.38 8.92
CA PHE K 116 -19.50 53.68 10.14
C PHE K 116 -20.52 53.93 11.23
N SER K 117 -21.47 53.01 11.37
CA SER K 117 -22.48 53.05 12.41
C SER K 117 -22.07 52.11 13.54
N ALA K 118 -21.56 52.69 14.63
CA ALA K 118 -21.10 51.91 15.77
C ALA K 118 -22.24 51.27 16.55
N GLU K 119 -23.50 51.55 16.19
CA GLU K 119 -24.62 50.93 16.89
C GLU K 119 -24.91 49.54 16.35
N ALA K 120 -24.64 49.29 15.07
CA ALA K 120 -24.88 47.98 14.49
C ALA K 120 -23.94 46.92 15.03
N ALA K 121 -22.84 47.32 15.67
CA ALA K 121 -21.88 46.39 16.21
C ALA K 121 -22.08 46.14 17.70
N MET K 122 -23.17 46.67 18.31
CA MET K 122 -23.44 46.41 19.72
C MET K 122 -24.44 45.27 19.84
N PRO K 123 -24.36 44.47 20.90
CA PRO K 123 -25.22 43.28 21.00
C PRO K 123 -26.71 43.59 21.08
N LYS K 124 -27.45 43.19 20.04
CA LYS K 124 -28.89 43.36 19.97
C LYS K 124 -29.53 41.98 19.84
N LEU K 125 -30.31 41.59 20.84
CA LEU K 125 -30.95 40.28 20.83
C LEU K 125 -32.04 40.15 19.78
N SER K 126 -32.41 41.25 19.11
CA SER K 126 -33.50 41.19 18.15
C SER K 126 -33.02 40.62 16.81
N LYS K 127 -31.71 40.58 16.60
CA LYS K 127 -31.18 40.08 15.34
C LYS K 127 -31.31 38.57 15.23
N MET K 128 -31.19 37.87 16.36
CA MET K 128 -31.29 36.43 16.38
C MET K 128 -32.68 35.93 16.77
N ASN K 129 -33.71 36.75 16.61
CA ASN K 129 -35.06 36.30 16.89
C ASN K 129 -35.48 35.29 15.82
N PRO K 130 -36.06 34.16 16.21
CA PRO K 130 -36.42 33.14 15.21
C PRO K 130 -37.59 33.54 14.32
N LEU K 131 -38.46 34.43 14.77
CA LEU K 131 -39.57 34.87 13.93
C LEU K 131 -39.05 35.61 12.70
N SER K 132 -38.21 36.62 12.91
CA SER K 132 -37.67 37.39 11.79
C SER K 132 -36.80 36.50 10.90
N GLY K 133 -36.06 35.57 11.49
CA GLY K 133 -35.24 34.67 10.70
C GLY K 133 -36.07 33.79 9.79
N PHE K 134 -37.14 33.20 10.34
CA PHE K 134 -38.04 32.41 9.51
C PHE K 134 -38.65 33.26 8.40
N LYS K 135 -39.04 34.50 8.72
CA LYS K 135 -39.73 35.32 7.74
C LYS K 135 -38.81 35.71 6.60
N ARG K 136 -37.56 36.05 6.89
CA ARG K 136 -36.64 36.42 5.81
C ARG K 136 -36.11 35.19 5.09
N MET K 137 -36.16 34.02 5.74
CA MET K 137 -35.63 32.81 5.12
C MET K 137 -36.52 32.34 3.98
N PHE K 138 -37.83 32.35 4.19
CA PHE K 138 -38.78 31.94 3.17
C PHE K 138 -39.33 33.18 2.45
N GLY K 139 -40.28 32.96 1.56
CA GLY K 139 -40.88 34.03 0.80
C GLY K 139 -40.26 34.13 -0.58
N LEU K 140 -40.45 35.29 -1.19
CA LEU K 140 -39.99 35.50 -2.56
C LEU K 140 -38.46 35.43 -2.64
N GLN K 141 -37.78 35.84 -1.57
CA GLN K 141 -36.33 35.86 -1.59
C GLN K 141 -35.76 34.46 -1.73
N SER K 142 -36.35 33.48 -1.05
CA SER K 142 -35.91 32.11 -1.21
C SER K 142 -36.10 31.63 -2.63
N TRP K 143 -37.23 31.98 -3.26
CA TRP K 143 -37.44 31.56 -4.64
C TRP K 143 -36.44 32.17 -5.59
N VAL K 144 -36.12 33.46 -5.44
CA VAL K 144 -35.19 34.10 -6.34
C VAL K 144 -33.77 33.59 -6.14
N GLU K 145 -33.35 33.35 -4.90
CA GLU K 145 -32.03 32.76 -4.67
C GLU K 145 -31.97 31.29 -5.04
N LEU K 146 -33.10 30.59 -5.05
CA LEU K 146 -33.14 29.24 -5.60
C LEU K 146 -32.99 29.28 -7.12
N LEU K 147 -33.55 30.30 -7.76
CA LEU K 147 -33.36 30.47 -9.20
C LEU K 147 -31.90 30.80 -9.51
N LYS K 148 -31.30 31.72 -8.76
CA LYS K 148 -29.88 32.01 -8.94
C LYS K 148 -29.04 30.78 -8.71
N SER K 149 -29.36 29.99 -7.70
CA SER K 149 -28.55 28.82 -7.39
C SER K 149 -28.55 27.80 -8.52
N ILE K 150 -29.71 27.45 -9.08
CA ILE K 150 -29.73 26.54 -10.21
C ILE K 150 -29.15 27.17 -11.46
N LEU K 151 -28.83 28.46 -11.43
CA LEU K 151 -28.17 29.14 -12.53
C LEU K 151 -26.67 29.23 -12.32
N LYS K 152 -26.21 29.26 -11.07
CA LYS K 152 -24.78 29.32 -10.77
C LYS K 152 -24.05 28.04 -11.12
N VAL K 153 -24.77 26.93 -11.28
CA VAL K 153 -24.14 25.70 -11.72
C VAL K 153 -24.30 25.48 -13.21
N MET K 154 -25.41 25.92 -13.81
CA MET K 154 -25.57 25.82 -15.26
C MET K 154 -24.55 26.67 -16.00
N LEU K 155 -24.25 27.86 -15.51
CA LEU K 155 -23.24 28.69 -16.17
C LEU K 155 -21.87 28.05 -16.09
N VAL K 156 -21.42 27.70 -14.88
CA VAL K 156 -20.08 27.14 -14.72
C VAL K 156 -19.97 25.75 -15.32
N ALA K 157 -21.08 25.07 -15.59
CA ALA K 157 -21.01 23.80 -16.28
C ALA K 157 -21.18 23.93 -17.78
N GLY K 158 -21.71 25.04 -18.27
CA GLY K 158 -21.90 25.18 -19.69
C GLY K 158 -20.87 26.11 -20.29
N VAL K 159 -20.01 26.67 -19.46
CA VAL K 159 -18.86 27.45 -19.92
C VAL K 159 -17.57 26.68 -19.73
N ALA K 160 -17.35 26.11 -18.56
CA ALA K 160 -16.15 25.31 -18.35
C ALA K 160 -16.13 24.08 -19.23
N PHE K 161 -17.29 23.60 -19.68
CA PHE K 161 -17.37 22.48 -20.59
C PHE K 161 -17.48 22.91 -22.04
N TYR K 162 -17.92 24.13 -22.30
CA TYR K 162 -17.90 24.65 -23.66
C TYR K 162 -16.47 25.03 -24.05
N LEU K 163 -15.78 25.77 -23.19
CA LEU K 163 -14.42 26.17 -23.47
C LEU K 163 -13.47 24.99 -23.51
N ILE K 164 -13.70 23.96 -22.71
CA ILE K 164 -12.88 22.76 -22.79
C ILE K 164 -13.11 22.00 -24.08
N GLU K 165 -14.20 22.29 -24.78
CA GLU K 165 -14.50 21.68 -26.06
C GLU K 165 -14.26 22.62 -27.23
N ALA K 166 -14.70 23.87 -27.15
CA ALA K 166 -14.47 24.78 -28.26
C ALA K 166 -12.98 25.07 -28.44
N SER K 167 -12.18 24.88 -27.39
CA SER K 167 -10.73 25.04 -27.48
C SER K 167 -10.03 23.70 -27.55
N GLN K 168 -10.67 22.72 -28.17
CA GLN K 168 -10.14 21.36 -28.23
C GLN K 168 -8.82 21.28 -28.98
N LYS K 169 -8.75 21.92 -30.16
CA LYS K 169 -7.60 21.76 -31.04
C LYS K 169 -6.35 22.43 -30.48
N ASP K 170 -6.46 23.71 -30.13
CA ASP K 170 -5.32 24.42 -29.55
C ASP K 170 -4.85 23.78 -28.26
N LEU K 171 -5.78 23.29 -27.44
CA LEU K 171 -5.40 22.69 -26.18
C LEU K 171 -4.76 21.32 -26.37
N PHE K 172 -5.18 20.56 -27.38
CA PHE K 172 -4.49 19.32 -27.70
C PHE K 172 -3.16 19.58 -28.38
N GLN K 173 -2.95 20.78 -28.92
CA GLN K 173 -1.69 21.14 -29.54
C GLN K 173 -0.57 21.39 -28.53
N LEU K 174 -0.89 21.51 -27.23
CA LEU K 174 0.14 21.84 -26.25
C LEU K 174 1.14 20.72 -26.04
N SER K 175 0.77 19.48 -26.36
CA SER K 175 1.69 18.37 -26.12
C SER K 175 2.80 18.34 -27.15
N LEU K 176 2.48 18.59 -28.41
CA LEU K 176 3.45 18.54 -29.49
C LEU K 176 3.96 19.94 -29.82
N ASP K 177 4.65 20.54 -28.87
CA ASP K 177 5.17 21.89 -29.01
C ASP K 177 6.61 21.92 -28.51
N VAL K 178 7.33 22.98 -28.89
CA VAL K 178 8.68 23.18 -28.39
C VAL K 178 8.63 23.29 -26.86
N TYR K 179 9.69 22.83 -26.21
CA TYR K 179 9.57 22.59 -24.77
C TYR K 179 9.36 23.85 -23.95
N PRO K 180 10.31 24.78 -23.85
CA PRO K 180 10.18 25.81 -22.81
C PRO K 180 8.99 26.70 -22.98
N GLN K 181 8.38 26.73 -24.18
CA GLN K 181 7.31 27.67 -24.48
C GLN K 181 5.95 27.01 -24.59
N ASN K 182 5.85 25.70 -24.37
CA ASN K 182 4.52 25.10 -24.31
C ASN K 182 3.92 25.17 -22.92
N ILE K 183 4.75 25.11 -21.89
CA ILE K 183 4.27 25.32 -20.52
C ILE K 183 3.77 26.74 -20.37
N PHE K 184 4.51 27.71 -20.90
CA PHE K 184 4.08 29.10 -20.85
C PHE K 184 2.78 29.30 -21.62
N HIS K 185 2.68 28.72 -22.81
CA HIS K 185 1.47 28.83 -23.61
C HIS K 185 0.30 28.08 -23.01
N ALA K 186 0.55 27.11 -22.14
CA ALA K 186 -0.52 26.42 -21.43
C ALA K 186 -1.00 27.22 -20.23
N LEU K 187 -0.07 27.81 -19.48
CA LEU K 187 -0.47 28.62 -18.34
C LEU K 187 -1.06 29.94 -18.78
N ASP K 188 -0.76 30.39 -20.00
CA ASP K 188 -1.37 31.60 -20.53
C ASP K 188 -2.71 31.33 -21.18
N ILE K 189 -3.18 30.08 -21.20
CA ILE K 189 -4.54 29.77 -21.57
C ILE K 189 -5.36 29.29 -20.38
N LEU K 190 -4.74 28.69 -19.38
CA LEU K 190 -5.48 28.34 -18.17
C LEU K 190 -6.07 29.58 -17.54
N LEU K 191 -5.32 30.67 -17.52
CA LEU K 191 -5.78 31.90 -16.89
C LEU K 191 -6.89 32.55 -17.70
N ASN K 192 -6.86 32.41 -19.03
CA ASN K 192 -7.96 32.95 -19.83
C ASN K 192 -9.22 32.11 -19.63
N PHE K 193 -9.09 30.79 -19.55
CA PHE K 193 -10.23 29.96 -19.19
C PHE K 193 -10.82 30.40 -17.87
N VAL K 194 -9.97 30.61 -16.87
CA VAL K 194 -10.43 31.01 -15.55
C VAL K 194 -11.12 32.37 -15.60
N LEU K 195 -10.55 33.31 -16.34
CA LEU K 195 -11.17 34.63 -16.47
C LEU K 195 -12.55 34.54 -17.09
N LEU K 196 -12.69 33.73 -18.14
CA LEU K 196 -13.99 33.60 -18.79
C LEU K 196 -15.01 32.94 -17.87
N ILE K 197 -14.62 31.86 -17.18
CA ILE K 197 -15.57 31.18 -16.30
C ILE K 197 -15.97 32.07 -15.14
N SER K 198 -15.05 32.87 -14.61
CA SER K 198 -15.35 33.76 -13.51
C SER K 198 -16.10 35.02 -13.93
N CYS K 199 -16.01 35.39 -15.21
CA CYS K 199 -16.78 36.50 -15.75
C CYS K 199 -18.16 36.08 -16.23
N SER K 200 -18.37 34.80 -16.51
CA SER K 200 -19.69 34.31 -16.90
C SER K 200 -20.74 34.45 -15.80
N LEU K 201 -20.33 34.61 -14.55
CA LEU K 201 -21.25 34.84 -13.45
C LEU K 201 -21.81 36.25 -13.43
N LEU K 202 -21.50 37.05 -14.44
CA LEU K 202 -22.02 38.39 -14.53
C LEU K 202 -23.53 38.42 -14.71
N VAL K 203 -24.12 37.43 -15.37
CA VAL K 203 -25.57 37.43 -15.44
C VAL K 203 -26.18 37.03 -14.09
N VAL K 204 -25.52 36.16 -13.34
CA VAL K 204 -25.99 35.84 -12.00
C VAL K 204 -26.03 37.10 -11.15
N VAL K 205 -24.97 37.91 -11.22
CA VAL K 205 -24.99 39.13 -10.41
C VAL K 205 -25.91 40.18 -11.03
N ALA K 206 -26.15 40.10 -12.35
CA ALA K 206 -27.00 41.08 -13.01
C ALA K 206 -28.47 40.88 -12.63
N ILE K 207 -28.88 39.64 -12.44
CA ILE K 207 -30.26 39.41 -11.98
C ILE K 207 -30.37 39.65 -10.49
N ASP K 208 -29.24 39.77 -9.80
CA ASP K 208 -29.26 39.97 -8.36
C ASP K 208 -29.31 41.43 -7.98
N ILE K 209 -28.53 42.28 -8.65
CA ILE K 209 -28.46 43.69 -8.26
C ILE K 209 -29.82 44.36 -8.19
N PRO K 210 -30.65 44.34 -9.24
CA PRO K 210 -31.96 44.99 -9.10
C PRO K 210 -32.84 44.31 -8.08
N PHE K 211 -32.64 43.01 -7.85
CA PHE K 211 -33.43 42.34 -6.83
C PHE K 211 -33.07 42.81 -5.44
N GLN K 212 -31.77 43.00 -5.16
CA GLN K 212 -31.38 43.52 -3.86
C GLN K 212 -31.81 44.96 -3.69
N ILE K 213 -31.70 45.76 -4.75
CA ILE K 213 -32.18 47.14 -4.67
C ILE K 213 -33.68 47.17 -4.42
N TRP K 214 -34.43 46.25 -5.02
CA TRP K 214 -35.87 46.19 -4.81
C TRP K 214 -36.20 45.71 -3.40
N GLN K 215 -35.38 44.80 -2.86
CA GLN K 215 -35.53 44.41 -1.46
C GLN K 215 -35.28 45.57 -0.52
N HIS K 216 -34.32 46.44 -0.85
CA HIS K 216 -34.03 47.58 0.00
C HIS K 216 -35.23 48.50 0.13
N ALA K 217 -36.23 48.34 -0.72
CA ALA K 217 -37.41 49.20 -0.70
C ALA K 217 -38.68 48.48 -0.27
N ASN K 218 -38.87 47.23 -0.69
CA ASN K 218 -40.11 46.53 -0.35
C ASN K 218 -40.16 46.22 1.14
N GLN K 219 -39.01 45.93 1.75
CA GLN K 219 -38.96 45.79 3.20
C GLN K 219 -39.33 47.10 3.88
N LEU K 220 -38.98 48.23 3.25
CA LEU K 220 -39.42 49.52 3.75
C LEU K 220 -40.86 49.79 3.37
N LYS K 221 -41.30 49.29 2.23
CA LYS K 221 -42.67 49.46 1.78
C LYS K 221 -43.63 48.67 2.65
#